data_7X0D
#
_entry.id   7X0D
#
_cell.length_a   102.313
_cell.length_b   59.568
_cell.length_c   147.319
_cell.angle_alpha   90.000
_cell.angle_beta   90.139
_cell.angle_gamma   90.000
#
_symmetry.space_group_name_H-M   'P 1 21 1'
#
loop_
_entity.id
_entity.type
_entity.pdbx_description
1 polymer 'Phospholipase A1'
2 non-polymer 'SULFATE ION'
3 water water
#
_entity_poly.entity_id   1
_entity_poly.type   'polypeptide(L)'
_entity_poly.pdbx_seq_one_letter_code
;GMGSMAEKWEELSGKNNWEGLLNPLDLDLRKYIIQYGELAQATYDTFISERASKYAGASRYSMENFFTKVGLDPSKYHVT
KFFYGTSSIPLPDAFMTRSLSREAWSKESNFMGWIAVATDEGKVALGRRDIVINWRGTLQVLEWVNDLQFLLVPAPKVFG
DGGLLPLFHPLVHHGFHNIYTTENPRSQFNKTCVRDQVMEEVKRLVEEYKNEEVSITVTGHSLGASLATLNAVDIAFNGI
NKSSNGKEFPVTAFVFASPKVGDLNFHKAFSKLKHLHILRIHNLLDIVPKYPPVGYFDVGQELMIDTTKSPYVKPPGEVV
SWHLLEPYLHGIAGTQGIGMTAGFKLEVNRDISLVNKQWMILKDEYCIPPLWWSEKHKGMVQQQDGSWLLQDRDDYEF
;
_entity_poly.pdbx_strand_id   A,B,C,D
#
# COMPACT_ATOMS: atom_id res chain seq x y z
N MET A 5 -39.20 29.32 -3.83
CA MET A 5 -37.90 29.69 -4.38
C MET A 5 -37.76 29.16 -5.80
N ALA A 6 -38.11 27.89 -6.00
CA ALA A 6 -38.28 27.39 -7.35
C ALA A 6 -39.52 27.98 -8.01
N GLU A 7 -40.58 28.16 -7.23
CA GLU A 7 -41.81 28.76 -7.76
C GLU A 7 -41.61 30.24 -8.07
N LYS A 8 -40.70 30.90 -7.36
CA LYS A 8 -40.41 32.32 -7.56
C LYS A 8 -39.14 32.53 -8.38
N TRP A 9 -38.74 31.55 -9.19
CA TRP A 9 -37.45 31.64 -9.86
C TRP A 9 -37.42 32.78 -10.89
N GLU A 10 -38.55 33.06 -11.55
CA GLU A 10 -38.57 34.13 -12.54
C GLU A 10 -38.31 35.47 -11.89
N GLU A 11 -38.99 35.75 -10.77
CA GLU A 11 -38.74 37.00 -10.05
C GLU A 11 -37.30 37.06 -9.53
N LEU A 12 -36.79 35.94 -9.04
CA LEU A 12 -35.41 35.92 -8.55
C LEU A 12 -34.40 36.12 -9.67
N SER A 13 -34.74 35.69 -10.89
CA SER A 13 -33.89 35.92 -12.05
C SER A 13 -34.17 37.25 -12.74
N GLY A 14 -34.79 38.19 -12.02
CA GLY A 14 -34.93 39.54 -12.52
C GLY A 14 -36.10 39.81 -13.43
N LYS A 15 -37.20 39.05 -13.29
CA LYS A 15 -38.38 39.31 -14.12
C LYS A 15 -38.84 40.75 -13.98
N ASN A 16 -38.81 41.29 -12.76
CA ASN A 16 -39.18 42.68 -12.50
C ASN A 16 -37.95 43.51 -12.11
N ASN A 17 -36.78 43.12 -12.61
CA ASN A 17 -35.51 43.82 -12.36
C ASN A 17 -35.24 43.99 -10.86
N TRP A 18 -35.66 43.01 -10.07
CA TRP A 18 -35.34 42.93 -8.64
C TRP A 18 -35.88 44.14 -7.86
N GLU A 19 -36.95 44.75 -8.36
CA GLU A 19 -37.54 45.90 -7.66
C GLU A 19 -38.16 45.45 -6.35
N GLY A 20 -37.89 46.20 -5.28
CA GLY A 20 -38.38 45.85 -3.96
C GLY A 20 -37.66 44.70 -3.30
N LEU A 21 -36.66 44.12 -3.94
CA LEU A 21 -35.96 42.94 -3.43
C LEU A 21 -34.56 43.24 -2.93
N LEU A 22 -34.08 44.48 -3.09
CA LEU A 22 -32.70 44.82 -2.77
C LEU A 22 -32.54 45.65 -1.50
N ASN A 23 -33.50 46.50 -1.17
CA ASN A 23 -33.40 47.32 0.04
C ASN A 23 -34.74 47.40 0.77
N PRO A 24 -34.91 46.58 1.82
CA PRO A 24 -33.93 45.62 2.33
C PRO A 24 -33.76 44.39 1.43
N LEU A 25 -32.64 43.69 1.57
CA LEU A 25 -32.32 42.56 0.71
C LEU A 25 -33.21 41.37 1.06
N ASP A 26 -33.93 40.87 0.06
CA ASP A 26 -34.78 39.70 0.25
C ASP A 26 -33.92 38.48 0.61
N LEU A 27 -34.45 37.64 1.50
CA LEU A 27 -33.69 36.50 1.98
C LEU A 27 -33.47 35.46 0.88
N ASP A 28 -34.51 35.16 0.11
CA ASP A 28 -34.35 34.17 -0.95
C ASP A 28 -33.46 34.69 -2.08
N LEU A 29 -33.53 35.99 -2.37
CA LEU A 29 -32.60 36.56 -3.34
C LEU A 29 -31.17 36.52 -2.80
N ARG A 30 -31.00 36.70 -1.49
CA ARG A 30 -29.69 36.58 -0.88
C ARG A 30 -29.09 35.20 -1.13
N LYS A 31 -29.88 34.15 -0.93
CA LYS A 31 -29.42 32.80 -1.26
C LYS A 31 -29.23 32.65 -2.76
N TYR A 32 -30.13 33.25 -3.56
CA TYR A 32 -30.05 33.13 -5.01
C TYR A 32 -28.73 33.71 -5.53
N ILE A 33 -28.40 34.93 -5.12
CA ILE A 33 -27.16 35.56 -5.59
C ILE A 33 -25.95 34.75 -5.19
N ILE A 34 -25.95 34.22 -3.96
CA ILE A 34 -24.79 33.47 -3.46
C ILE A 34 -24.57 32.21 -4.29
N GLN A 35 -25.64 31.47 -4.58
CA GLN A 35 -25.48 30.19 -5.27
C GLN A 35 -24.94 30.37 -6.69
N TYR A 36 -25.27 31.48 -7.34
CA TYR A 36 -24.67 31.76 -8.65
C TYR A 36 -23.25 32.32 -8.50
N GLY A 37 -22.96 32.99 -7.39
CA GLY A 37 -21.59 33.36 -7.12
C GLY A 37 -20.70 32.16 -6.85
N GLU A 38 -21.28 31.09 -6.28
CA GLU A 38 -20.53 29.86 -6.10
C GLU A 38 -20.15 29.24 -7.43
N LEU A 39 -21.04 29.33 -8.43
CA LEU A 39 -20.70 28.81 -9.75
C LEU A 39 -19.65 29.66 -10.43
N ALA A 40 -19.61 30.97 -10.14
CA ALA A 40 -18.55 31.81 -10.68
C ALA A 40 -17.23 31.57 -9.96
N GLN A 41 -17.27 31.43 -8.63
CA GLN A 41 -16.07 31.11 -7.86
C GLN A 41 -15.49 29.75 -8.26
N ALA A 42 -16.31 28.84 -8.77
CA ALA A 42 -15.81 27.54 -9.22
C ALA A 42 -14.82 27.67 -10.37
N THR A 43 -14.91 28.75 -11.17
CA THR A 43 -13.91 28.96 -12.20
C THR A 43 -12.54 29.26 -11.60
N TYR A 44 -12.52 29.96 -10.47
CA TYR A 44 -11.24 30.26 -9.82
C TYR A 44 -10.67 29.01 -9.15
N ASP A 45 -11.53 28.18 -8.55
CA ASP A 45 -11.06 27.04 -7.78
C ASP A 45 -10.47 25.94 -8.66
N THR A 46 -10.80 25.93 -9.95
CA THR A 46 -10.30 24.91 -10.87
C THR A 46 -9.18 25.41 -11.77
N PHE A 47 -8.91 26.71 -11.78
CA PHE A 47 -7.97 27.30 -12.72
C PHE A 47 -6.53 27.17 -12.20
N ILE A 48 -5.66 26.60 -13.03
CA ILE A 48 -4.25 26.44 -12.66
C ILE A 48 -3.51 27.73 -13.00
N SER A 49 -3.15 28.49 -11.97
CA SER A 49 -2.38 29.72 -12.16
C SER A 49 -0.89 29.51 -11.95
N GLU A 50 -0.48 28.37 -11.40
CA GLU A 50 0.94 28.07 -11.19
C GLU A 50 1.63 27.93 -12.54
N ARG A 51 2.47 28.91 -12.89
CA ARG A 51 3.14 28.88 -14.19
C ARG A 51 4.07 27.70 -14.35
N ALA A 52 4.49 27.07 -13.25
CA ALA A 52 5.34 25.89 -13.33
C ALA A 52 4.59 24.70 -13.93
N SER A 53 3.28 24.68 -13.81
CA SER A 53 2.49 23.57 -14.34
C SER A 53 2.55 23.53 -15.86
N LYS A 54 2.74 22.34 -16.41
CA LYS A 54 2.60 22.22 -17.86
C LYS A 54 1.16 22.37 -18.31
N TYR A 55 0.22 22.44 -17.36
CA TYR A 55 -1.18 22.76 -17.62
C TYR A 55 -1.56 24.11 -17.04
N ALA A 56 -0.60 25.04 -16.97
CA ALA A 56 -0.91 26.39 -16.50
C ALA A 56 -1.91 27.05 -17.42
N GLY A 57 -2.91 27.68 -16.83
CA GLY A 57 -3.97 28.32 -17.59
C GLY A 57 -5.16 27.42 -17.92
N ALA A 58 -5.08 26.14 -17.62
CA ALA A 58 -6.14 25.19 -17.89
C ALA A 58 -6.85 24.81 -16.59
N SER A 59 -7.98 24.14 -16.73
CA SER A 59 -8.72 23.62 -15.58
C SER A 59 -8.09 22.33 -15.08
N ARG A 60 -7.81 22.27 -13.78
CA ARG A 60 -7.20 21.07 -13.21
C ARG A 60 -8.20 19.95 -12.99
N TYR A 61 -9.50 20.25 -13.03
CA TYR A 61 -10.55 19.27 -12.83
C TYR A 61 -11.27 19.00 -14.14
N SER A 62 -11.56 17.73 -14.39
CA SER A 62 -12.36 17.36 -15.55
C SER A 62 -13.81 17.79 -15.35
N MET A 63 -14.59 17.68 -16.42
CA MET A 63 -16.00 18.03 -16.33
C MET A 63 -16.76 17.08 -15.42
N GLU A 64 -16.35 15.81 -15.36
CA GLU A 64 -17.09 14.83 -14.57
C GLU A 64 -16.88 15.01 -13.08
N ASN A 65 -15.63 15.22 -12.66
CA ASN A 65 -15.31 15.41 -11.24
C ASN A 65 -15.54 16.85 -10.77
N PHE A 66 -16.13 17.70 -11.60
CA PHE A 66 -16.03 19.15 -11.40
C PHE A 66 -16.67 19.65 -10.11
N PHE A 67 -17.99 19.53 -9.98
CA PHE A 67 -18.66 20.11 -8.83
C PHE A 67 -18.24 19.45 -7.53
N THR A 68 -17.91 18.16 -7.57
CA THR A 68 -17.42 17.49 -6.37
C THR A 68 -16.09 18.06 -5.91
N LYS A 69 -15.16 18.29 -6.84
CA LYS A 69 -13.82 18.73 -6.47
C LYS A 69 -13.74 20.22 -6.17
N VAL A 70 -14.67 21.04 -6.66
CA VAL A 70 -14.72 22.44 -6.26
C VAL A 70 -15.53 22.63 -4.97
N GLY A 71 -16.01 21.56 -4.36
CA GLY A 71 -16.68 21.66 -3.08
C GLY A 71 -18.13 22.09 -3.15
N LEU A 72 -18.85 21.70 -4.20
CA LEU A 72 -20.22 22.10 -4.41
C LEU A 72 -21.10 20.86 -4.52
N ASP A 73 -22.37 21.08 -4.87
CA ASP A 73 -23.34 20.00 -4.99
C ASP A 73 -23.24 19.39 -6.37
N PRO A 74 -22.82 18.13 -6.51
CA PRO A 74 -22.73 17.51 -7.84
C PRO A 74 -24.06 16.99 -8.37
N SER A 75 -25.15 17.14 -7.62
CA SER A 75 -26.45 16.60 -7.97
C SER A 75 -27.34 17.60 -8.67
N LYS A 76 -26.92 18.86 -8.79
CA LYS A 76 -27.79 19.95 -9.22
C LYS A 76 -27.53 20.39 -10.65
N TYR A 77 -26.28 20.65 -11.02
CA TYR A 77 -25.89 20.91 -12.39
C TYR A 77 -24.94 19.82 -12.86
N HIS A 78 -24.82 19.69 -14.18
CA HIS A 78 -23.84 18.80 -14.79
C HIS A 78 -23.05 19.60 -15.83
N VAL A 79 -21.73 19.61 -15.68
CA VAL A 79 -20.87 20.38 -16.57
C VAL A 79 -20.86 19.74 -17.95
N THR A 80 -21.07 20.56 -18.98
CA THR A 80 -21.11 20.06 -20.35
C THR A 80 -19.95 20.52 -21.23
N LYS A 81 -19.30 21.63 -20.91
CA LYS A 81 -18.27 22.16 -21.80
C LYS A 81 -17.38 23.14 -21.08
N PHE A 82 -16.08 23.03 -21.33
CA PHE A 82 -15.10 24.06 -21.01
C PHE A 82 -14.86 24.89 -22.26
N PHE A 83 -14.80 26.22 -22.11
CA PHE A 83 -14.50 27.08 -23.24
C PHE A 83 -13.21 27.86 -22.99
N TYR A 84 -12.52 28.16 -24.08
CA TYR A 84 -11.16 28.70 -24.04
C TYR A 84 -11.08 29.95 -24.89
N GLY A 85 -10.17 30.85 -24.52
CA GLY A 85 -10.02 32.10 -25.21
C GLY A 85 -8.55 32.45 -25.43
N THR A 86 -8.32 33.28 -26.44
CA THR A 86 -6.99 33.79 -26.76
C THR A 86 -7.12 35.28 -27.06
N SER A 87 -5.98 35.92 -27.31
CA SER A 87 -5.95 37.36 -27.60
C SER A 87 -4.95 37.62 -28.72
N SER A 88 -4.91 38.87 -29.18
CA SER A 88 -4.04 39.26 -30.27
C SER A 88 -3.46 40.66 -30.15
N ILE A 89 -3.76 41.39 -29.07
CA ILE A 89 -3.23 42.74 -28.89
C ILE A 89 -2.44 42.75 -27.59
N PRO A 90 -1.55 43.73 -27.39
CA PRO A 90 -0.82 43.83 -26.12
C PRO A 90 -1.78 43.98 -24.95
N LEU A 91 -1.66 43.05 -24.01
CA LEU A 91 -2.51 42.97 -22.82
C LEU A 91 -1.64 42.90 -21.58
N PRO A 92 -2.19 43.25 -20.41
CA PRO A 92 -1.44 43.04 -19.17
C PRO A 92 -1.11 41.57 -18.97
N ASP A 93 0.16 41.28 -18.70
CA ASP A 93 0.64 39.91 -18.55
C ASP A 93 0.10 39.27 -17.28
N ALA A 94 -1.22 39.23 -17.15
CA ALA A 94 -1.90 38.58 -16.03
C ALA A 94 -3.30 38.21 -16.47
N PHE A 95 -3.66 38.60 -17.69
CA PHE A 95 -4.91 38.17 -18.30
C PHE A 95 -4.81 36.76 -18.85
N MET A 96 -3.64 36.37 -19.36
CA MET A 96 -3.41 35.04 -19.91
C MET A 96 -2.22 34.42 -19.20
N THR A 97 -2.44 33.27 -18.56
CA THR A 97 -1.38 32.57 -17.85
C THR A 97 -0.60 31.70 -18.84
N ARG A 98 0.73 31.80 -18.79
CA ARG A 98 1.61 31.11 -19.72
C ARG A 98 2.51 30.14 -18.96
N SER A 99 2.52 28.89 -19.38
CA SER A 99 3.32 27.87 -18.72
C SER A 99 4.81 28.05 -19.03
N LEU A 100 5.64 27.69 -18.07
CA LEU A 100 7.08 27.67 -18.24
C LEU A 100 7.60 26.34 -18.78
N SER A 101 6.73 25.35 -18.93
CA SER A 101 7.14 24.03 -19.36
C SER A 101 7.33 23.97 -20.88
N ARG A 102 8.23 23.10 -21.31
CA ARG A 102 8.40 22.81 -22.72
C ARG A 102 7.36 21.82 -23.24
N GLU A 103 6.65 21.13 -22.36
CA GLU A 103 5.53 20.26 -22.71
C GLU A 103 4.19 20.97 -22.52
N ALA A 104 4.16 22.29 -22.68
CA ALA A 104 2.97 23.07 -22.35
C ALA A 104 1.77 22.61 -23.16
N TRP A 105 0.63 22.50 -22.49
CA TRP A 105 -0.60 22.07 -23.16
C TRP A 105 -1.02 23.05 -24.23
N SER A 106 -0.72 24.33 -24.05
CA SER A 106 -1.13 25.36 -24.99
C SER A 106 -0.27 26.59 -24.76
N LYS A 107 0.07 27.27 -25.85
CA LYS A 107 0.84 28.51 -25.80
C LYS A 107 0.00 29.73 -26.16
N GLU A 108 -1.24 29.55 -26.57
CA GLU A 108 -2.09 30.63 -27.02
C GLU A 108 -3.36 30.80 -26.20
N SER A 109 -3.87 29.74 -25.59
CA SER A 109 -5.21 29.73 -25.02
C SER A 109 -5.18 29.55 -23.51
N ASN A 110 -6.26 29.99 -22.87
CA ASN A 110 -6.50 29.76 -21.46
C ASN A 110 -7.94 29.28 -21.26
N PHE A 111 -8.15 28.52 -20.21
CA PHE A 111 -9.49 28.16 -19.78
C PHE A 111 -10.24 29.40 -19.32
N MET A 112 -11.31 29.75 -20.04
CA MET A 112 -12.08 30.96 -19.73
C MET A 112 -13.34 30.69 -18.91
N GLY A 113 -13.74 29.45 -18.76
CA GLY A 113 -14.91 29.12 -17.97
C GLY A 113 -15.56 27.84 -18.46
N TRP A 114 -16.76 27.59 -17.95
CA TRP A 114 -17.45 26.33 -18.21
C TRP A 114 -18.95 26.57 -18.26
N ILE A 115 -19.63 25.72 -19.03
CA ILE A 115 -21.09 25.75 -19.17
C ILE A 115 -21.66 24.49 -18.52
N ALA A 116 -22.74 24.65 -17.77
CA ALA A 116 -23.43 23.53 -17.16
C ALA A 116 -24.93 23.73 -17.31
N VAL A 117 -25.66 22.62 -17.16
CA VAL A 117 -27.11 22.63 -17.26
C VAL A 117 -27.67 21.85 -16.07
N ALA A 118 -28.83 22.29 -15.58
CA ALA A 118 -29.46 21.67 -14.44
C ALA A 118 -29.77 20.20 -14.73
N THR A 119 -29.56 19.35 -13.73
CA THR A 119 -30.00 17.96 -13.80
C THR A 119 -31.51 17.89 -13.62
N ASP A 120 -32.05 16.67 -13.73
CA ASP A 120 -33.48 16.49 -13.48
C ASP A 120 -33.82 16.82 -12.03
N GLU A 121 -33.02 16.34 -11.09
CA GLU A 121 -33.22 16.70 -9.69
C GLU A 121 -33.00 18.20 -9.48
N GLY A 122 -31.98 18.77 -10.12
CA GLY A 122 -31.75 20.19 -10.01
C GLY A 122 -32.86 21.03 -10.59
N LYS A 123 -33.50 20.54 -11.67
CA LYS A 123 -34.61 21.28 -12.27
C LYS A 123 -35.76 21.41 -11.29
N VAL A 124 -36.01 20.39 -10.48
CA VAL A 124 -37.06 20.47 -9.46
C VAL A 124 -36.71 21.56 -8.45
N ALA A 125 -35.46 21.56 -7.97
CA ALA A 125 -35.05 22.55 -6.97
C ALA A 125 -34.97 23.94 -7.58
N LEU A 126 -34.57 24.05 -8.84
CA LEU A 126 -34.43 25.35 -9.47
C LEU A 126 -35.75 25.87 -10.03
N GLY A 127 -36.64 24.97 -10.43
CA GLY A 127 -37.91 25.36 -11.01
C GLY A 127 -37.93 25.39 -12.52
N ARG A 128 -36.80 25.16 -13.18
CA ARG A 128 -36.72 25.20 -14.64
C ARG A 128 -35.38 24.59 -15.05
N ARG A 129 -35.26 24.32 -16.35
CA ARG A 129 -34.01 23.79 -16.91
C ARG A 129 -33.05 24.96 -17.10
N ASP A 130 -32.22 25.19 -16.09
CA ASP A 130 -31.32 26.34 -16.07
C ASP A 130 -30.00 26.01 -16.74
N ILE A 131 -29.59 26.88 -17.66
CA ILE A 131 -28.30 26.76 -18.35
C ILE A 131 -27.42 27.88 -17.82
N VAL A 132 -26.30 27.53 -17.18
CA VAL A 132 -25.41 28.49 -16.55
C VAL A 132 -24.13 28.59 -17.35
N ILE A 133 -23.68 29.82 -17.59
CA ILE A 133 -22.43 30.12 -18.29
C ILE A 133 -21.58 30.97 -17.36
N ASN A 134 -20.43 30.42 -16.95
CA ASN A 134 -19.62 31.04 -15.91
C ASN A 134 -18.28 31.46 -16.49
N TRP A 135 -18.04 32.77 -16.49
CA TRP A 135 -16.83 33.34 -17.05
C TRP A 135 -15.79 33.57 -15.96
N ARG A 136 -14.53 33.25 -16.29
CA ARG A 136 -13.44 33.38 -15.34
C ARG A 136 -12.78 34.74 -15.45
N GLY A 137 -12.64 35.42 -14.32
CA GLY A 137 -11.85 36.63 -14.21
C GLY A 137 -10.43 36.34 -13.80
N THR A 138 -9.88 37.20 -12.96
CA THR A 138 -8.55 36.99 -12.39
C THR A 138 -8.55 37.38 -10.93
N LEU A 139 -7.57 36.85 -10.20
CA LEU A 139 -7.35 37.24 -8.81
C LEU A 139 -6.62 38.57 -8.68
N GLN A 140 -5.95 39.00 -9.74
CA GLN A 140 -5.09 40.17 -9.67
C GLN A 140 -5.87 41.45 -9.93
N VAL A 141 -5.51 42.49 -9.19
CA VAL A 141 -6.14 43.81 -9.32
C VAL A 141 -5.09 44.83 -9.73
N LEU A 142 -4.08 44.99 -8.87
CA LEU A 142 -3.06 46.01 -9.05
C LEU A 142 -2.28 45.85 -10.34
N GLU A 143 -2.28 44.66 -10.94
CA GLU A 143 -1.50 44.40 -12.14
C GLU A 143 -2.19 44.81 -13.42
N TRP A 144 -3.45 45.26 -13.37
CA TRP A 144 -4.15 45.57 -14.60
C TRP A 144 -5.12 46.75 -14.50
N VAL A 145 -5.77 46.92 -13.34
CA VAL A 145 -6.82 47.93 -13.24
C VAL A 145 -6.29 49.35 -13.38
N ASN A 146 -4.99 49.56 -13.15
CA ASN A 146 -4.40 50.90 -13.21
C ASN A 146 -3.49 51.08 -14.42
N ASP A 147 -3.41 50.08 -15.30
CA ASP A 147 -2.57 50.17 -16.50
C ASP A 147 -3.26 49.73 -17.78
N LEU A 148 -4.36 48.99 -17.71
CA LEU A 148 -5.04 48.54 -18.91
C LEU A 148 -5.71 49.70 -19.64
N GLN A 149 -5.42 49.84 -20.93
CA GLN A 149 -6.05 50.87 -21.73
C GLN A 149 -7.51 50.49 -22.04
N PHE A 150 -8.32 51.50 -22.32
CA PHE A 150 -9.76 51.33 -22.47
C PHE A 150 -10.27 52.03 -23.73
N LEU A 151 -9.66 51.72 -24.87
CA LEU A 151 -10.15 52.22 -26.14
C LEU A 151 -11.55 51.66 -26.43
N LEU A 152 -12.37 52.47 -27.09
CA LEU A 152 -13.73 52.10 -27.45
C LEU A 152 -13.76 51.68 -28.91
N VAL A 153 -14.14 50.44 -29.17
CA VAL A 153 -14.15 49.90 -30.53
C VAL A 153 -15.51 49.26 -30.78
N PRO A 154 -15.92 49.14 -32.05
CA PRO A 154 -17.15 48.43 -32.36
C PRO A 154 -16.98 46.93 -32.21
N ALA A 155 -18.11 46.23 -32.08
CA ALA A 155 -18.15 44.78 -31.94
C ALA A 155 -19.03 44.22 -33.05
N PRO A 156 -18.48 44.06 -34.26
CA PRO A 156 -19.29 43.52 -35.37
C PRO A 156 -19.83 42.13 -35.11
N LYS A 157 -19.06 41.28 -34.41
CA LYS A 157 -19.53 39.94 -34.11
C LYS A 157 -20.73 39.93 -33.17
N VAL A 158 -20.99 41.04 -32.48
CA VAL A 158 -22.07 41.12 -31.51
C VAL A 158 -23.25 41.91 -32.05
N PHE A 159 -23.00 43.08 -32.62
CA PHE A 159 -24.07 43.97 -33.07
C PHE A 159 -24.13 44.15 -34.58
N GLY A 160 -23.19 43.60 -35.33
CA GLY A 160 -23.20 43.73 -36.78
C GLY A 160 -22.75 45.08 -37.26
N HIS A 169 -23.20 51.04 -34.03
CA HIS A 169 -23.44 52.09 -33.04
C HIS A 169 -22.79 51.82 -31.67
N PRO A 170 -22.99 50.64 -31.08
CA PRO A 170 -22.43 50.41 -29.74
C PRO A 170 -20.92 50.25 -29.79
N LEU A 171 -20.23 50.96 -28.89
CA LEU A 171 -18.79 50.84 -28.72
C LEU A 171 -18.49 50.11 -27.41
N VAL A 172 -17.39 49.36 -27.42
CA VAL A 172 -17.10 48.37 -26.38
C VAL A 172 -15.62 48.45 -26.03
N HIS A 173 -15.29 48.01 -24.81
CA HIS A 173 -13.90 47.99 -24.37
C HIS A 173 -13.05 47.15 -25.31
N HIS A 174 -11.96 47.75 -25.79
CA HIS A 174 -11.09 47.11 -26.79
C HIS A 174 -10.46 45.84 -26.24
N GLY A 175 -9.98 45.88 -25.00
CA GLY A 175 -9.30 44.72 -24.44
C GLY A 175 -10.25 43.55 -24.21
N PHE A 176 -11.42 43.83 -23.61
CA PHE A 176 -12.38 42.77 -23.37
C PHE A 176 -12.88 42.17 -24.69
N HIS A 177 -13.10 43.02 -25.69
CA HIS A 177 -13.62 42.54 -26.97
C HIS A 177 -12.60 41.67 -27.69
N ASN A 178 -11.32 42.01 -27.59
CA ASN A 178 -10.28 41.22 -28.27
C ASN A 178 -10.22 39.81 -27.69
N ILE A 179 -10.23 39.70 -26.37
CA ILE A 179 -10.29 38.38 -25.73
C ILE A 179 -11.54 37.63 -26.17
N TYR A 180 -12.63 38.36 -26.36
CA TYR A 180 -13.93 37.75 -26.64
C TYR A 180 -14.00 37.20 -28.06
N THR A 181 -13.34 37.83 -29.02
CA THR A 181 -13.59 37.55 -30.43
C THR A 181 -12.35 37.15 -31.23
N THR A 182 -11.21 36.94 -30.60
CA THR A 182 -10.00 36.60 -31.34
C THR A 182 -9.98 35.13 -31.72
N GLU A 183 -9.75 34.86 -33.01
CA GLU A 183 -9.54 33.51 -33.52
C GLU A 183 -8.07 33.32 -33.88
N ASN A 184 -7.71 32.06 -34.07
CA ASN A 184 -6.36 31.70 -34.49
C ASN A 184 -6.41 30.36 -35.20
N PRO A 185 -6.21 30.33 -36.52
CA PRO A 185 -6.23 29.03 -37.23
C PRO A 185 -5.05 28.15 -36.89
N ARG A 186 -3.92 28.71 -36.47
CA ARG A 186 -2.77 27.93 -36.06
C ARG A 186 -2.83 27.51 -34.60
N SER A 187 -3.89 27.87 -33.87
CA SER A 187 -4.00 27.49 -32.48
C SER A 187 -4.73 26.16 -32.34
N GLN A 188 -4.49 25.51 -31.21
CA GLN A 188 -5.05 24.17 -31.00
C GLN A 188 -6.46 24.22 -30.44
N PHE A 189 -6.79 25.21 -29.62
CA PHE A 189 -8.07 25.25 -28.92
C PHE A 189 -8.86 26.52 -29.19
N ASN A 190 -8.40 27.40 -30.09
CA ASN A 190 -9.10 28.65 -30.35
C ASN A 190 -9.17 28.93 -31.85
N LYS A 191 -9.40 27.88 -32.65
CA LYS A 191 -9.71 28.10 -34.06
C LYS A 191 -10.98 28.95 -34.19
N THR A 192 -11.94 28.74 -33.30
CA THR A 192 -13.07 29.64 -33.12
C THR A 192 -12.85 30.46 -31.86
N CYS A 193 -13.34 31.70 -31.88
CA CYS A 193 -13.20 32.56 -30.72
C CYS A 193 -14.03 32.03 -29.56
N VAL A 194 -13.69 32.51 -28.35
CA VAL A 194 -14.37 32.03 -27.15
C VAL A 194 -15.86 32.34 -27.21
N ARG A 195 -16.22 33.45 -27.86
CA ARG A 195 -17.63 33.79 -28.03
C ARG A 195 -18.40 32.66 -28.70
N ASP A 196 -17.88 32.18 -29.84
CA ASP A 196 -18.60 31.16 -30.59
C ASP A 196 -18.61 29.83 -29.85
N GLN A 197 -17.51 29.47 -29.19
CA GLN A 197 -17.50 28.25 -28.39
C GLN A 197 -18.60 28.27 -27.35
N VAL A 198 -18.91 29.44 -26.80
CA VAL A 198 -20.04 29.56 -25.88
C VAL A 198 -21.36 29.44 -26.62
N MET A 199 -21.51 30.20 -27.72
CA MET A 199 -22.80 30.26 -28.41
C MET A 199 -23.21 28.91 -28.98
N GLU A 200 -22.26 28.16 -29.54
CA GLU A 200 -22.59 26.85 -30.08
C GLU A 200 -23.13 25.93 -29.00
N GLU A 201 -22.55 25.99 -27.79
CA GLU A 201 -23.02 25.13 -26.71
C GLU A 201 -24.36 25.61 -26.17
N VAL A 202 -24.56 26.93 -26.08
CA VAL A 202 -25.86 27.45 -25.67
C VAL A 202 -26.92 27.06 -26.69
N LYS A 203 -26.59 27.10 -27.97
CA LYS A 203 -27.56 26.75 -29.00
C LYS A 203 -27.97 25.29 -28.92
N ARG A 204 -27.00 24.39 -28.74
CA ARG A 204 -27.35 22.96 -28.69
C ARG A 204 -28.11 22.61 -27.43
N LEU A 205 -27.82 23.30 -26.31
CA LEU A 205 -28.58 23.04 -25.08
C LEU A 205 -29.99 23.61 -25.18
N VAL A 206 -30.12 24.81 -25.77
CA VAL A 206 -31.45 25.35 -26.04
C VAL A 206 -32.24 24.43 -26.95
N GLU A 207 -31.58 23.89 -27.99
CA GLU A 207 -32.23 22.92 -28.86
C GLU A 207 -32.54 21.63 -28.12
N GLU A 208 -31.65 21.20 -27.22
CA GLU A 208 -31.85 19.95 -26.51
C GLU A 208 -33.07 20.01 -25.60
N TYR A 209 -33.25 21.12 -24.88
CA TYR A 209 -34.33 21.26 -23.91
C TYR A 209 -35.39 22.24 -24.38
N LYS A 210 -35.61 22.32 -25.70
CA LYS A 210 -36.58 23.27 -26.24
C LYS A 210 -38.01 22.96 -25.83
N ASN A 211 -38.31 21.70 -25.49
CA ASN A 211 -39.66 21.31 -25.11
C ASN A 211 -39.95 21.53 -23.63
N GLU A 212 -39.01 22.10 -22.88
CA GLU A 212 -39.19 22.39 -21.47
C GLU A 212 -39.09 23.90 -21.25
N GLU A 213 -39.26 24.31 -20.00
CA GLU A 213 -39.07 25.71 -19.63
C GLU A 213 -37.61 25.91 -19.27
N VAL A 214 -36.94 26.80 -19.99
CA VAL A 214 -35.50 26.96 -19.93
C VAL A 214 -35.15 28.40 -19.60
N SER A 215 -34.13 28.58 -18.78
CA SER A 215 -33.54 29.88 -18.51
C SER A 215 -32.06 29.83 -18.84
N ILE A 216 -31.50 30.99 -19.16
CA ILE A 216 -30.06 31.13 -19.41
C ILE A 216 -29.53 32.11 -18.38
N THR A 217 -28.52 31.69 -17.61
CA THR A 217 -27.97 32.50 -16.55
C THR A 217 -26.47 32.60 -16.74
N VAL A 218 -25.96 33.83 -16.79
CA VAL A 218 -24.53 34.10 -16.97
C VAL A 218 -23.98 34.61 -15.66
N THR A 219 -22.84 34.07 -15.23
CA THR A 219 -22.16 34.54 -14.04
C THR A 219 -20.75 34.97 -14.38
N GLY A 220 -20.22 35.89 -13.59
CA GLY A 220 -18.88 36.39 -13.79
C GLY A 220 -18.42 37.32 -12.69
N HIS A 221 -17.12 37.38 -12.47
CA HIS A 221 -16.53 38.25 -11.46
C HIS A 221 -15.31 38.93 -12.05
N SER A 222 -15.15 40.21 -11.76
CA SER A 222 -13.99 41.02 -12.18
C SER A 222 -13.98 41.07 -13.71
N LEU A 223 -12.89 40.68 -14.38
CA LEU A 223 -12.88 40.64 -15.83
C LEU A 223 -13.92 39.68 -16.37
N GLY A 224 -14.15 38.57 -15.66
CA GLY A 224 -15.20 37.65 -16.05
C GLY A 224 -16.58 38.29 -16.00
N ALA A 225 -16.76 39.27 -15.11
CA ALA A 225 -18.04 39.97 -15.04
C ALA A 225 -18.27 40.87 -16.25
N SER A 226 -17.19 41.47 -16.78
CA SER A 226 -17.33 42.26 -18.00
C SER A 226 -17.59 41.36 -19.20
N LEU A 227 -16.87 40.24 -19.29
CA LEU A 227 -17.10 39.31 -20.38
C LEU A 227 -18.46 38.63 -20.26
N ALA A 228 -18.92 38.37 -19.02
CA ALA A 228 -20.25 37.81 -18.83
C ALA A 228 -21.33 38.79 -19.25
N THR A 229 -21.13 40.08 -18.94
CA THR A 229 -22.13 41.09 -19.32
C THR A 229 -22.20 41.24 -20.83
N LEU A 230 -21.05 41.36 -21.49
CA LEU A 230 -21.03 41.41 -22.95
C LEU A 230 -21.62 40.13 -23.55
N ASN A 231 -21.34 38.99 -22.92
CA ASN A 231 -21.86 37.73 -23.42
C ASN A 231 -23.38 37.66 -23.28
N ALA A 232 -23.92 38.18 -22.18
CA ALA A 232 -25.36 38.15 -21.96
C ALA A 232 -26.09 39.04 -22.97
N VAL A 233 -25.60 40.27 -23.15
CA VAL A 233 -26.15 41.14 -24.19
C VAL A 233 -26.05 40.48 -25.56
N ASP A 234 -24.92 39.82 -25.82
CA ASP A 234 -24.70 39.16 -27.10
C ASP A 234 -25.75 38.08 -27.34
N ILE A 235 -26.04 37.26 -26.33
CA ILE A 235 -26.99 36.16 -26.47
C ILE A 235 -28.38 36.71 -26.80
N ALA A 236 -28.81 37.73 -26.05
CA ALA A 236 -30.15 38.25 -26.22
C ALA A 236 -30.30 39.08 -27.48
N PHE A 237 -29.24 39.78 -27.90
CA PHE A 237 -29.32 40.61 -29.10
C PHE A 237 -29.43 39.76 -30.37
N ASN A 238 -28.84 38.57 -30.36
CA ASN A 238 -28.78 37.73 -31.55
C ASN A 238 -29.71 36.54 -31.50
N GLY A 239 -30.68 36.52 -30.58
CA GLY A 239 -31.66 35.45 -30.54
C GLY A 239 -31.10 34.07 -30.27
N ILE A 240 -29.92 33.98 -29.65
CA ILE A 240 -29.37 32.69 -29.28
C ILE A 240 -30.13 32.06 -28.13
N ASN A 241 -30.98 32.82 -27.45
CA ASN A 241 -31.93 32.29 -26.49
C ASN A 241 -33.23 31.84 -27.13
N LYS A 242 -33.38 32.03 -28.43
CA LYS A 242 -34.57 31.57 -29.15
C LYS A 242 -34.32 30.18 -29.73
N SER A 243 -35.27 29.28 -29.51
CA SER A 243 -35.15 27.92 -30.00
C SER A 243 -35.72 27.80 -31.40
N SER A 244 -35.42 26.66 -32.05
CA SER A 244 -35.91 26.41 -33.39
C SER A 244 -37.42 26.28 -33.47
N ASN A 245 -38.11 26.22 -32.32
CA ASN A 245 -39.56 26.09 -32.30
C ASN A 245 -40.26 27.36 -31.83
N GLY A 246 -39.54 28.47 -31.72
CA GLY A 246 -40.17 29.76 -31.49
C GLY A 246 -40.21 30.24 -30.05
N LYS A 247 -39.61 29.51 -29.12
CA LYS A 247 -39.62 29.94 -27.73
C LYS A 247 -38.50 30.94 -27.47
N GLU A 248 -38.81 31.94 -26.65
CA GLU A 248 -37.81 32.90 -26.18
C GLU A 248 -37.45 32.57 -24.74
N PHE A 249 -36.22 32.20 -24.50
CA PHE A 249 -35.90 31.89 -23.12
C PHE A 249 -35.24 33.08 -22.43
N PRO A 250 -35.54 33.31 -21.16
CA PRO A 250 -35.00 34.49 -20.47
C PRO A 250 -33.50 34.37 -20.26
N VAL A 251 -32.81 35.50 -20.41
CA VAL A 251 -31.37 35.61 -20.16
C VAL A 251 -31.18 36.49 -18.94
N THR A 252 -30.41 35.99 -17.97
CA THR A 252 -30.14 36.71 -16.74
C THR A 252 -28.65 36.61 -16.43
N ALA A 253 -28.07 37.69 -15.90
CA ALA A 253 -26.67 37.67 -15.50
C ALA A 253 -26.53 38.22 -14.09
N PHE A 254 -25.83 37.47 -13.24
CA PHE A 254 -25.40 37.93 -11.92
C PHE A 254 -23.89 38.14 -11.99
N VAL A 255 -23.47 39.40 -12.00
CA VAL A 255 -22.05 39.74 -12.12
C VAL A 255 -21.59 40.41 -10.83
N PHE A 256 -20.32 40.19 -10.49
CA PHE A 256 -19.74 40.63 -9.24
C PHE A 256 -18.48 41.45 -9.52
N ALA A 257 -18.34 42.57 -8.82
CA ALA A 257 -17.17 43.45 -8.94
C ALA A 257 -16.87 43.78 -10.40
N SER A 258 -17.91 44.22 -11.11
CA SER A 258 -17.84 44.31 -12.57
C SER A 258 -17.26 45.66 -12.99
N PRO A 259 -16.20 45.69 -13.79
CA PRO A 259 -15.87 46.92 -14.51
C PRO A 259 -16.82 47.13 -15.67
N LYS A 260 -16.89 48.39 -16.11
CA LYS A 260 -17.85 48.76 -17.15
C LYS A 260 -17.39 48.25 -18.52
N VAL A 261 -18.36 47.96 -19.38
CA VAL A 261 -18.14 47.23 -20.62
C VAL A 261 -18.17 48.14 -21.84
N GLY A 262 -19.24 48.92 -21.99
CA GLY A 262 -19.42 49.71 -23.20
C GLY A 262 -19.76 51.17 -22.95
N ASP A 263 -20.15 51.88 -24.01
CA ASP A 263 -20.45 53.29 -23.94
C ASP A 263 -21.97 53.50 -23.94
N LEU A 264 -22.42 54.68 -24.35
CA LEU A 264 -23.84 55.04 -24.25
C LEU A 264 -24.69 54.19 -25.19
N ASN A 265 -24.21 53.93 -26.41
CA ASN A 265 -24.98 53.10 -27.34
C ASN A 265 -25.02 51.65 -26.87
N PHE A 266 -23.97 51.17 -26.21
CA PHE A 266 -24.03 49.85 -25.61
C PHE A 266 -25.11 49.77 -24.54
N HIS A 267 -25.19 50.80 -23.69
CA HIS A 267 -26.28 50.87 -22.72
C HIS A 267 -27.62 50.99 -23.43
N LYS A 268 -27.68 51.77 -24.51
CA LYS A 268 -28.92 51.93 -25.26
C LYS A 268 -29.38 50.61 -25.86
N ALA A 269 -28.43 49.83 -26.40
CA ALA A 269 -28.80 48.52 -26.95
C ALA A 269 -29.22 47.56 -25.85
N PHE A 270 -28.59 47.65 -24.68
CA PHE A 270 -28.99 46.81 -23.56
C PHE A 270 -30.41 47.11 -23.12
N SER A 271 -30.81 48.39 -23.16
CA SER A 271 -32.12 48.79 -22.69
C SER A 271 -33.25 48.22 -23.55
N LYS A 272 -32.97 47.99 -24.84
CA LYS A 272 -34.01 47.49 -25.74
C LYS A 272 -34.26 46.01 -25.59
N LEU A 273 -33.33 45.26 -25.02
CA LEU A 273 -33.45 43.81 -24.87
C LEU A 273 -34.36 43.51 -23.69
N LYS A 274 -35.61 43.14 -23.98
CA LYS A 274 -36.62 42.98 -22.94
C LYS A 274 -36.62 41.59 -22.30
N HIS A 275 -35.83 40.66 -22.81
CA HIS A 275 -35.66 39.34 -22.18
C HIS A 275 -34.31 39.22 -21.49
N LEU A 276 -33.73 40.34 -21.08
CA LEU A 276 -32.41 40.37 -20.47
C LEU A 276 -32.44 41.24 -19.22
N HIS A 277 -31.84 40.76 -18.14
CA HIS A 277 -31.73 41.53 -16.90
C HIS A 277 -30.41 41.19 -16.22
N ILE A 278 -29.65 42.22 -15.87
CA ILE A 278 -28.36 42.08 -15.21
C ILE A 278 -28.46 42.60 -13.78
N LEU A 279 -27.85 41.88 -12.85
CA LEU A 279 -27.72 42.30 -11.46
C LEU A 279 -26.24 42.36 -11.11
N ARG A 280 -25.72 43.55 -10.88
CA ARG A 280 -24.32 43.75 -10.52
C ARG A 280 -24.19 43.90 -9.02
N ILE A 281 -23.23 43.20 -8.43
CA ILE A 281 -22.91 43.32 -7.01
C ILE A 281 -21.67 44.19 -6.87
N HIS A 282 -21.76 45.24 -6.06
CA HIS A 282 -20.74 46.28 -6.00
C HIS A 282 -20.34 46.50 -4.55
N ASN A 283 -19.08 46.20 -4.23
CA ASN A 283 -18.53 46.44 -2.90
C ASN A 283 -18.01 47.86 -2.81
N LEU A 284 -18.35 48.56 -1.72
CA LEU A 284 -18.13 49.99 -1.58
C LEU A 284 -16.70 50.40 -1.92
N LEU A 285 -15.73 49.84 -1.21
CA LEU A 285 -14.34 50.26 -1.32
C LEU A 285 -13.61 49.63 -2.49
N ASP A 286 -14.26 48.73 -3.23
CA ASP A 286 -13.62 48.08 -4.37
C ASP A 286 -13.44 49.09 -5.50
N ILE A 287 -12.21 49.22 -5.99
CA ILE A 287 -11.90 50.21 -7.02
C ILE A 287 -12.13 49.69 -8.43
N VAL A 288 -12.30 48.39 -8.62
CA VAL A 288 -12.48 47.81 -9.94
C VAL A 288 -13.78 48.30 -10.60
N PRO A 289 -14.91 48.37 -9.90
CA PRO A 289 -16.12 48.92 -10.54
C PRO A 289 -15.96 50.34 -11.04
N LYS A 290 -14.94 51.08 -10.59
CA LYS A 290 -14.67 52.41 -11.12
C LYS A 290 -14.16 52.37 -12.57
N TYR A 291 -13.63 51.23 -13.00
CA TYR A 291 -13.00 51.10 -14.31
C TYR A 291 -14.01 50.75 -15.39
N PRO A 292 -13.89 51.36 -16.58
CA PRO A 292 -12.94 52.42 -16.93
C PRO A 292 -13.38 53.79 -16.39
N PRO A 293 -12.43 54.73 -16.29
CA PRO A 293 -12.73 55.99 -15.58
C PRO A 293 -13.56 56.99 -16.37
N VAL A 294 -13.63 56.90 -17.70
CA VAL A 294 -14.35 57.90 -18.48
C VAL A 294 -14.87 57.26 -19.77
N GLY A 295 -16.07 57.66 -20.16
CA GLY A 295 -16.67 57.24 -21.40
C GLY A 295 -17.45 55.94 -21.37
N TYR A 296 -17.54 55.29 -20.21
CA TYR A 296 -18.22 54.01 -20.10
C TYR A 296 -19.40 54.13 -19.14
N PHE A 297 -20.40 53.28 -19.35
CA PHE A 297 -21.64 53.28 -18.59
C PHE A 297 -21.95 51.88 -18.11
N ASP A 298 -22.43 51.79 -16.88
CA ASP A 298 -22.92 50.51 -16.38
C ASP A 298 -24.25 50.16 -17.03
N VAL A 299 -24.59 48.87 -16.97
CA VAL A 299 -25.86 48.37 -17.46
C VAL A 299 -26.46 47.46 -16.40
N GLY A 300 -27.78 47.48 -16.30
CA GLY A 300 -28.47 46.60 -15.39
C GLY A 300 -28.66 47.17 -14.00
N GLN A 301 -29.20 46.32 -13.13
CA GLN A 301 -29.46 46.68 -11.74
C GLN A 301 -28.21 46.48 -10.89
N GLU A 302 -28.13 47.22 -9.79
CA GLU A 302 -26.95 47.21 -8.93
C GLU A 302 -27.35 47.05 -7.47
N LEU A 303 -26.72 46.09 -6.78
CA LEU A 303 -26.82 45.95 -5.34
C LEU A 303 -25.50 46.36 -4.71
N MET A 304 -25.56 47.25 -3.73
CA MET A 304 -24.38 47.73 -3.04
C MET A 304 -24.18 46.96 -1.73
N ILE A 305 -22.93 46.61 -1.44
CA ILE A 305 -22.53 46.00 -0.19
C ILE A 305 -21.30 46.71 0.34
N ASP A 306 -20.91 46.34 1.57
CA ASP A 306 -19.73 46.93 2.22
C ASP A 306 -19.15 45.87 3.15
N THR A 307 -18.20 45.08 2.63
CA THR A 307 -17.57 44.02 3.42
C THR A 307 -16.80 44.58 4.60
N THR A 308 -16.47 45.87 4.59
CA THR A 308 -15.77 46.49 5.71
C THR A 308 -16.57 46.37 7.00
N LYS A 309 -17.90 46.38 6.92
CA LYS A 309 -18.74 46.30 8.11
C LYS A 309 -18.71 44.93 8.76
N SER A 310 -18.09 43.93 8.14
CA SER A 310 -18.07 42.59 8.72
C SER A 310 -17.10 42.54 9.89
N PRO A 311 -17.49 41.95 11.03
CA PRO A 311 -16.56 41.81 12.14
C PRO A 311 -15.59 40.64 12.00
N TYR A 312 -15.78 39.80 10.98
CA TYR A 312 -14.93 38.64 10.77
C TYR A 312 -13.64 38.97 10.02
N VAL A 313 -13.66 39.99 9.17
CA VAL A 313 -12.53 40.29 8.32
C VAL A 313 -11.50 41.11 9.09
N LYS A 314 -10.25 40.93 8.71
CA LYS A 314 -9.13 41.67 9.30
C LYS A 314 -9.16 43.13 8.87
N PRO A 315 -9.41 44.08 9.79
CA PRO A 315 -9.23 45.47 9.38
C PRO A 315 -7.74 45.77 9.21
N PRO A 316 -7.39 46.76 8.38
CA PRO A 316 -8.29 47.61 7.58
C PRO A 316 -8.58 47.07 6.19
N GLY A 317 -7.78 46.11 5.72
CA GLY A 317 -7.95 45.54 4.41
C GLY A 317 -7.11 46.22 3.34
N GLU A 318 -7.27 45.72 2.11
CA GLU A 318 -6.60 46.29 0.95
C GLU A 318 -7.48 46.08 -0.27
N VAL A 319 -7.04 46.61 -1.41
CA VAL A 319 -7.86 46.59 -2.62
C VAL A 319 -8.11 45.17 -3.10
N VAL A 320 -7.18 44.26 -2.86
CA VAL A 320 -7.37 42.88 -3.26
C VAL A 320 -8.47 42.24 -2.41
N SER A 321 -8.45 42.47 -1.10
CA SER A 321 -9.45 41.89 -0.21
C SER A 321 -10.85 42.43 -0.50
N TRP A 322 -10.95 43.70 -0.89
CA TRP A 322 -12.24 44.30 -1.20
C TRP A 322 -12.78 43.84 -2.55
N HIS A 323 -12.00 43.10 -3.33
CA HIS A 323 -12.36 42.75 -4.70
C HIS A 323 -12.68 41.27 -4.89
N LEU A 324 -12.04 40.38 -4.14
CA LEU A 324 -12.17 38.95 -4.39
C LEU A 324 -13.61 38.48 -4.16
N LEU A 325 -13.95 37.36 -4.79
CA LEU A 325 -15.34 36.93 -4.90
C LEU A 325 -15.87 36.33 -3.59
N GLU A 326 -15.09 35.49 -2.93
CA GLU A 326 -15.54 34.93 -1.66
C GLU A 326 -15.84 36.00 -0.61
N PRO A 327 -15.04 37.08 -0.48
CA PRO A 327 -15.49 38.18 0.38
C PRO A 327 -16.79 38.81 -0.10
N TYR A 328 -16.99 38.92 -1.40
CA TYR A 328 -18.26 39.42 -1.92
C TYR A 328 -19.42 38.54 -1.46
N LEU A 329 -19.28 37.22 -1.62
CA LEU A 329 -20.36 36.31 -1.21
C LEU A 329 -20.55 36.34 0.30
N HIS A 330 -19.46 36.44 1.06
CA HIS A 330 -19.58 36.63 2.51
C HIS A 330 -20.26 37.96 2.82
N GLY A 331 -19.96 39.01 2.04
CA GLY A 331 -20.61 40.29 2.24
C GLY A 331 -22.10 40.23 1.95
N ILE A 332 -22.48 39.52 0.88
CA ILE A 332 -23.90 39.34 0.58
C ILE A 332 -24.57 38.51 1.67
N ALA A 333 -23.85 37.53 2.21
CA ALA A 333 -24.42 36.66 3.23
C ALA A 333 -24.81 37.42 4.49
N GLY A 334 -24.16 38.56 4.75
CA GLY A 334 -24.40 39.27 5.98
C GLY A 334 -24.73 40.74 5.84
N THR A 335 -24.94 41.21 4.62
CA THR A 335 -25.15 42.64 4.41
C THR A 335 -26.48 43.09 5.02
N GLN A 336 -26.45 44.30 5.59
CA GLN A 336 -27.65 44.95 6.12
C GLN A 336 -27.82 46.34 5.55
N GLY A 337 -27.20 46.61 4.40
CA GLY A 337 -27.11 47.94 3.84
C GLY A 337 -25.73 48.54 4.01
N ILE A 338 -25.51 49.65 3.31
CA ILE A 338 -24.24 50.36 3.38
C ILE A 338 -24.34 51.65 4.18
N GLY A 339 -25.51 51.96 4.73
CA GLY A 339 -25.65 53.16 5.54
C GLY A 339 -24.73 53.15 6.74
N MET A 340 -24.58 54.33 7.35
CA MET A 340 -23.61 54.47 8.43
C MET A 340 -23.97 53.63 9.65
N THR A 341 -25.27 53.34 9.84
CA THR A 341 -25.72 52.58 10.99
C THR A 341 -26.36 51.25 10.56
N ALA A 342 -25.87 50.65 9.47
CA ALA A 342 -26.48 49.43 8.95
C ALA A 342 -26.06 48.20 9.75
N GLY A 343 -24.76 48.06 10.01
CA GLY A 343 -24.27 46.88 10.71
C GLY A 343 -23.97 45.73 9.77
N PHE A 344 -23.88 44.54 10.35
CA PHE A 344 -23.56 43.33 9.60
C PHE A 344 -23.92 42.10 10.42
N LYS A 345 -24.73 41.22 9.85
CA LYS A 345 -25.06 39.96 10.51
C LYS A 345 -25.40 38.91 9.45
N LEU A 346 -24.86 37.71 9.62
CA LEU A 346 -25.08 36.65 8.66
C LEU A 346 -26.52 36.17 8.69
N GLU A 347 -27.22 36.30 7.56
CA GLU A 347 -28.58 35.80 7.44
C GLU A 347 -28.65 34.40 6.88
N VAL A 348 -27.58 33.93 6.24
CA VAL A 348 -27.45 32.54 5.82
C VAL A 348 -26.27 31.93 6.55
N ASN A 349 -26.28 30.61 6.66
CA ASN A 349 -25.20 29.89 7.35
C ASN A 349 -24.10 29.53 6.34
N ARG A 350 -23.44 30.58 5.86
CA ARG A 350 -22.33 30.43 4.92
C ARG A 350 -21.01 30.41 5.69
N ASP A 351 -20.23 29.35 5.48
CA ASP A 351 -18.96 29.17 6.17
C ASP A 351 -18.03 30.34 5.90
N ILE A 352 -17.56 30.98 6.98
CA ILE A 352 -16.65 32.12 6.84
C ILE A 352 -15.26 31.70 6.38
N SER A 353 -14.94 30.41 6.47
CA SER A 353 -13.61 29.96 6.07
C SER A 353 -13.39 30.11 4.58
N LEU A 354 -14.47 30.11 3.78
CA LEU A 354 -14.35 30.24 2.33
C LEU A 354 -13.62 31.52 1.95
N VAL A 355 -13.66 32.53 2.82
CA VAL A 355 -13.07 33.83 2.52
C VAL A 355 -11.55 33.76 2.41
N ASN A 356 -10.92 32.76 3.03
CA ASN A 356 -9.46 32.63 3.02
C ASN A 356 -8.96 31.69 1.93
N LYS A 357 -9.80 31.31 0.98
CA LYS A 357 -9.38 30.33 -0.03
C LYS A 357 -8.23 30.85 -0.88
N GLN A 358 -8.25 32.13 -1.26
CA GLN A 358 -7.24 32.68 -2.14
C GLN A 358 -6.54 33.91 -1.56
N TRP A 359 -6.69 34.17 -0.26
CA TRP A 359 -6.11 35.37 0.35
C TRP A 359 -6.24 35.25 1.86
N MET A 360 -5.55 36.14 2.57
CA MET A 360 -5.65 36.23 4.02
C MET A 360 -6.58 37.40 4.36
N ILE A 361 -7.73 37.09 4.95
CA ILE A 361 -8.77 38.09 5.14
C ILE A 361 -9.37 37.99 6.54
N LEU A 362 -9.60 36.78 7.02
CA LEU A 362 -10.17 36.59 8.34
C LEU A 362 -9.20 37.05 9.43
N LYS A 363 -9.77 37.42 10.58
CA LYS A 363 -8.96 37.72 11.75
C LYS A 363 -8.28 36.46 12.26
N ASP A 364 -7.17 36.66 12.98
CA ASP A 364 -6.38 35.53 13.47
C ASP A 364 -7.21 34.63 14.39
N GLU A 365 -8.13 35.23 15.17
CA GLU A 365 -8.86 34.47 16.17
C GLU A 365 -9.70 33.35 15.57
N TYR A 366 -10.04 33.43 14.29
CA TYR A 366 -10.89 32.43 13.66
C TYR A 366 -10.13 31.19 13.21
N CYS A 367 -8.79 31.21 13.28
CA CYS A 367 -7.96 30.03 13.11
C CYS A 367 -8.20 29.34 11.78
N ILE A 368 -8.17 30.13 10.70
CA ILE A 368 -8.31 29.64 9.34
C ILE A 368 -7.04 29.98 8.59
N PRO A 369 -6.34 29.00 8.01
CA PRO A 369 -5.08 29.31 7.34
C PRO A 369 -5.31 30.16 6.10
N PRO A 370 -4.34 30.97 5.71
CA PRO A 370 -4.51 31.83 4.53
C PRO A 370 -4.19 31.11 3.23
N LEU A 371 -4.89 31.53 2.17
CA LEU A 371 -4.72 30.98 0.84
C LEU A 371 -4.79 29.45 0.85
N TRP A 372 -5.82 28.93 1.51
CA TRP A 372 -5.84 27.50 1.79
C TRP A 372 -6.39 26.66 0.64
N TRP A 373 -6.98 27.25 -0.39
CA TRP A 373 -7.42 26.42 -1.52
C TRP A 373 -6.19 25.98 -2.31
N SER A 374 -5.74 24.75 -2.07
CA SER A 374 -4.51 24.27 -2.64
C SER A 374 -4.54 22.76 -2.71
N GLU A 375 -4.03 22.21 -3.81
CA GLU A 375 -3.90 20.77 -3.93
C GLU A 375 -2.80 20.26 -3.01
N LYS A 376 -2.85 18.96 -2.72
CA LYS A 376 -1.86 18.36 -1.84
C LYS A 376 -0.47 18.48 -2.45
N HIS A 377 0.46 19.03 -1.67
CA HIS A 377 1.83 19.28 -2.11
C HIS A 377 1.90 20.16 -3.36
N LYS A 378 0.83 20.93 -3.60
CA LYS A 378 0.74 21.82 -4.76
C LYS A 378 0.92 21.07 -6.08
N GLY A 379 0.42 19.84 -6.13
CA GLY A 379 0.45 19.03 -7.32
C GLY A 379 1.61 18.06 -7.42
N MET A 380 2.57 18.13 -6.50
CA MET A 380 3.70 17.21 -6.52
C MET A 380 3.27 15.86 -5.93
N VAL A 381 3.58 14.78 -6.65
CA VAL A 381 3.31 13.43 -6.18
C VAL A 381 4.57 12.61 -6.33
N GLN A 382 4.86 11.79 -5.31
CA GLN A 382 6.11 11.04 -5.26
C GLN A 382 6.03 9.81 -6.15
N GLN A 383 7.15 9.48 -6.78
CA GLN A 383 7.27 8.35 -7.68
C GLN A 383 7.94 7.18 -6.97
N GLN A 384 7.98 6.04 -7.66
CA GLN A 384 8.66 4.86 -7.12
C GLN A 384 10.17 5.10 -7.02
N ASP A 385 10.71 5.87 -7.96
CA ASP A 385 12.07 6.40 -7.84
C ASP A 385 12.30 7.04 -6.49
N GLY A 386 11.25 7.57 -5.87
CA GLY A 386 11.37 8.40 -4.71
C GLY A 386 11.42 9.88 -5.00
N SER A 387 11.60 10.24 -6.27
CA SER A 387 11.56 11.63 -6.70
C SER A 387 10.11 12.10 -6.79
N TRP A 388 9.95 13.36 -7.15
CA TRP A 388 8.64 14.00 -7.18
C TRP A 388 8.40 14.64 -8.53
N LEU A 389 7.19 14.50 -9.04
CA LEU A 389 6.79 15.09 -10.31
C LEU A 389 5.52 15.91 -10.11
N LEU A 390 5.39 16.99 -10.88
CA LEU A 390 4.22 17.86 -10.81
C LEU A 390 3.13 17.25 -11.68
N GLN A 391 2.15 16.60 -11.04
CA GLN A 391 1.01 16.00 -11.71
C GLN A 391 -0.24 16.61 -11.09
N ASP A 392 -0.66 17.77 -11.62
CA ASP A 392 -1.64 18.62 -10.97
C ASP A 392 -2.95 18.73 -11.73
N ARG A 393 -3.20 17.86 -12.71
CA ARG A 393 -4.40 17.92 -13.52
C ARG A 393 -5.01 16.54 -13.65
N ASP A 394 -6.34 16.47 -13.63
CA ASP A 394 -7.04 15.23 -13.88
C ASP A 394 -6.77 14.74 -15.30
N ASP A 395 -6.94 13.43 -15.50
CA ASP A 395 -6.80 12.83 -16.83
C ASP A 395 -8.09 13.03 -17.61
N TYR A 396 -8.10 14.01 -18.50
CA TYR A 396 -9.22 14.21 -19.40
C TYR A 396 -8.68 14.77 -20.71
N GLU A 397 -9.50 14.65 -21.76
CA GLU A 397 -9.15 15.18 -23.07
C GLU A 397 -9.75 16.57 -23.23
N PHE A 398 -8.98 17.48 -23.82
CA PHE A 398 -9.46 18.83 -24.06
C PHE A 398 -10.45 18.85 -25.21
N MET B 5 29.60 0.35 1.91
CA MET B 5 28.91 1.42 2.63
C MET B 5 28.42 0.91 3.98
N ALA B 6 27.94 -0.33 4.01
CA ALA B 6 27.60 -0.97 5.28
C ALA B 6 28.83 -1.54 5.97
N GLU B 7 29.82 -2.00 5.21
CA GLU B 7 31.06 -2.49 5.79
C GLU B 7 31.97 -1.38 6.26
N LYS B 8 31.81 -0.16 5.73
CA LYS B 8 32.63 0.98 6.09
C LYS B 8 31.92 1.95 7.03
N TRP B 9 30.85 1.49 7.69
CA TRP B 9 29.99 2.41 8.43
C TRP B 9 30.74 3.14 9.54
N GLU B 10 31.70 2.48 10.17
CA GLU B 10 32.46 3.13 11.24
C GLU B 10 33.26 4.30 10.69
N GLU B 11 33.91 4.11 9.54
CA GLU B 11 34.65 5.21 8.91
C GLU B 11 33.70 6.34 8.50
N LEU B 12 32.55 5.98 7.92
CA LEU B 12 31.56 6.97 7.53
C LEU B 12 30.95 7.69 8.72
N SER B 13 30.97 7.07 9.90
CA SER B 13 30.49 7.70 11.12
C SER B 13 31.59 8.39 11.92
N GLY B 14 32.75 8.59 11.32
CA GLY B 14 33.78 9.40 11.93
C GLY B 14 34.76 8.68 12.82
N LYS B 15 35.03 7.39 12.58
CA LYS B 15 36.01 6.68 13.38
C LYS B 15 37.38 7.37 13.30
N ASN B 16 37.77 7.81 12.10
CA ASN B 16 39.02 8.52 11.89
C ASN B 16 38.79 10.01 11.64
N ASN B 17 37.72 10.57 12.20
CA ASN B 17 37.36 11.98 12.04
C ASN B 17 37.22 12.38 10.58
N TRP B 18 36.82 11.43 9.72
CA TRP B 18 36.58 11.65 8.30
C TRP B 18 37.82 12.16 7.58
N GLU B 19 39.00 11.95 8.14
CA GLU B 19 40.24 12.36 7.48
C GLU B 19 40.42 11.59 6.18
N GLY B 20 40.71 12.32 5.11
CA GLY B 20 40.85 11.71 3.79
C GLY B 20 39.55 11.48 3.06
N LEU B 21 38.42 11.92 3.61
CA LEU B 21 37.12 11.67 3.02
C LEU B 21 36.37 12.95 2.64
N LEU B 22 36.91 14.11 2.95
CA LEU B 22 36.19 15.38 2.78
C LEU B 22 36.62 16.19 1.57
N ASN B 23 37.90 16.14 1.20
CA ASN B 23 38.37 16.87 0.02
C ASN B 23 39.47 16.09 -0.67
N PRO B 24 39.13 15.43 -1.79
CA PRO B 24 37.80 15.45 -2.39
C PRO B 24 36.77 14.61 -1.62
N LEU B 25 35.51 15.04 -1.66
CA LEU B 25 34.46 14.38 -0.89
C LEU B 25 34.23 12.97 -1.42
N ASP B 26 34.48 11.97 -0.56
CA ASP B 26 34.22 10.59 -0.91
C ASP B 26 32.74 10.39 -1.24
N LEU B 27 32.48 9.49 -2.20
CA LEU B 27 31.12 9.32 -2.70
C LEU B 27 30.22 8.63 -1.67
N ASP B 28 30.75 7.63 -0.97
CA ASP B 28 29.95 6.94 0.04
C ASP B 28 29.62 7.87 1.21
N LEU B 29 30.57 8.71 1.62
CA LEU B 29 30.27 9.69 2.66
C LEU B 29 29.29 10.74 2.17
N ARG B 30 29.36 11.10 0.88
CA ARG B 30 28.39 12.04 0.32
C ARG B 30 26.97 11.55 0.48
N LYS B 31 26.70 10.32 0.04
CA LYS B 31 25.38 9.73 0.26
C LYS B 31 25.09 9.59 1.75
N TYR B 32 26.11 9.29 2.55
CA TYR B 32 25.94 9.09 3.99
C TYR B 32 25.45 10.37 4.66
N ILE B 33 26.07 11.51 4.33
CA ILE B 33 25.67 12.77 4.92
C ILE B 33 24.25 13.14 4.50
N ILE B 34 23.91 12.88 3.23
CA ILE B 34 22.58 13.21 2.74
C ILE B 34 21.52 12.35 3.41
N GLN B 35 21.82 11.07 3.65
CA GLN B 35 20.85 10.19 4.29
C GLN B 35 20.49 10.69 5.68
N TYR B 36 21.49 11.07 6.48
CA TYR B 36 21.20 11.60 7.81
C TYR B 36 20.60 12.99 7.73
N GLY B 37 20.88 13.73 6.66
CA GLY B 37 20.20 15.00 6.46
C GLY B 37 18.71 14.83 6.24
N GLU B 38 18.33 13.78 5.50
CA GLU B 38 16.91 13.51 5.27
C GLU B 38 16.17 13.25 6.58
N LEU B 39 16.82 12.57 7.52
CA LEU B 39 16.20 12.33 8.82
C LEU B 39 16.04 13.64 9.60
N ALA B 40 17.02 14.55 9.47
CA ALA B 40 16.86 15.86 10.08
C ALA B 40 15.76 16.66 9.40
N GLN B 41 15.63 16.53 8.07
CA GLN B 41 14.63 17.28 7.33
C GLN B 41 13.22 16.84 7.69
N ALA B 42 13.04 15.57 8.07
CA ALA B 42 11.73 15.11 8.50
C ALA B 42 11.20 15.85 9.71
N THR B 43 12.09 16.45 10.51
CA THR B 43 11.62 17.27 11.63
C THR B 43 10.85 18.49 11.16
N TYR B 44 11.26 19.07 10.02
CA TYR B 44 10.53 20.21 9.48
C TYR B 44 9.27 19.79 8.74
N ASP B 45 9.34 18.66 8.02
CA ASP B 45 8.21 18.25 7.18
C ASP B 45 7.02 17.76 8.01
N THR B 46 7.23 17.37 9.26
CA THR B 46 6.14 16.93 10.12
C THR B 46 5.68 18.01 11.09
N PHE B 47 6.36 19.15 11.15
CA PHE B 47 6.10 20.18 12.15
C PHE B 47 5.02 21.13 11.66
N ILE B 48 4.02 21.36 12.51
CA ILE B 48 2.91 22.27 12.20
C ILE B 48 3.33 23.67 12.66
N SER B 49 3.69 24.51 11.70
CA SER B 49 4.01 25.90 11.99
C SER B 49 2.81 26.83 11.88
N GLU B 50 1.74 26.38 11.21
CA GLU B 50 0.54 27.19 11.06
C GLU B 50 -0.11 27.46 12.42
N ARG B 51 -0.08 28.72 12.85
CA ARG B 51 -0.62 29.07 14.17
C ARG B 51 -2.13 28.91 14.24
N ALA B 52 -2.81 28.89 13.09
CA ALA B 52 -4.25 28.63 13.08
C ALA B 52 -4.58 27.22 13.54
N SER B 53 -3.62 26.31 13.48
CA SER B 53 -3.88 24.92 13.85
C SER B 53 -4.04 24.78 15.35
N LYS B 54 -5.03 23.98 15.77
CA LYS B 54 -5.13 23.58 17.17
C LYS B 54 -3.87 22.88 17.63
N TYR B 55 -3.15 22.25 16.70
CA TYR B 55 -1.95 21.47 17.02
C TYR B 55 -0.68 22.16 16.54
N ALA B 56 -0.67 23.50 16.55
CA ALA B 56 0.53 24.24 16.20
C ALA B 56 1.65 23.93 17.18
N GLY B 57 2.86 23.69 16.65
CA GLY B 57 3.98 23.29 17.47
C GLY B 57 4.12 21.80 17.68
N ALA B 58 3.18 21.00 17.18
CA ALA B 58 3.20 19.56 17.32
C ALA B 58 3.47 18.90 15.98
N SER B 59 3.72 17.60 16.03
CA SER B 59 3.91 16.80 14.82
C SER B 59 2.55 16.51 14.20
N ARG B 60 2.44 16.73 12.88
CA ARG B 60 1.19 16.44 12.19
C ARG B 60 1.04 14.96 11.86
N TYR B 61 2.14 14.21 11.85
CA TYR B 61 2.12 12.78 11.56
C TYR B 61 2.37 11.99 12.83
N SER B 62 1.71 10.85 12.94
CA SER B 62 1.99 9.94 14.04
C SER B 62 3.30 9.20 13.77
N MET B 63 3.83 8.59 14.83
CA MET B 63 5.07 7.82 14.70
C MET B 63 4.88 6.62 13.78
N GLU B 64 3.66 6.09 13.70
CA GLU B 64 3.38 4.95 12.84
C GLU B 64 3.42 5.33 11.37
N ASN B 65 2.92 6.52 11.03
CA ASN B 65 2.87 7.00 9.65
C ASN B 65 4.09 7.82 9.25
N PHE B 66 5.10 7.92 10.11
CA PHE B 66 6.06 9.01 10.01
C PHE B 66 6.85 8.96 8.70
N PHE B 67 7.61 7.89 8.49
CA PHE B 67 8.54 7.85 7.36
C PHE B 67 7.79 7.83 6.03
N THR B 68 6.69 7.08 5.95
CA THR B 68 5.91 7.06 4.72
C THR B 68 5.38 8.46 4.39
N LYS B 69 4.88 9.18 5.38
CA LYS B 69 4.27 10.47 5.13
C LYS B 69 5.28 11.61 5.03
N VAL B 70 6.53 11.40 5.43
CA VAL B 70 7.57 12.39 5.16
C VAL B 70 8.34 12.09 3.88
N GLY B 71 7.96 11.04 3.15
CA GLY B 71 8.54 10.74 1.86
C GLY B 71 9.80 9.91 1.89
N LEU B 72 10.14 9.30 3.02
CA LEU B 72 11.35 8.51 3.15
C LEU B 72 11.01 7.02 3.16
N ASP B 73 12.03 6.19 3.29
CA ASP B 73 11.84 4.74 3.26
C ASP B 73 11.32 4.26 4.62
N PRO B 74 10.15 3.65 4.69
CA PRO B 74 9.59 3.22 5.98
C PRO B 74 10.04 1.84 6.44
N SER B 75 10.94 1.18 5.71
CA SER B 75 11.44 -0.14 6.08
C SER B 75 12.87 -0.11 6.61
N LYS B 76 13.42 1.08 6.84
CA LYS B 76 14.81 1.21 7.28
C LYS B 76 14.93 1.60 8.75
N TYR B 77 14.20 2.63 9.18
CA TYR B 77 14.12 3.01 10.58
C TYR B 77 12.68 2.89 11.06
N HIS B 78 12.51 2.92 12.38
CA HIS B 78 11.18 2.92 12.98
C HIS B 78 11.17 3.90 14.14
N VAL B 79 10.27 4.88 14.07
CA VAL B 79 10.18 5.91 15.09
C VAL B 79 9.75 5.31 16.41
N THR B 80 10.46 5.64 17.50
CA THR B 80 10.14 5.11 18.81
C THR B 80 9.73 6.16 19.83
N LYS B 81 10.01 7.45 19.60
CA LYS B 81 9.57 8.48 20.54
C LYS B 81 9.62 9.85 19.90
N PHE B 82 8.57 10.64 20.14
CA PHE B 82 8.62 12.09 19.96
C PHE B 82 9.00 12.72 21.29
N PHE B 83 9.92 13.67 21.27
CA PHE B 83 10.27 14.39 22.49
C PHE B 83 9.90 15.87 22.36
N TYR B 84 9.60 16.47 23.51
CA TYR B 84 9.04 17.82 23.57
C TYR B 84 9.87 18.68 24.51
N GLY B 85 9.86 19.98 24.26
CA GLY B 85 10.61 20.92 25.06
C GLY B 85 9.81 22.18 25.31
N THR B 86 10.21 22.89 26.37
CA THR B 86 9.63 24.17 26.74
C THR B 86 10.76 25.10 27.15
N SER B 87 10.41 26.33 27.47
CA SER B 87 11.38 27.33 27.88
C SER B 87 10.82 28.15 29.03
N SER B 88 11.69 28.93 29.66
CA SER B 88 11.30 29.78 30.77
C SER B 88 11.87 31.19 30.68
N ILE B 89 12.67 31.50 29.66
CA ILE B 89 13.21 32.85 29.47
C ILE B 89 12.63 33.40 28.17
N PRO B 90 12.63 34.72 27.99
CA PRO B 90 12.21 35.28 26.71
C PRO B 90 13.16 34.89 25.59
N LEU B 91 12.59 34.56 24.44
CA LEU B 91 13.37 34.11 23.30
C LEU B 91 12.97 34.84 22.02
N ALA B 94 9.13 33.29 18.32
CA ALA B 94 9.51 32.63 17.08
C ALA B 94 10.03 31.22 17.35
N PHE B 95 10.83 31.08 18.40
CA PHE B 95 11.44 29.78 18.69
C PHE B 95 10.38 28.73 18.99
N MET B 96 9.39 29.07 19.81
CA MET B 96 8.32 28.15 20.16
C MET B 96 7.04 28.61 19.48
N THR B 97 6.47 27.74 18.66
CA THR B 97 5.25 28.05 17.92
C THR B 97 4.05 28.00 18.86
N ARG B 98 3.28 29.07 18.92
CA ARG B 98 2.13 29.17 19.79
C ARG B 98 0.85 29.15 18.97
N SER B 99 -0.09 28.30 19.37
CA SER B 99 -1.36 28.19 18.67
C SER B 99 -2.28 29.35 19.01
N LEU B 100 -3.10 29.76 18.04
CA LEU B 100 -4.14 30.75 18.25
C LEU B 100 -5.47 30.14 18.66
N SER B 101 -5.57 28.80 18.67
CA SER B 101 -6.81 28.14 19.05
C SER B 101 -7.05 28.26 20.54
N ARG B 102 -8.33 28.30 20.92
CA ARG B 102 -8.71 28.26 22.32
C ARG B 102 -8.71 26.85 22.88
N GLU B 103 -8.52 25.83 22.04
CA GLU B 103 -8.35 24.45 22.46
C GLU B 103 -6.97 23.95 22.09
N ALA B 104 -5.96 24.82 22.23
CA ALA B 104 -4.60 24.47 21.85
C ALA B 104 -4.13 23.23 22.60
N TRP B 105 -3.51 22.30 21.87
CA TRP B 105 -3.02 21.06 22.47
C TRP B 105 -2.07 21.31 23.62
N SER B 106 -1.34 22.43 23.58
CA SER B 106 -0.37 22.76 24.61
C SER B 106 -0.09 24.24 24.56
N LYS B 107 0.02 24.86 25.74
CA LYS B 107 0.36 26.26 25.85
C LYS B 107 1.84 26.48 26.15
N GLU B 108 2.61 25.41 26.38
CA GLU B 108 3.98 25.52 26.84
C GLU B 108 5.00 24.82 25.96
N SER B 109 4.64 23.74 25.29
CA SER B 109 5.61 22.84 24.68
C SER B 109 5.50 22.86 23.16
N ASN B 110 6.60 22.43 22.52
CA ASN B 110 6.65 22.14 21.10
C ASN B 110 7.31 20.79 20.87
N PHE B 111 6.91 20.14 19.79
CA PHE B 111 7.62 18.97 19.30
C PHE B 111 9.04 19.37 18.89
N MET B 112 10.04 18.81 19.58
CA MET B 112 11.43 19.16 19.35
C MET B 112 12.18 18.16 18.49
N GLY B 113 11.57 17.03 18.16
CA GLY B 113 12.23 16.04 17.33
C GLY B 113 11.77 14.64 17.70
N TRP B 114 12.46 13.66 17.12
CA TRP B 114 12.03 12.28 17.21
C TRP B 114 13.25 11.36 17.26
N ILE B 115 13.02 10.17 17.78
CA ILE B 115 14.04 9.13 17.88
C ILE B 115 13.55 7.90 17.12
N ALA B 116 14.43 7.30 16.33
CA ALA B 116 14.13 6.07 15.62
C ALA B 116 15.28 5.09 15.82
N VAL B 117 14.98 3.82 15.57
CA VAL B 117 15.96 2.75 15.70
C VAL B 117 15.97 1.96 14.40
N ALA B 118 17.14 1.42 14.06
CA ALA B 118 17.30 0.68 12.82
C ALA B 118 16.40 -0.55 12.81
N THR B 119 15.62 -0.68 11.73
CA THR B 119 14.86 -1.88 11.46
C THR B 119 15.83 -3.07 11.29
N ASP B 120 15.30 -4.28 11.51
CA ASP B 120 16.07 -5.49 11.21
C ASP B 120 16.72 -5.42 9.84
N GLU B 121 15.93 -5.08 8.81
CA GLU B 121 16.49 -4.92 7.47
C GLU B 121 17.33 -3.66 7.36
N GLY B 122 16.97 -2.61 8.11
CA GLY B 122 17.80 -1.43 8.16
C GLY B 122 19.18 -1.72 8.72
N LYS B 123 19.27 -2.68 9.63
CA LYS B 123 20.57 -3.06 10.20
C LYS B 123 21.50 -3.61 9.13
N VAL B 124 20.97 -4.50 8.28
CA VAL B 124 21.77 -5.06 7.19
C VAL B 124 22.26 -3.94 6.27
N ALA B 125 21.38 -2.98 5.98
CA ALA B 125 21.78 -1.88 5.11
C ALA B 125 22.77 -0.94 5.80
N LEU B 126 22.54 -0.63 7.08
CA LEU B 126 23.41 0.29 7.79
C LEU B 126 24.69 -0.36 8.31
N GLY B 127 24.71 -1.68 8.42
CA GLY B 127 25.86 -2.37 8.96
C GLY B 127 25.87 -2.52 10.47
N ARG B 128 24.85 -1.98 11.16
CA ARG B 128 24.75 -2.10 12.60
C ARG B 128 23.35 -1.63 13.01
N ARG B 129 23.05 -1.79 14.30
CA ARG B 129 21.78 -1.34 14.87
C ARG B 129 21.98 0.09 15.36
N ASP B 130 21.61 1.06 14.51
CA ASP B 130 21.90 2.47 14.77
C ASP B 130 20.68 3.18 15.34
N ILE B 131 20.88 3.90 16.43
CA ILE B 131 19.85 4.69 17.08
C ILE B 131 20.03 6.14 16.66
N VAL B 132 18.98 6.75 16.10
CA VAL B 132 19.06 8.09 15.54
C VAL B 132 18.19 9.04 16.36
N ILE B 133 18.76 10.19 16.72
CA ILE B 133 18.06 11.24 17.44
C ILE B 133 18.14 12.50 16.58
N ASN B 134 16.98 13.03 16.21
CA ASN B 134 16.89 14.10 15.22
C ASN B 134 16.26 15.33 15.87
N TRP B 135 17.02 16.42 15.93
CA TRP B 135 16.57 17.65 16.56
C TRP B 135 16.03 18.62 15.52
N ARG B 136 14.91 19.25 15.84
CA ARG B 136 14.26 20.21 14.96
C ARG B 136 14.86 21.59 15.17
N GLY B 137 15.12 22.29 14.07
CA GLY B 137 15.61 23.65 14.13
C GLY B 137 14.55 24.67 13.80
N THR B 138 14.88 25.62 12.91
CA THR B 138 13.93 26.63 12.49
C THR B 138 14.13 26.91 11.01
N LEU B 139 13.07 27.40 10.37
CA LEU B 139 13.13 27.87 9.01
C LEU B 139 13.40 29.36 8.92
N GLN B 140 13.33 30.08 10.03
CA GLN B 140 13.57 31.51 10.07
C GLN B 140 15.01 31.81 10.41
N VAL B 141 15.49 32.97 9.97
CA VAL B 141 16.88 33.36 10.17
C VAL B 141 16.94 34.75 10.80
N LEU B 142 16.50 35.75 10.05
CA LEU B 142 16.67 37.14 10.46
C LEU B 142 15.82 37.52 11.68
N GLU B 143 14.86 36.68 12.07
CA GLU B 143 14.06 36.97 13.25
C GLU B 143 14.80 36.67 14.55
N TRP B 144 15.97 36.04 14.48
CA TRP B 144 16.71 35.71 15.69
C TRP B 144 18.23 35.80 15.55
N VAL B 145 18.81 35.55 14.38
CA VAL B 145 20.26 35.46 14.26
C VAL B 145 20.95 36.79 14.52
N ASN B 146 20.23 37.90 14.49
CA ASN B 146 20.80 39.22 14.72
C ASN B 146 20.26 39.90 15.99
N ASP B 147 19.43 39.20 16.76
CA ASP B 147 18.87 39.79 17.97
C ASP B 147 18.88 38.87 19.18
N LEU B 148 19.11 37.56 19.00
CA LEU B 148 19.11 36.63 20.12
C LEU B 148 20.37 36.82 20.95
N GLN B 149 20.19 37.11 22.24
CA GLN B 149 21.34 37.27 23.13
C GLN B 149 22.05 35.94 23.32
N PHE B 150 23.34 36.02 23.64
CA PHE B 150 24.19 34.83 23.73
C PHE B 150 25.00 34.89 25.03
N LEU B 151 24.30 34.89 26.15
CA LEU B 151 24.95 34.78 27.45
C LEU B 151 25.55 33.39 27.64
N LEU B 152 26.76 33.35 28.17
CA LEU B 152 27.43 32.08 28.47
C LEU B 152 27.06 31.64 29.88
N VAL B 153 26.46 30.47 30.00
CA VAL B 153 26.00 29.96 31.29
C VAL B 153 26.56 28.56 31.50
N PRO B 154 26.67 28.12 32.75
CA PRO B 154 27.02 26.72 33.00
C PRO B 154 25.88 25.79 32.65
N ALA B 155 26.21 24.50 32.52
CA ALA B 155 25.24 23.45 32.24
C ALA B 155 25.40 22.35 33.29
N PRO B 156 24.84 22.56 34.48
CA PRO B 156 25.03 21.55 35.55
C PRO B 156 24.46 20.19 35.21
N LYS B 157 23.30 20.13 34.54
CA LYS B 157 22.73 18.84 34.17
C LYS B 157 23.62 18.08 33.20
N VAL B 158 24.43 18.78 32.42
CA VAL B 158 25.29 18.14 31.43
C VAL B 158 26.65 17.80 32.01
N PHE B 159 27.28 18.74 32.72
CA PHE B 159 28.65 18.55 33.21
C PHE B 159 28.76 18.46 34.72
N GLY B 160 27.83 19.07 35.46
CA GLY B 160 27.90 19.05 36.91
C GLY B 160 28.22 20.40 37.51
N HIS B 169 32.95 23.69 34.48
CA HIS B 169 33.89 24.52 33.73
C HIS B 169 33.35 24.98 32.36
N PRO B 170 32.77 24.08 31.56
CA PRO B 170 32.27 24.51 30.25
C PRO B 170 31.13 25.51 30.38
N LEU B 171 31.20 26.56 29.55
CA LEU B 171 30.13 27.55 29.44
C LEU B 171 29.40 27.33 28.12
N VAL B 172 28.08 27.47 28.15
CA VAL B 172 27.22 27.12 27.03
C VAL B 172 26.20 28.23 26.82
N HIS B 173 25.60 28.22 25.63
CA HIS B 173 24.67 29.28 25.24
C HIS B 173 23.43 29.28 26.13
N HIS B 174 23.07 30.47 26.63
CA HIS B 174 21.99 30.59 27.60
C HIS B 174 20.66 30.11 27.02
N GLY B 175 20.30 30.61 25.84
CA GLY B 175 19.01 30.27 25.27
C GLY B 175 18.91 28.81 24.86
N PHE B 176 19.98 28.26 24.28
CA PHE B 176 19.99 26.85 23.91
C PHE B 176 19.88 25.97 25.14
N HIS B 177 20.63 26.30 26.20
CA HIS B 177 20.61 25.49 27.41
C HIS B 177 19.26 25.58 28.11
N ASN B 178 18.62 26.75 28.07
CA ASN B 178 17.33 26.91 28.74
C ASN B 178 16.27 26.03 28.09
N ILE B 179 16.21 26.04 26.75
CA ILE B 179 15.30 25.14 26.05
C ILE B 179 15.65 23.69 26.37
N TYR B 180 16.94 23.40 26.52
CA TYR B 180 17.39 22.03 26.68
C TYR B 180 17.08 21.48 28.07
N THR B 181 17.04 22.34 29.09
CA THR B 181 16.97 21.89 30.47
C THR B 181 15.73 22.37 31.23
N THR B 182 14.88 23.19 30.62
CA THR B 182 13.72 23.68 31.34
C THR B 182 12.70 22.57 31.56
N GLU B 183 12.33 22.34 32.80
CA GLU B 183 11.23 21.47 33.16
C GLU B 183 10.15 22.31 33.85
N ASN B 184 8.92 21.79 33.84
CA ASN B 184 7.77 22.56 34.31
C ASN B 184 6.72 21.61 34.87
N PRO B 185 6.65 21.48 36.18
CA PRO B 185 5.45 20.88 36.79
C PRO B 185 4.27 21.83 36.63
N ARG B 186 3.19 21.29 36.03
CA ARG B 186 1.95 21.94 35.59
C ARG B 186 1.79 21.71 34.10
N SER B 187 2.90 21.45 33.41
CA SER B 187 2.85 21.21 31.98
C SER B 187 2.45 19.76 31.71
N GLN B 188 1.74 19.55 30.60
CA GLN B 188 1.33 18.21 30.24
C GLN B 188 2.50 17.40 29.70
N PHE B 189 3.38 18.03 28.91
CA PHE B 189 4.37 17.30 28.14
C PHE B 189 5.81 17.63 28.52
N ASN B 190 6.04 18.47 29.51
CA ASN B 190 7.39 18.84 29.89
C ASN B 190 7.55 18.87 31.41
N LYS B 191 6.91 17.92 32.10
CA LYS B 191 7.26 17.70 33.50
C LYS B 191 8.72 17.32 33.63
N THR B 192 9.26 16.64 32.63
CA THR B 192 10.69 16.45 32.46
C THR B 192 11.17 17.32 31.31
N CYS B 193 12.40 17.82 31.44
CA CYS B 193 12.99 18.63 30.38
C CYS B 193 13.17 17.79 29.12
N VAL B 194 13.43 18.48 28.01
CA VAL B 194 13.62 17.77 26.74
C VAL B 194 14.88 16.91 26.80
N ARG B 195 15.87 17.30 27.61
CA ARG B 195 17.07 16.49 27.76
C ARG B 195 16.73 15.11 28.31
N ASP B 196 16.00 15.06 29.43
CA ASP B 196 15.71 13.77 30.05
C ASP B 196 14.75 12.94 29.20
N GLN B 197 13.91 13.58 28.38
CA GLN B 197 13.07 12.81 27.48
C GLN B 197 13.90 12.08 26.44
N VAL B 198 14.96 12.71 25.95
CA VAL B 198 15.84 12.06 24.98
C VAL B 198 16.68 10.99 25.68
N MET B 199 17.25 11.33 26.84
CA MET B 199 18.18 10.42 27.50
C MET B 199 17.50 9.12 27.92
N GLU B 200 16.26 9.20 28.41
CA GLU B 200 15.55 8.00 28.84
C GLU B 200 15.33 7.04 27.69
N GLU B 201 14.90 7.56 26.53
CA GLU B 201 14.69 6.70 25.38
C GLU B 201 16.01 6.13 24.86
N VAL B 202 17.08 6.92 24.92
CA VAL B 202 18.37 6.44 24.45
C VAL B 202 18.85 5.27 25.32
N LYS B 203 18.66 5.38 26.64
CA LYS B 203 19.12 4.33 27.54
C LYS B 203 18.37 3.02 27.29
N ARG B 204 17.04 3.08 27.22
CA ARG B 204 16.28 1.85 27.03
C ARG B 204 16.57 1.22 25.67
N LEU B 205 16.91 2.02 24.66
CA LEU B 205 17.29 1.45 23.37
C LEU B 205 18.68 0.84 23.42
N VAL B 206 19.59 1.46 24.18
CA VAL B 206 20.90 0.85 24.41
C VAL B 206 20.74 -0.45 25.18
N GLU B 207 19.84 -0.46 26.17
CA GLU B 207 19.60 -1.68 26.94
C GLU B 207 18.90 -2.75 26.10
N GLU B 208 17.99 -2.34 25.21
CA GLU B 208 17.26 -3.32 24.43
C GLU B 208 18.15 -4.00 23.39
N TYR B 209 19.14 -3.28 22.85
CA TYR B 209 20.03 -3.82 21.83
C TYR B 209 21.46 -3.95 22.34
N LYS B 210 21.63 -4.18 23.64
CA LYS B 210 22.97 -4.25 24.23
C LYS B 210 23.79 -5.42 23.72
N ASN B 211 23.15 -6.41 23.09
CA ASN B 211 23.83 -7.59 22.60
C ASN B 211 24.22 -7.50 21.13
N GLU B 212 23.98 -6.37 20.48
CA GLU B 212 24.29 -6.18 19.07
C GLU B 212 25.29 -5.04 18.91
N GLU B 213 25.75 -4.85 17.67
CA GLU B 213 26.49 -3.66 17.32
C GLU B 213 25.54 -2.47 17.29
N VAL B 214 25.80 -1.49 18.15
CA VAL B 214 24.93 -0.32 18.27
C VAL B 214 25.74 0.94 18.02
N SER B 215 25.15 1.87 17.27
CA SER B 215 25.69 3.21 17.12
C SER B 215 24.60 4.22 17.43
N ILE B 216 25.03 5.38 17.91
CA ILE B 216 24.11 6.48 18.21
C ILE B 216 24.46 7.63 17.28
N THR B 217 23.47 8.09 16.52
CA THR B 217 23.65 9.17 15.56
C THR B 217 22.68 10.28 15.89
N VAL B 218 23.21 11.49 16.11
CA VAL B 218 22.40 12.66 16.39
C VAL B 218 22.47 13.57 15.16
N THR B 219 21.32 14.03 14.71
CA THR B 219 21.24 14.95 13.57
C THR B 219 20.56 16.24 13.99
N GLY B 220 20.81 17.29 13.21
CA GLY B 220 20.20 18.58 13.49
C GLY B 220 20.61 19.65 12.50
N HIS B 221 19.68 20.58 12.22
CA HIS B 221 19.93 21.71 11.34
C HIS B 221 19.56 23.00 12.07
N SER B 222 20.38 24.03 11.89
CA SER B 222 20.14 25.37 12.44
C SER B 222 20.11 25.26 13.96
N LEU B 223 19.06 25.75 14.65
CA LEU B 223 18.98 25.59 16.09
C LEU B 223 18.98 24.12 16.49
N GLY B 224 18.39 23.25 15.66
CA GLY B 224 18.45 21.83 15.92
C GLY B 224 19.86 21.29 15.91
N ALA B 225 20.73 21.89 15.10
CA ALA B 225 22.13 21.45 15.05
C ALA B 225 22.86 21.80 16.35
N SER B 226 22.58 22.98 16.91
CA SER B 226 23.20 23.36 18.18
C SER B 226 22.69 22.49 19.31
N LEU B 227 21.38 22.25 19.35
CA LEU B 227 20.83 21.32 20.34
C LEU B 227 21.36 19.92 20.13
N ALA B 228 21.52 19.50 18.87
CA ALA B 228 22.08 18.18 18.59
C ALA B 228 23.53 18.08 19.03
N THR B 229 24.29 19.17 18.87
CA THR B 229 25.67 19.21 19.34
C THR B 229 25.74 19.07 20.85
N LEU B 230 24.98 19.90 21.56
CA LEU B 230 24.93 19.82 23.01
C LEU B 230 24.41 18.46 23.47
N ASN B 231 23.46 17.88 22.73
CA ASN B 231 22.90 16.59 23.12
C ASN B 231 23.88 15.45 22.88
N ALA B 232 24.70 15.53 21.83
CA ALA B 232 25.68 14.48 21.58
C ALA B 232 26.81 14.52 22.58
N VAL B 233 27.31 15.71 22.90
CA VAL B 233 28.33 15.84 23.94
C VAL B 233 27.78 15.36 25.28
N ASP B 234 26.51 15.65 25.55
CA ASP B 234 25.90 15.22 26.80
C ASP B 234 25.83 13.69 26.89
N ILE B 235 25.55 13.03 25.77
CA ILE B 235 25.44 11.57 25.78
C ILE B 235 26.79 10.93 26.11
N ALA B 236 27.84 11.34 25.39
CA ALA B 236 29.15 10.70 25.57
C ALA B 236 29.76 11.05 26.92
N PHE B 237 29.52 12.27 27.41
CA PHE B 237 30.15 12.70 28.66
C PHE B 237 29.60 11.94 29.86
N ASN B 238 28.29 11.69 29.88
CA ASN B 238 27.64 11.03 31.00
C ASN B 238 27.50 9.52 30.82
N GLY B 239 28.19 8.95 29.82
CA GLY B 239 28.17 7.52 29.63
C GLY B 239 26.81 6.95 29.26
N ILE B 240 25.91 7.78 28.71
CA ILE B 240 24.61 7.28 28.31
C ILE B 240 24.72 6.33 27.13
N ASN B 241 25.84 6.36 26.41
CA ASN B 241 26.12 5.36 25.38
C ASN B 241 26.64 4.05 25.95
N LYS B 242 26.82 3.95 27.28
CA LYS B 242 27.30 2.74 27.91
C LYS B 242 26.14 1.82 28.24
N SER B 243 26.29 0.54 27.92
CA SER B 243 25.27 -0.46 28.20
C SER B 243 25.54 -1.14 29.55
N SER B 244 24.53 -1.85 30.04
CA SER B 244 24.65 -2.54 31.31
C SER B 244 25.63 -3.71 31.25
N ASN B 245 25.93 -4.22 30.05
CA ASN B 245 26.89 -5.31 29.88
C ASN B 245 28.26 -4.82 29.47
N GLY B 246 28.59 -3.56 29.78
CA GLY B 246 29.95 -3.07 29.71
C GLY B 246 30.35 -2.36 28.43
N LYS B 247 29.49 -2.32 27.42
CA LYS B 247 29.90 -1.78 26.14
C LYS B 247 29.86 -0.25 26.13
N GLU B 248 30.61 0.33 25.19
CA GLU B 248 30.64 1.77 24.95
C GLU B 248 30.37 2.02 23.47
N PHE B 249 29.13 2.36 23.14
CA PHE B 249 28.76 2.49 21.74
C PHE B 249 29.14 3.88 21.21
N PRO B 250 29.56 3.97 19.95
CA PRO B 250 30.04 5.26 19.43
C PRO B 250 28.89 6.24 19.21
N VAL B 251 29.17 7.51 19.47
CA VAL B 251 28.21 8.60 19.28
C VAL B 251 28.70 9.46 18.13
N THR B 252 27.84 9.69 17.15
CA THR B 252 28.17 10.49 15.97
C THR B 252 27.10 11.54 15.77
N ALA B 253 27.52 12.76 15.43
CA ALA B 253 26.61 13.86 15.20
C ALA B 253 26.86 14.42 13.80
N PHE B 254 25.83 14.40 12.97
CA PHE B 254 25.82 15.07 11.67
C PHE B 254 24.94 16.30 11.80
N VAL B 255 25.55 17.48 11.81
CA VAL B 255 24.84 18.73 12.04
C VAL B 255 25.02 19.64 10.83
N PHE B 256 23.98 20.40 10.51
CA PHE B 256 23.94 21.24 9.31
C PHE B 256 23.65 22.68 9.71
N ALA B 257 24.41 23.61 9.13
CA ALA B 257 24.17 25.05 9.30
C ALA B 257 24.15 25.43 10.78
N SER B 258 25.14 24.94 11.50
CA SER B 258 25.07 24.99 12.97
C SER B 258 25.65 26.29 13.50
N PRO B 259 24.91 27.02 14.34
CA PRO B 259 25.54 28.05 15.16
C PRO B 259 26.35 27.40 16.28
N LYS B 260 27.24 28.19 16.87
CA LYS B 260 28.12 27.66 17.90
C LYS B 260 27.37 27.47 19.22
N VAL B 261 27.93 26.64 20.09
CA VAL B 261 27.25 26.12 21.26
C VAL B 261 27.91 26.58 22.56
N GLY B 262 29.23 26.49 22.65
CA GLY B 262 29.93 26.72 23.89
C GLY B 262 31.26 27.43 23.69
N ASP B 263 31.95 27.65 24.82
CA ASP B 263 33.18 28.40 24.85
C ASP B 263 34.37 27.45 24.72
N LEU B 264 35.56 27.89 25.16
CA LEU B 264 36.75 27.06 24.99
C LEU B 264 36.71 25.83 25.88
N ASN B 265 36.20 25.98 27.12
CA ASN B 265 36.10 24.84 28.01
C ASN B 265 35.10 23.81 27.51
N PHE B 266 34.03 24.27 26.86
CA PHE B 266 33.14 23.35 26.16
C PHE B 266 33.88 22.60 25.06
N HIS B 267 34.70 23.31 24.28
CA HIS B 267 35.53 22.66 23.29
C HIS B 267 36.56 21.74 23.92
N LYS B 268 37.13 22.16 25.06
CA LYS B 268 38.13 21.34 25.74
C LYS B 268 37.51 20.06 26.30
N ALA B 269 36.28 20.15 26.81
CA ALA B 269 35.57 18.94 27.24
C ALA B 269 35.13 18.08 26.06
N PHE B 270 34.97 18.67 24.88
CA PHE B 270 34.65 17.88 23.70
C PHE B 270 35.84 17.07 23.22
N SER B 271 37.04 17.65 23.31
CA SER B 271 38.23 17.00 22.78
C SER B 271 38.58 15.75 23.58
N LYS B 272 38.16 15.68 24.84
CA LYS B 272 38.49 14.54 25.69
C LYS B 272 37.54 13.36 25.48
N LEU B 273 36.43 13.55 24.77
CA LEU B 273 35.45 12.49 24.54
C LEU B 273 35.84 11.76 23.25
N LYS B 274 36.53 10.64 23.39
CA LYS B 274 37.05 9.93 22.23
C LYS B 274 36.05 8.96 21.61
N HIS B 275 34.88 8.79 22.21
CA HIS B 275 33.80 8.01 21.59
C HIS B 275 32.78 8.89 20.87
N LEU B 276 33.11 10.15 20.64
CA LEU B 276 32.20 11.11 20.03
C LEU B 276 32.88 11.78 18.84
N HIS B 277 32.13 11.94 17.76
CA HIS B 277 32.60 12.65 16.57
C HIS B 277 31.45 13.43 15.97
N ILE B 278 31.75 14.65 15.52
CA ILE B 278 30.75 15.56 14.97
C ILE B 278 31.25 16.05 13.62
N LEU B 279 30.38 15.99 12.61
CA LEU B 279 30.67 16.53 11.28
C LEU B 279 29.70 17.67 11.02
N ARG B 280 30.22 18.87 10.86
CA ARG B 280 29.42 20.06 10.59
C ARG B 280 29.47 20.40 9.11
N ILE B 281 28.30 20.54 8.49
CA ILE B 281 28.20 20.99 7.11
C ILE B 281 27.95 22.49 7.12
N HIS B 282 28.81 23.25 6.45
CA HIS B 282 28.83 24.70 6.52
C HIS B 282 28.75 25.26 5.10
N ASN B 283 27.70 26.03 4.83
CA ASN B 283 27.51 26.67 3.54
C ASN B 283 28.15 28.05 3.57
N LEU B 284 28.92 28.36 2.51
CA LEU B 284 29.81 29.51 2.52
C LEU B 284 29.08 30.81 2.88
N LEU B 285 28.04 31.15 2.14
CA LEU B 285 27.36 32.42 2.34
C LEU B 285 26.38 32.40 3.51
N ASP B 286 26.12 31.25 4.11
CA ASP B 286 25.18 31.15 5.21
C ASP B 286 25.73 31.90 6.43
N ILE B 287 24.96 32.89 6.91
CA ILE B 287 25.42 33.74 8.00
C ILE B 287 25.23 33.11 9.37
N VAL B 288 24.44 32.06 9.48
CA VAL B 288 24.11 31.44 10.76
C VAL B 288 25.33 30.83 11.44
N PRO B 289 26.21 30.11 10.75
CA PRO B 289 27.40 29.56 11.42
C PRO B 289 28.33 30.61 12.03
N LYS B 290 28.09 31.90 11.80
CA LYS B 290 28.84 32.95 12.48
C LYS B 290 28.32 33.24 13.87
N TYR B 291 27.12 32.76 14.21
CA TYR B 291 26.51 33.04 15.50
C TYR B 291 26.90 32.01 16.54
N PRO B 292 27.22 32.46 17.77
CA PRO B 292 27.33 33.85 18.21
C PRO B 292 28.64 34.52 17.74
N PRO B 293 28.66 35.85 17.67
CA PRO B 293 29.80 36.53 17.03
C PRO B 293 31.09 36.50 17.83
N VAL B 294 31.05 36.29 19.14
CA VAL B 294 32.27 36.35 19.95
C VAL B 294 32.10 35.44 21.15
N GLY B 295 33.21 34.82 21.57
CA GLY B 295 33.25 34.02 22.77
C GLY B 295 32.81 32.58 22.63
N TYR B 296 32.52 32.11 21.41
CA TYR B 296 32.05 30.76 21.18
C TYR B 296 32.99 30.05 20.21
N PHE B 297 32.95 28.72 20.25
CA PHE B 297 33.89 27.90 19.51
C PHE B 297 33.17 26.72 18.87
N ASP B 298 33.55 26.42 17.63
CA ASP B 298 33.04 25.23 16.96
C ASP B 298 33.68 23.98 17.54
N VAL B 299 32.98 22.86 17.39
CA VAL B 299 33.49 21.56 17.77
C VAL B 299 33.28 20.59 16.62
N GLY B 300 34.18 19.63 16.51
CA GLY B 300 34.07 18.60 15.49
C GLY B 300 34.74 18.98 14.18
N GLN B 301 34.55 18.10 13.20
CA GLN B 301 35.07 18.28 11.87
C GLN B 301 34.07 19.06 11.02
N GLU B 302 34.57 19.77 10.01
CA GLU B 302 33.75 20.66 9.20
C GLU B 302 33.93 20.35 7.72
N LEU B 303 32.80 20.34 7.00
CA LEU B 303 32.80 20.26 5.53
C LEU B 303 32.15 21.52 4.99
N MET B 304 32.90 22.25 4.15
CA MET B 304 32.42 23.49 3.56
C MET B 304 31.84 23.22 2.18
N ILE B 305 30.69 23.84 1.89
CA ILE B 305 30.07 23.79 0.58
C ILE B 305 29.69 25.21 0.17
N ASP B 306 29.22 25.33 -1.07
CA ASP B 306 28.78 26.62 -1.60
C ASP B 306 27.61 26.35 -2.55
N THR B 307 26.38 26.51 -2.03
CA THR B 307 25.20 26.23 -2.83
C THR B 307 25.06 27.18 -4.01
N THR B 308 25.66 28.38 -3.93
CA THR B 308 25.55 29.33 -5.03
C THR B 308 26.36 28.92 -6.26
N LYS B 309 27.13 27.83 -6.19
CA LYS B 309 27.75 27.27 -7.37
C LYS B 309 26.81 26.41 -8.19
N SER B 310 25.63 26.13 -7.67
CA SER B 310 24.66 25.28 -8.36
C SER B 310 24.01 26.07 -9.50
N PRO B 311 23.99 25.54 -10.72
CA PRO B 311 23.26 26.19 -11.81
C PRO B 311 21.76 26.02 -11.73
N TYR B 312 21.26 25.29 -10.72
CA TYR B 312 19.83 25.00 -10.59
C TYR B 312 19.07 26.07 -9.80
N VAL B 313 19.73 26.75 -8.87
CA VAL B 313 19.05 27.65 -7.94
C VAL B 313 19.03 29.06 -8.52
N LYS B 314 17.97 29.79 -8.21
CA LYS B 314 17.77 31.14 -8.73
C LYS B 314 18.77 32.09 -8.09
N PRO B 315 19.74 32.63 -8.83
CA PRO B 315 20.78 33.51 -8.27
C PRO B 315 20.27 34.90 -7.89
N PRO B 316 20.92 35.54 -6.91
CA PRO B 316 22.03 34.96 -6.13
C PRO B 316 21.56 34.36 -4.81
N GLY B 317 20.26 34.49 -4.52
CA GLY B 317 19.70 33.99 -3.28
C GLY B 317 19.72 35.03 -2.16
N GLU B 318 19.29 34.58 -0.99
CA GLU B 318 19.27 35.41 0.20
C GLU B 318 19.65 34.55 1.39
N VAL B 319 19.69 35.18 2.58
CA VAL B 319 20.17 34.49 3.77
C VAL B 319 19.27 33.31 4.15
N VAL B 320 18.01 33.32 3.71
CA VAL B 320 17.14 32.18 3.94
C VAL B 320 17.46 31.05 2.96
N SER B 321 17.66 31.40 1.69
CA SER B 321 18.01 30.38 0.69
C SER B 321 19.33 29.71 1.02
N TRP B 322 20.30 30.47 1.54
CA TRP B 322 21.59 29.92 1.88
C TRP B 322 21.59 29.12 3.18
N HIS B 323 20.47 29.09 3.90
CA HIS B 323 20.43 28.47 5.21
C HIS B 323 19.61 27.18 5.29
N LEU B 324 18.57 27.04 4.46
CA LEU B 324 17.64 25.93 4.61
C LEU B 324 18.32 24.59 4.34
N LEU B 325 17.72 23.52 4.89
CA LEU B 325 18.38 22.22 4.90
C LEU B 325 18.37 21.56 3.53
N GLU B 326 17.26 21.63 2.80
CA GLU B 326 17.22 21.01 1.49
C GLU B 326 18.21 21.63 0.50
N PRO B 327 18.43 22.95 0.47
CA PRO B 327 19.57 23.46 -0.31
C PRO B 327 20.90 22.88 0.14
N TYR B 328 21.11 22.72 1.44
CA TYR B 328 22.33 22.10 1.94
C TYR B 328 22.53 20.71 1.35
N LEU B 329 21.46 19.90 1.35
CA LEU B 329 21.57 18.54 0.84
C LEU B 329 21.77 18.52 -0.67
N HIS B 330 21.11 19.44 -1.39
CA HIS B 330 21.38 19.61 -2.81
C HIS B 330 22.82 20.08 -3.04
N GLY B 331 23.33 20.93 -2.15
CA GLY B 331 24.72 21.32 -2.24
C GLY B 331 25.66 20.16 -2.03
N ILE B 332 25.38 19.33 -1.03
CA ILE B 332 26.22 18.16 -0.78
C ILE B 332 26.16 17.18 -1.94
N ALA B 333 24.97 17.04 -2.54
CA ALA B 333 24.81 16.10 -3.65
C ALA B 333 25.67 16.48 -4.85
N GLY B 334 25.97 17.77 -5.01
CA GLY B 334 26.68 18.21 -6.19
C GLY B 334 27.93 19.03 -5.94
N THR B 335 28.42 19.05 -4.70
CA THR B 335 29.58 19.88 -4.38
C THR B 335 30.86 19.28 -4.97
N GLN B 336 31.71 20.16 -5.48
CA GLN B 336 33.04 19.78 -5.95
C GLN B 336 34.13 20.55 -5.23
N GLY B 337 33.82 21.18 -4.10
CA GLY B 337 34.69 22.11 -3.44
C GLY B 337 34.20 23.55 -3.57
N ILE B 338 34.80 24.43 -2.77
CA ILE B 338 34.44 25.84 -2.80
C ILE B 338 35.45 26.67 -3.58
N GLY B 339 36.45 26.04 -4.18
CA GLY B 339 37.42 26.77 -4.98
C GLY B 339 36.77 27.54 -6.11
N MET B 340 37.47 28.59 -6.55
CA MET B 340 36.89 29.48 -7.54
C MET B 340 36.50 28.73 -8.81
N THR B 341 37.31 27.78 -9.25
CA THR B 341 37.05 27.00 -10.44
C THR B 341 36.55 25.59 -10.13
N ALA B 342 35.96 25.39 -8.96
CA ALA B 342 35.51 24.05 -8.58
C ALA B 342 34.33 23.59 -9.40
N GLY B 343 33.31 24.43 -9.53
CA GLY B 343 32.11 24.08 -10.26
C GLY B 343 31.07 23.40 -9.39
N PHE B 344 30.20 22.64 -10.05
CA PHE B 344 29.10 21.95 -9.40
C PHE B 344 28.52 20.89 -10.34
N LYS B 345 28.33 19.68 -9.83
CA LYS B 345 27.73 18.61 -10.63
C LYS B 345 27.20 17.53 -9.69
N LEU B 346 25.93 17.19 -9.86
CA LEU B 346 25.29 16.19 -9.02
C LEU B 346 25.98 14.84 -9.14
N GLU B 347 26.63 14.39 -8.07
CA GLU B 347 27.26 13.08 -8.05
C GLU B 347 26.29 11.98 -7.64
N VAL B 348 25.13 12.34 -7.08
CA VAL B 348 24.05 11.41 -6.81
C VAL B 348 22.78 11.98 -7.41
N ASN B 349 21.82 11.08 -7.68
CA ASN B 349 20.58 11.46 -8.35
C ASN B 349 19.54 11.91 -7.32
N ARG B 350 19.86 13.04 -6.66
CA ARG B 350 18.95 13.63 -5.70
C ARG B 350 18.03 14.62 -6.42
N ASP B 351 16.72 14.44 -6.22
CA ASP B 351 15.73 15.24 -6.92
C ASP B 351 15.85 16.71 -6.52
N ILE B 352 16.05 17.57 -7.52
CA ILE B 352 16.26 18.99 -7.26
C ILE B 352 14.99 19.67 -6.76
N SER B 353 13.81 19.08 -6.99
CA SER B 353 12.57 19.71 -6.56
C SER B 353 12.45 19.80 -5.04
N LEU B 354 13.25 19.03 -4.31
CA LEU B 354 13.17 19.05 -2.85
C LEU B 354 13.55 20.40 -2.26
N VAL B 355 14.40 21.17 -2.97
CA VAL B 355 14.83 22.46 -2.44
C VAL B 355 13.72 23.50 -2.45
N ASN B 356 12.63 23.25 -3.17
CA ASN B 356 11.47 24.13 -3.18
C ASN B 356 10.41 23.71 -2.17
N LYS B 357 10.74 22.83 -1.22
CA LYS B 357 9.74 22.33 -0.29
C LYS B 357 9.27 23.43 0.67
N GLN B 358 10.19 24.25 1.16
CA GLN B 358 9.85 25.29 2.14
C GLN B 358 10.15 26.70 1.64
N TRP B 359 10.50 26.87 0.37
CA TRP B 359 10.96 28.17 -0.11
C TRP B 359 10.95 28.15 -1.64
N MET B 360 11.23 29.31 -2.23
CA MET B 360 11.40 29.46 -3.68
C MET B 360 12.90 29.60 -3.95
N ILE B 361 13.48 28.60 -4.62
CA ILE B 361 14.93 28.56 -4.77
C ILE B 361 15.33 28.18 -6.19
N LEU B 362 14.63 27.20 -6.77
CA LEU B 362 14.96 26.76 -8.12
C LEU B 362 14.66 27.86 -9.14
N LYS B 363 15.37 27.79 -10.28
CA LYS B 363 15.07 28.67 -11.40
C LYS B 363 13.72 28.32 -12.00
N ASP B 364 13.08 29.33 -12.62
CA ASP B 364 11.73 29.14 -13.16
C ASP B 364 11.69 28.02 -14.19
N GLU B 365 12.77 27.82 -14.94
CA GLU B 365 12.76 26.86 -16.04
C GLU B 365 12.55 25.43 -15.55
N TYR B 366 12.81 25.14 -14.28
CA TYR B 366 12.69 23.78 -13.78
C TYR B 366 11.26 23.41 -13.41
N CYS B 367 10.35 24.39 -13.35
CA CYS B 367 8.91 24.14 -13.23
C CYS B 367 8.58 23.34 -11.98
N ILE B 368 9.04 23.83 -10.83
CA ILE B 368 8.71 23.28 -9.53
C ILE B 368 8.05 24.38 -8.71
N PRO B 369 6.83 24.19 -8.21
CA PRO B 369 6.16 25.26 -7.49
C PRO B 369 6.91 25.59 -6.23
N PRO B 370 6.81 26.83 -5.75
CA PRO B 370 7.52 27.23 -4.54
C PRO B 370 6.76 26.83 -3.29
N LEU B 371 7.52 26.47 -2.25
CA LEU B 371 6.98 26.11 -0.94
C LEU B 371 5.92 25.02 -1.07
N TRP B 372 6.24 23.97 -1.83
CA TRP B 372 5.21 23.02 -2.20
C TRP B 372 4.88 22.00 -1.12
N TRP B 373 5.70 21.85 -0.08
CA TRP B 373 5.37 20.89 0.97
C TRP B 373 4.17 21.42 1.75
N SER B 374 3.00 20.84 1.50
CA SER B 374 1.76 21.34 2.05
C SER B 374 0.69 20.26 2.00
N GLU B 375 -0.12 20.20 3.03
CA GLU B 375 -1.25 19.28 3.06
C GLU B 375 -2.35 19.78 2.13
N LYS B 376 -3.20 18.84 1.70
CA LYS B 376 -4.32 19.21 0.84
C LYS B 376 -5.19 20.26 1.52
N HIS B 377 -5.40 21.38 0.84
CA HIS B 377 -6.19 22.50 1.36
C HIS B 377 -5.63 23.03 2.68
N LYS B 378 -4.33 22.82 2.90
CA LYS B 378 -3.63 23.27 4.11
C LYS B 378 -4.33 22.78 5.37
N GLY B 379 -4.86 21.56 5.32
CA GLY B 379 -5.52 20.94 6.45
C GLY B 379 -7.03 21.06 6.45
N MET B 380 -7.60 21.92 5.62
CA MET B 380 -9.05 22.08 5.59
C MET B 380 -9.71 20.83 5.02
N VAL B 381 -10.81 20.42 5.65
CA VAL B 381 -11.53 19.21 5.26
C VAL B 381 -13.02 19.54 5.26
N GLN B 382 -13.68 19.27 4.12
CA GLN B 382 -15.09 19.60 4.00
C GLN B 382 -15.95 18.59 4.76
N GLN B 383 -16.95 19.11 5.46
CA GLN B 383 -17.87 18.29 6.23
C GLN B 383 -19.12 17.98 5.41
N GLN B 384 -19.93 17.06 5.93
CA GLN B 384 -21.08 16.57 5.17
C GLN B 384 -22.07 17.69 4.83
N ASP B 385 -22.10 18.75 5.64
CA ASP B 385 -23.02 19.86 5.40
C ASP B 385 -22.42 20.93 4.49
N GLY B 386 -21.22 20.70 3.95
CA GLY B 386 -20.60 21.64 3.04
C GLY B 386 -19.64 22.62 3.67
N SER B 387 -19.56 22.67 5.00
CA SER B 387 -18.62 23.55 5.67
C SER B 387 -17.24 22.88 5.74
N TRP B 388 -16.25 23.66 6.15
CA TRP B 388 -14.85 23.23 6.19
C TRP B 388 -14.29 23.39 7.59
N LEU B 389 -13.60 22.36 8.06
CA LEU B 389 -12.89 22.40 9.34
C LEU B 389 -11.42 22.14 9.12
N LEU B 390 -10.59 22.68 10.02
CA LEU B 390 -9.14 22.50 9.96
C LEU B 390 -8.78 21.27 10.78
N GLN B 391 -8.61 20.14 10.10
CA GLN B 391 -8.25 18.86 10.71
C GLN B 391 -6.93 18.41 10.09
N ASP B 392 -5.83 18.90 10.66
CA ASP B 392 -4.52 18.84 10.02
C ASP B 392 -3.53 17.97 10.78
N ARG B 393 -4.02 17.01 11.55
CA ARG B 393 -3.15 16.15 12.34
C ARG B 393 -3.69 14.74 12.39
N ASP B 394 -2.80 13.76 12.27
CA ASP B 394 -3.18 12.36 12.43
C ASP B 394 -3.79 12.14 13.80
N ASP B 395 -4.68 11.15 13.89
CA ASP B 395 -5.25 10.75 15.16
C ASP B 395 -4.25 9.84 15.87
N TYR B 396 -3.60 10.38 16.90
CA TYR B 396 -2.69 9.60 17.72
C TYR B 396 -2.65 10.22 19.11
N GLU B 397 -2.20 9.43 20.08
CA GLU B 397 -2.11 9.90 21.46
C GLU B 397 -0.76 10.54 21.70
N PHE B 398 -0.76 11.74 22.25
CA PHE B 398 0.47 12.44 22.57
C PHE B 398 1.25 11.72 23.67
N MET C 5 -18.87 -5.17 -15.15
CA MET C 5 -19.40 -3.84 -15.40
C MET C 5 -18.32 -2.90 -15.92
N ALA C 6 -18.70 -2.05 -16.88
CA ALA C 6 -17.76 -1.07 -17.42
C ALA C 6 -17.49 0.07 -16.43
N GLU C 7 -18.49 0.41 -15.61
CA GLU C 7 -18.30 1.48 -14.64
C GLU C 7 -17.23 1.13 -13.62
N LYS C 8 -17.34 -0.07 -13.03
CA LYS C 8 -16.52 -0.47 -11.89
C LYS C 8 -15.26 -1.24 -12.30
N TRP C 9 -14.74 -1.00 -13.50
CA TRP C 9 -13.63 -1.83 -13.98
C TRP C 9 -12.36 -1.59 -13.17
N GLU C 10 -12.14 -0.37 -12.67
CA GLU C 10 -10.96 -0.11 -11.86
C GLU C 10 -10.98 -0.94 -10.57
N GLU C 11 -12.14 -1.01 -9.92
CA GLU C 11 -12.23 -1.83 -8.71
C GLU C 11 -12.15 -3.31 -9.04
N LEU C 12 -12.77 -3.73 -10.15
CA LEU C 12 -12.68 -5.13 -10.56
C LEU C 12 -11.26 -5.51 -10.97
N SER C 13 -10.47 -4.54 -11.45
CA SER C 13 -9.07 -4.75 -11.74
C SER C 13 -8.19 -4.51 -10.52
N GLY C 14 -8.78 -4.39 -9.33
CA GLY C 14 -8.02 -4.34 -8.10
C GLY C 14 -7.50 -2.99 -7.67
N LYS C 15 -8.30 -1.93 -7.88
CA LYS C 15 -7.90 -0.62 -7.38
C LYS C 15 -7.66 -0.64 -5.88
N ASN C 16 -8.55 -1.28 -5.13
CA ASN C 16 -8.42 -1.43 -3.69
C ASN C 16 -8.04 -2.86 -3.31
N ASN C 17 -7.32 -3.55 -4.19
CA ASN C 17 -6.85 -4.92 -3.97
C ASN C 17 -8.01 -5.89 -3.70
N TRP C 18 -9.15 -5.62 -4.32
CA TRP C 18 -10.35 -6.47 -4.24
C TRP C 18 -10.86 -6.64 -2.81
N GLU C 19 -10.53 -5.71 -1.92
CA GLU C 19 -11.01 -5.80 -0.54
C GLU C 19 -12.52 -5.63 -0.49
N GLY C 20 -13.18 -6.53 0.25
CA GLY C 20 -14.62 -6.55 0.33
C GLY C 20 -15.33 -7.23 -0.82
N LEU C 21 -14.59 -7.83 -1.75
CA LEU C 21 -15.17 -8.40 -2.96
C LEU C 21 -15.00 -9.90 -3.08
N LEU C 22 -14.33 -10.55 -2.12
CA LEU C 22 -13.97 -11.97 -2.23
C LEU C 22 -14.73 -12.87 -1.27
N ASN C 23 -15.00 -12.42 -0.06
CA ASN C 23 -15.75 -13.22 0.91
C ASN C 23 -16.85 -12.36 1.55
N PRO C 24 -18.08 -12.48 1.01
CA PRO C 24 -18.44 -13.34 -0.12
C PRO C 24 -18.03 -12.76 -1.46
N LEU C 25 -17.86 -13.63 -2.46
CA LEU C 25 -17.40 -13.21 -3.78
C LEU C 25 -18.48 -12.39 -4.48
N ASP C 26 -18.10 -11.21 -4.96
CA ASP C 26 -19.02 -10.35 -5.68
C ASP C 26 -19.33 -10.94 -7.06
N LEU C 27 -20.59 -10.77 -7.50
CA LEU C 27 -21.03 -11.42 -8.74
C LEU C 27 -20.31 -10.84 -9.95
N ASP C 28 -20.17 -9.52 -10.01
CA ASP C 28 -19.47 -8.91 -11.14
C ASP C 28 -18.00 -9.30 -11.17
N LEU C 29 -17.39 -9.51 -10.00
CA LEU C 29 -16.02 -9.99 -9.96
C LEU C 29 -15.94 -11.46 -10.34
N ARG C 30 -16.97 -12.24 -9.99
CA ARG C 30 -17.01 -13.64 -10.40
C ARG C 30 -16.98 -13.76 -11.92
N LYS C 31 -17.76 -12.92 -12.61
CA LYS C 31 -17.72 -12.90 -14.08
C LYS C 31 -16.41 -12.33 -14.58
N TYR C 32 -15.89 -11.30 -13.91
CA TYR C 32 -14.66 -10.65 -14.33
C TYR C 32 -13.49 -11.62 -14.32
N ILE C 33 -13.39 -12.44 -13.27
CA ILE C 33 -12.30 -13.40 -13.16
C ILE C 33 -12.43 -14.47 -14.24
N ILE C 34 -13.64 -14.97 -14.46
CA ILE C 34 -13.86 -16.03 -15.44
C ILE C 34 -13.47 -15.56 -16.84
N GLN C 35 -13.94 -14.37 -17.23
CA GLN C 35 -13.69 -13.89 -18.58
C GLN C 35 -12.21 -13.69 -18.84
N TYR C 36 -11.43 -13.33 -17.82
CA TYR C 36 -9.99 -13.26 -17.97
C TYR C 36 -9.35 -14.65 -17.94
N GLY C 37 -9.97 -15.59 -17.24
CA GLY C 37 -9.51 -16.96 -17.29
C GLY C 37 -9.72 -17.59 -18.66
N GLU C 38 -10.84 -17.24 -19.31
CA GLU C 38 -11.08 -17.70 -20.68
C GLU C 38 -9.94 -17.29 -21.61
N LEU C 39 -9.40 -16.08 -21.40
CA LEU C 39 -8.24 -15.66 -22.18
C LEU C 39 -7.02 -16.50 -21.86
N ALA C 40 -6.84 -16.85 -20.57
CA ALA C 40 -5.75 -17.76 -20.23
C ALA C 40 -5.99 -19.13 -20.84
N GLN C 41 -7.26 -19.57 -20.90
CA GLN C 41 -7.58 -20.89 -21.43
C GLN C 41 -7.31 -20.99 -22.93
N ALA C 42 -7.50 -19.89 -23.66
CA ALA C 42 -7.27 -19.92 -25.10
C ALA C 42 -5.83 -20.26 -25.45
N THR C 43 -4.89 -20.01 -24.53
CA THR C 43 -3.51 -20.44 -24.75
C THR C 43 -3.43 -21.95 -24.92
N TYR C 44 -4.15 -22.70 -24.09
CA TYR C 44 -4.14 -24.15 -24.21
C TYR C 44 -4.92 -24.62 -25.43
N ASP C 45 -6.01 -23.94 -25.76
CA ASP C 45 -6.88 -24.41 -26.83
C ASP C 45 -6.28 -24.24 -28.21
N THR C 46 -5.31 -23.35 -28.37
CA THR C 46 -4.65 -23.16 -29.66
C THR C 46 -3.31 -23.89 -29.74
N PHE C 47 -2.82 -24.44 -28.63
CA PHE C 47 -1.47 -24.99 -28.59
C PHE C 47 -1.44 -26.42 -29.14
N ILE C 48 -0.47 -26.69 -30.00
CA ILE C 48 -0.27 -28.00 -30.60
C ILE C 48 0.72 -28.75 -29.72
N SER C 49 0.23 -29.69 -28.92
CA SER C 49 1.07 -30.53 -28.09
C SER C 49 1.41 -31.87 -28.73
N GLU C 50 0.71 -32.25 -29.79
CA GLU C 50 0.97 -33.51 -30.47
C GLU C 50 2.33 -33.44 -31.17
N ARG C 51 3.27 -34.27 -30.72
CA ARG C 51 4.63 -34.22 -31.27
C ARG C 51 4.69 -34.70 -32.71
N ALA C 52 3.66 -35.41 -33.20
CA ALA C 52 3.65 -35.83 -34.59
C ALA C 52 3.56 -34.63 -35.54
N SER C 53 2.96 -33.53 -35.08
CA SER C 53 2.82 -32.36 -35.93
C SER C 53 4.17 -31.69 -36.17
N LYS C 54 4.41 -31.30 -37.42
CA LYS C 54 5.59 -30.50 -37.70
C LYS C 54 5.47 -29.09 -37.14
N TYR C 55 4.29 -28.72 -36.66
CA TYR C 55 4.07 -27.45 -35.97
C TYR C 55 3.83 -27.66 -34.48
N ALA C 56 4.40 -28.72 -33.91
CA ALA C 56 4.28 -28.97 -32.48
C ALA C 56 4.96 -27.87 -31.69
N GLY C 57 4.27 -27.37 -30.67
CA GLY C 57 4.77 -26.25 -29.91
C GLY C 57 4.34 -24.88 -30.43
N ALA C 58 3.53 -24.83 -31.48
CA ALA C 58 3.07 -23.59 -32.07
C ALA C 58 1.56 -23.50 -32.01
N SER C 59 1.04 -22.32 -32.31
CA SER C 59 -0.39 -22.08 -32.34
C SER C 59 -0.98 -22.62 -33.63
N ARG C 60 -2.06 -23.39 -33.52
CA ARG C 60 -2.70 -23.95 -34.71
C ARG C 60 -3.67 -22.96 -35.36
N TYR C 61 -4.06 -21.91 -34.65
CA TYR C 61 -4.93 -20.88 -35.19
C TYR C 61 -4.13 -19.62 -35.46
N SER C 62 -4.52 -18.91 -36.51
CA SER C 62 -3.91 -17.62 -36.81
C SER C 62 -4.44 -16.56 -35.85
N MET C 63 -3.73 -15.44 -35.79
CA MET C 63 -4.22 -14.29 -35.03
C MET C 63 -5.57 -13.83 -35.56
N GLU C 64 -5.80 -13.97 -36.86
CA GLU C 64 -7.06 -13.54 -37.46
C GLU C 64 -8.21 -14.45 -37.05
N ASN C 65 -7.96 -15.76 -37.02
CA ASN C 65 -8.99 -16.75 -36.69
C ASN C 65 -9.10 -17.03 -35.20
N PHE C 66 -8.23 -16.44 -34.37
CA PHE C 66 -7.99 -16.91 -33.01
C PHE C 66 -9.26 -17.06 -32.17
N PHE C 67 -9.93 -15.95 -31.85
CA PHE C 67 -11.05 -16.02 -30.90
C PHE C 67 -12.23 -16.80 -31.45
N THR C 68 -12.45 -16.75 -32.76
CA THR C 68 -13.53 -17.54 -33.35
C THR C 68 -13.27 -19.03 -33.20
N LYS C 69 -12.03 -19.45 -33.41
CA LYS C 69 -11.70 -20.87 -33.40
C LYS C 69 -11.41 -21.43 -32.00
N VAL C 70 -11.25 -20.57 -30.99
CA VAL C 70 -11.15 -21.03 -29.61
C VAL C 70 -12.48 -20.91 -28.87
N GLY C 71 -13.56 -20.54 -29.57
CA GLY C 71 -14.88 -20.53 -28.99
C GLY C 71 -15.23 -19.30 -28.19
N LEU C 72 -14.51 -18.20 -28.35
CA LEU C 72 -14.77 -16.98 -27.60
C LEU C 72 -15.40 -15.93 -28.52
N ASP C 73 -15.52 -14.71 -28.01
CA ASP C 73 -16.14 -13.62 -28.76
C ASP C 73 -15.08 -12.90 -29.58
N PRO C 74 -15.20 -12.88 -30.91
CA PRO C 74 -14.17 -12.25 -31.75
C PRO C 74 -14.32 -10.74 -31.91
N SER C 75 -15.39 -10.14 -31.39
CA SER C 75 -15.63 -8.71 -31.54
C SER C 75 -15.22 -7.90 -30.32
N LYS C 76 -14.64 -8.54 -29.30
CA LYS C 76 -14.28 -7.87 -28.06
C LYS C 76 -12.80 -7.52 -27.99
N TYR C 77 -11.92 -8.47 -28.31
CA TYR C 77 -10.48 -8.25 -28.35
C TYR C 77 -9.96 -8.53 -29.75
N HIS C 78 -8.83 -7.92 -30.07
CA HIS C 78 -8.15 -8.09 -31.35
C HIS C 78 -6.72 -8.56 -31.07
N VAL C 79 -6.40 -9.76 -31.55
CA VAL C 79 -5.07 -10.30 -31.34
C VAL C 79 -4.05 -9.51 -32.15
N THR C 80 -2.92 -9.18 -31.53
CA THR C 80 -1.90 -8.38 -32.18
C THR C 80 -0.55 -9.06 -32.31
N LYS C 81 -0.22 -10.02 -31.44
CA LYS C 81 1.09 -10.64 -31.51
C LYS C 81 1.10 -11.96 -30.76
N PHE C 82 1.66 -12.99 -31.40
CA PHE C 82 2.10 -14.20 -30.70
C PHE C 82 3.55 -14.01 -30.30
N PHE C 83 3.88 -14.39 -29.07
CA PHE C 83 5.26 -14.31 -28.61
C PHE C 83 5.80 -15.70 -28.28
N TYR C 84 7.10 -15.88 -28.53
CA TYR C 84 7.74 -17.18 -28.46
C TYR C 84 8.94 -17.12 -27.51
N GLY C 85 9.22 -18.25 -26.87
CA GLY C 85 10.33 -18.35 -25.95
C GLY C 85 11.14 -19.60 -26.18
N THR C 86 12.36 -19.59 -25.63
CA THR C 86 13.27 -20.73 -25.68
C THR C 86 13.90 -20.88 -24.31
N SER C 87 14.80 -21.85 -24.19
CA SER C 87 15.52 -22.08 -22.94
C SER C 87 16.92 -22.58 -23.26
N SER C 88 17.82 -22.48 -22.28
CA SER C 88 19.20 -22.90 -22.45
C SER C 88 19.67 -23.83 -21.34
N ILE C 89 18.77 -24.28 -20.46
CA ILE C 89 19.15 -25.18 -19.37
C ILE C 89 18.26 -26.42 -19.45
N PRO C 90 18.72 -27.55 -18.89
CA PRO C 90 17.96 -28.80 -18.76
C PRO C 90 16.48 -28.62 -18.41
N ALA C 94 10.02 -31.71 -20.38
CA ALA C 94 8.73 -31.69 -21.05
C ALA C 94 8.07 -30.32 -20.98
N PHE C 95 8.86 -29.30 -20.63
CA PHE C 95 8.34 -27.93 -20.62
C PHE C 95 8.18 -27.38 -22.02
N MET C 96 8.98 -27.86 -22.97
CA MET C 96 8.96 -27.39 -24.35
C MET C 96 8.61 -28.56 -25.25
N THR C 97 7.54 -28.40 -26.04
CA THR C 97 7.10 -29.45 -26.94
C THR C 97 8.00 -29.47 -28.17
N ARG C 98 8.63 -30.62 -28.43
CA ARG C 98 9.50 -30.77 -29.58
C ARG C 98 8.82 -31.65 -30.63
N SER C 99 8.77 -31.16 -31.86
CA SER C 99 8.19 -31.92 -32.95
C SER C 99 9.07 -33.11 -33.31
N LEU C 100 8.43 -34.19 -33.76
CA LEU C 100 9.14 -35.37 -34.24
C LEU C 100 9.38 -35.34 -35.73
N SER C 101 8.87 -34.34 -36.44
CA SER C 101 9.08 -34.23 -37.88
C SER C 101 10.48 -33.72 -38.18
N ARG C 102 11.00 -34.12 -39.33
CA ARG C 102 12.24 -33.55 -39.84
C ARG C 102 12.01 -32.20 -40.52
N GLU C 103 10.75 -31.82 -40.75
CA GLU C 103 10.37 -30.51 -41.24
C GLU C 103 9.89 -29.59 -40.12
N ALA C 104 10.38 -29.80 -38.89
CA ALA C 104 9.87 -29.08 -37.73
C ALA C 104 10.00 -27.58 -37.93
N TRP C 105 8.90 -26.86 -37.65
CA TRP C 105 8.88 -25.41 -37.81
C TRP C 105 9.96 -24.73 -36.98
N SER C 106 10.31 -25.32 -35.84
CA SER C 106 11.34 -24.78 -34.97
C SER C 106 11.86 -25.89 -34.07
N LYS C 107 13.17 -25.87 -33.82
CA LYS C 107 13.79 -26.81 -32.90
C LYS C 107 14.18 -26.17 -31.58
N GLU C 108 13.95 -24.87 -31.41
CA GLU C 108 14.36 -24.15 -30.22
C GLU C 108 13.24 -23.44 -29.49
N SER C 109 12.17 -23.05 -30.18
CA SER C 109 11.17 -22.15 -29.63
C SER C 109 9.82 -22.85 -29.50
N ASN C 110 8.99 -22.28 -28.63
CA ASN C 110 7.59 -22.66 -28.49
C ASN C 110 6.73 -21.41 -28.39
N PHE C 111 5.50 -21.53 -28.86
CA PHE C 111 4.49 -20.50 -28.62
C PHE C 111 4.25 -20.38 -27.11
N MET C 112 4.45 -19.18 -26.58
CA MET C 112 4.29 -18.94 -25.15
C MET C 112 3.05 -18.13 -24.78
N GLY C 113 2.35 -17.57 -25.75
CA GLY C 113 1.14 -16.82 -25.48
C GLY C 113 0.92 -15.74 -26.51
N TRP C 114 -0.08 -14.92 -26.24
CA TRP C 114 -0.55 -13.93 -27.20
C TRP C 114 -0.92 -12.64 -26.49
N ILE C 115 -0.86 -11.55 -27.25
CA ILE C 115 -1.21 -10.22 -26.79
C ILE C 115 -2.40 -9.73 -27.60
N ALA C 116 -3.42 -9.22 -26.92
CA ALA C 116 -4.61 -8.71 -27.57
C ALA C 116 -4.97 -7.36 -26.98
N VAL C 117 -5.65 -6.53 -27.79
CA VAL C 117 -6.11 -5.23 -27.37
C VAL C 117 -7.60 -5.13 -27.65
N ALA C 118 -8.31 -4.41 -26.79
CA ALA C 118 -9.75 -4.28 -26.93
C ALA C 118 -10.11 -3.55 -28.23
N THR C 119 -11.17 -4.01 -28.88
CA THR C 119 -11.71 -3.31 -30.03
C THR C 119 -12.49 -2.08 -29.57
N ASP C 120 -12.99 -1.31 -30.54
CA ASP C 120 -13.82 -0.16 -30.20
C ASP C 120 -15.09 -0.58 -29.49
N GLU C 121 -15.76 -1.61 -30.01
CA GLU C 121 -16.95 -2.14 -29.34
C GLU C 121 -16.58 -2.73 -27.98
N GLY C 122 -15.42 -3.37 -27.89
CA GLY C 122 -15.02 -3.96 -26.63
C GLY C 122 -14.66 -2.93 -25.58
N LYS C 123 -14.07 -1.80 -26.01
CA LYS C 123 -13.72 -0.74 -25.08
C LYS C 123 -14.96 -0.21 -24.36
N VAL C 124 -16.09 -0.13 -25.08
CA VAL C 124 -17.33 0.30 -24.45
C VAL C 124 -17.77 -0.71 -23.39
N ALA C 125 -17.74 -1.99 -23.75
CA ALA C 125 -18.18 -3.03 -22.81
C ALA C 125 -17.19 -3.17 -21.65
N LEU C 126 -15.90 -3.05 -21.92
CA LEU C 126 -14.89 -3.19 -20.88
C LEU C 126 -14.69 -1.93 -20.06
N GLY C 127 -15.08 -0.77 -20.59
CA GLY C 127 -14.91 0.48 -19.89
C GLY C 127 -13.61 1.21 -20.17
N ARG C 128 -12.71 0.61 -20.95
CA ARG C 128 -11.42 1.21 -21.26
C ARG C 128 -10.71 0.35 -22.29
N ARG C 129 -9.69 0.93 -22.93
CA ARG C 129 -8.87 0.22 -23.90
C ARG C 129 -7.90 -0.67 -23.15
N ASP C 130 -8.27 -1.94 -22.98
CA ASP C 130 -7.51 -2.86 -22.15
C ASP C 130 -6.60 -3.73 -22.99
N ILE C 131 -5.34 -3.83 -22.58
CA ILE C 131 -4.33 -4.66 -23.25
C ILE C 131 -4.12 -5.89 -22.39
N VAL C 132 -4.35 -7.07 -22.97
CA VAL C 132 -4.22 -8.33 -22.23
C VAL C 132 -3.02 -9.09 -22.76
N ILE C 133 -2.23 -9.63 -21.83
CA ILE C 133 -1.04 -10.44 -22.12
C ILE C 133 -1.26 -11.78 -21.46
N ASN C 134 -1.38 -12.84 -22.26
CA ASN C 134 -1.81 -14.14 -21.76
C ASN C 134 -0.70 -15.16 -21.96
N TRP C 135 -0.18 -15.69 -20.87
CA TRP C 135 0.90 -16.66 -20.88
C TRP C 135 0.36 -18.09 -20.83
N ARG C 136 1.07 -19.00 -21.49
CA ARG C 136 0.68 -20.40 -21.56
C ARG C 136 1.41 -21.21 -20.51
N GLY C 137 0.66 -22.07 -19.83
CA GLY C 137 1.22 -23.01 -18.87
C GLY C 137 1.37 -24.39 -19.47
N THR C 138 0.99 -25.40 -18.68
CA THR C 138 1.03 -26.78 -19.15
C THR C 138 -0.14 -27.54 -18.54
N LEU C 139 -0.53 -28.61 -19.22
CA LEU C 139 -1.55 -29.51 -18.70
C LEU C 139 -0.97 -30.58 -17.80
N GLN C 140 0.36 -30.75 -17.80
CA GLN C 140 1.01 -31.77 -17.02
C GLN C 140 1.30 -31.26 -15.60
N VAL C 141 1.22 -32.18 -14.64
CA VAL C 141 1.46 -31.85 -13.24
C VAL C 141 2.49 -32.81 -12.68
N LEU C 142 2.31 -34.10 -12.94
CA LEU C 142 3.15 -35.13 -12.33
C LEU C 142 4.62 -35.00 -12.78
N GLU C 143 4.84 -34.64 -14.03
CA GLU C 143 6.16 -34.72 -14.64
C GLU C 143 7.09 -33.58 -14.27
N TRP C 144 6.65 -32.61 -13.46
CA TRP C 144 7.54 -31.50 -13.15
C TRP C 144 7.43 -31.02 -11.71
N VAL C 145 6.22 -30.98 -11.15
CA VAL C 145 6.01 -30.31 -9.86
C VAL C 145 6.75 -30.99 -8.73
N ASN C 146 7.14 -32.26 -8.89
CA ASN C 146 7.84 -33.00 -7.85
C ASN C 146 9.32 -33.21 -8.18
N ASP C 147 9.80 -32.73 -9.32
CA ASP C 147 11.18 -32.94 -9.74
C ASP C 147 11.89 -31.68 -10.23
N LEU C 148 11.17 -30.64 -10.61
CA LEU C 148 11.81 -29.43 -11.13
C LEU C 148 12.61 -28.74 -10.03
N GLN C 149 13.86 -28.40 -10.33
CA GLN C 149 14.68 -27.68 -9.38
C GLN C 149 14.23 -26.23 -9.27
N PHE C 150 14.51 -25.63 -8.12
CA PHE C 150 14.05 -24.28 -7.80
C PHE C 150 15.19 -23.45 -7.22
N LEU C 151 16.31 -23.40 -7.94
CA LEU C 151 17.40 -22.51 -7.54
C LEU C 151 16.96 -21.06 -7.64
N LEU C 152 17.34 -20.27 -6.63
CA LEU C 152 17.06 -18.85 -6.61
C LEU C 152 18.20 -18.10 -7.29
N VAL C 153 17.87 -17.31 -8.31
CA VAL C 153 18.88 -16.59 -9.09
C VAL C 153 18.45 -15.14 -9.26
N PRO C 154 19.38 -14.21 -9.43
CA PRO C 154 18.97 -12.82 -9.72
C PRO C 154 18.44 -12.68 -11.13
N ALA C 155 17.61 -11.64 -11.32
CA ALA C 155 16.99 -11.33 -12.61
C ALA C 155 17.47 -9.95 -13.03
N PRO C 156 18.68 -9.86 -13.60
CA PRO C 156 19.22 -8.53 -13.95
C PRO C 156 18.38 -7.78 -14.98
N LYS C 157 17.81 -8.49 -15.96
CA LYS C 157 17.00 -7.84 -16.97
C LYS C 157 15.70 -7.27 -16.40
N VAL C 158 15.31 -7.70 -15.20
CA VAL C 158 14.09 -7.21 -14.56
C VAL C 158 14.41 -6.11 -13.54
N PHE C 159 15.32 -6.38 -12.61
CA PHE C 159 15.57 -5.47 -11.50
C PHE C 159 16.93 -4.77 -11.58
N GLY C 160 17.88 -5.31 -12.35
CA GLY C 160 19.20 -4.71 -12.44
C GLY C 160 20.31 -5.63 -11.97
N HIS C 169 18.81 -7.40 -5.25
CA HIS C 169 18.21 -8.04 -4.07
C HIS C 169 17.24 -9.19 -4.39
N PRO C 170 16.29 -9.01 -5.31
CA PRO C 170 15.33 -10.09 -5.59
C PRO C 170 16.00 -11.29 -6.22
N LEU C 171 15.64 -12.47 -5.72
CA LEU C 171 16.02 -13.75 -6.32
C LEU C 171 14.77 -14.44 -6.83
N VAL C 172 14.84 -15.00 -8.03
CA VAL C 172 13.70 -15.59 -8.70
C VAL C 172 14.02 -17.03 -9.07
N HIS C 173 12.99 -17.74 -9.55
CA HIS C 173 13.12 -19.15 -9.90
C HIS C 173 14.01 -19.30 -11.15
N HIS C 174 15.05 -20.12 -11.02
CA HIS C 174 16.03 -20.27 -12.09
C HIS C 174 15.38 -20.74 -13.40
N GLY C 175 14.48 -21.72 -13.30
CA GLY C 175 13.85 -22.24 -14.50
C GLY C 175 12.93 -21.22 -15.16
N PHE C 176 12.07 -20.58 -14.37
CA PHE C 176 11.15 -19.59 -14.93
C PHE C 176 11.91 -18.42 -15.52
N HIS C 177 13.00 -18.02 -14.87
CA HIS C 177 13.81 -16.92 -15.38
C HIS C 177 14.50 -17.29 -16.68
N ASN C 178 14.97 -18.54 -16.79
CA ASN C 178 15.66 -18.97 -18.01
C ASN C 178 14.73 -18.96 -19.21
N ILE C 179 13.51 -19.48 -19.05
CA ILE C 179 12.51 -19.39 -20.12
C ILE C 179 12.22 -17.92 -20.44
N TYR C 180 12.23 -17.07 -19.41
CA TYR C 180 11.81 -15.69 -19.57
C TYR C 180 12.85 -14.83 -20.27
N THR C 181 14.14 -15.17 -20.14
CA THR C 181 15.20 -14.26 -20.55
C THR C 181 16.21 -14.85 -21.53
N THR C 182 16.03 -16.08 -22.00
CA THR C 182 17.03 -16.69 -22.86
C THR C 182 16.93 -16.16 -24.28
N GLU C 183 18.03 -15.64 -24.79
CA GLU C 183 18.19 -15.23 -26.18
C GLU C 183 18.95 -16.29 -26.95
N ASN C 184 18.82 -16.25 -28.27
CA ASN C 184 19.54 -17.17 -29.16
C ASN C 184 19.68 -16.49 -30.52
N PRO C 185 20.86 -15.95 -30.84
CA PRO C 185 21.03 -15.31 -32.15
C PRO C 185 20.94 -16.27 -33.31
N ARG C 186 21.23 -17.54 -33.10
CA ARG C 186 21.16 -18.55 -34.14
C ARG C 186 19.75 -19.07 -34.39
N SER C 187 18.76 -18.58 -33.66
CA SER C 187 17.40 -19.11 -33.73
C SER C 187 16.52 -18.25 -34.63
N GLN C 188 15.48 -18.89 -35.15
CA GLN C 188 14.57 -18.21 -36.07
C GLN C 188 13.64 -17.25 -35.34
N PHE C 189 13.17 -17.65 -34.16
CA PHE C 189 12.09 -16.93 -33.49
C PHE C 189 12.46 -16.39 -32.12
N ASN C 190 13.69 -16.58 -31.65
CA ASN C 190 14.09 -16.10 -30.34
C ASN C 190 15.45 -15.42 -30.40
N LYS C 191 15.69 -14.62 -31.44
CA LYS C 191 16.82 -13.71 -31.42
C LYS C 191 16.72 -12.75 -30.24
N THR C 192 15.51 -12.40 -29.85
CA THR C 192 15.22 -11.70 -28.60
C THR C 192 14.43 -12.62 -27.69
N CYS C 193 14.69 -12.53 -26.39
CA CYS C 193 14.00 -13.37 -25.43
C CYS C 193 12.50 -13.11 -25.46
N VAL C 194 11.73 -14.08 -24.94
CA VAL C 194 10.27 -13.96 -24.94
C VAL C 194 9.84 -12.69 -24.22
N ARG C 195 10.62 -12.26 -23.24
CA ARG C 195 10.22 -11.12 -22.45
C ARG C 195 10.31 -9.82 -23.25
N ASP C 196 11.39 -9.64 -24.01
CA ASP C 196 11.49 -8.47 -24.87
C ASP C 196 10.44 -8.49 -25.98
N GLN C 197 10.05 -9.69 -26.46
CA GLN C 197 8.97 -9.77 -27.43
C GLN C 197 7.66 -9.24 -26.84
N VAL C 198 7.44 -9.49 -25.55
CA VAL C 198 6.24 -8.99 -24.89
C VAL C 198 6.33 -7.49 -24.63
N MET C 199 7.48 -7.03 -24.11
CA MET C 199 7.61 -5.62 -23.74
C MET C 199 7.53 -4.71 -24.96
N GLU C 200 8.16 -5.10 -26.07
CA GLU C 200 8.12 -4.28 -27.27
C GLU C 200 6.69 -4.10 -27.77
N GLU C 201 5.87 -5.15 -27.67
CA GLU C 201 4.48 -5.02 -28.10
C GLU C 201 3.66 -4.20 -27.11
N VAL C 202 3.95 -4.29 -25.82
CA VAL C 202 3.24 -3.47 -24.85
C VAL C 202 3.57 -2.00 -25.05
N LYS C 203 4.82 -1.69 -25.37
CA LYS C 203 5.21 -0.30 -25.61
C LYS C 203 4.45 0.29 -26.79
N ARG C 204 4.51 -0.37 -27.95
CA ARG C 204 3.84 0.18 -29.13
C ARG C 204 2.34 0.27 -28.94
N LEU C 205 1.75 -0.63 -28.17
CA LEU C 205 0.32 -0.55 -27.90
C LEU C 205 0.01 0.59 -26.95
N VAL C 206 0.80 0.74 -25.89
CA VAL C 206 0.64 1.89 -24.99
C VAL C 206 0.84 3.18 -25.75
N GLU C 207 1.82 3.21 -26.66
CA GLU C 207 2.09 4.42 -27.42
C GLU C 207 0.99 4.69 -28.45
N GLU C 208 0.41 3.62 -29.02
CA GLU C 208 -0.63 3.81 -30.02
C GLU C 208 -1.94 4.28 -29.38
N TYR C 209 -2.20 3.89 -28.13
CA TYR C 209 -3.43 4.27 -27.45
C TYR C 209 -3.17 5.21 -26.27
N LYS C 210 -2.08 5.98 -26.34
CA LYS C 210 -1.69 6.84 -25.23
C LYS C 210 -2.70 7.95 -24.94
N ASN C 211 -3.58 8.26 -25.89
CA ASN C 211 -4.57 9.32 -25.71
C ASN C 211 -5.87 8.81 -25.10
N GLU C 212 -5.93 7.54 -24.72
CA GLU C 212 -7.15 6.94 -24.21
C GLU C 212 -6.93 6.40 -22.80
N GLU C 213 -8.03 5.95 -22.19
CA GLU C 213 -7.99 5.28 -20.90
C GLU C 213 -7.54 3.84 -21.13
N VAL C 214 -6.33 3.51 -20.70
CA VAL C 214 -5.69 2.24 -21.03
C VAL C 214 -5.43 1.45 -19.75
N SER C 215 -5.61 0.14 -19.83
CA SER C 215 -5.22 -0.77 -18.76
C SER C 215 -4.41 -1.93 -19.33
N ILE C 216 -3.53 -2.47 -18.51
CA ILE C 216 -2.69 -3.61 -18.87
C ILE C 216 -3.06 -4.77 -17.96
N THR C 217 -3.48 -5.89 -18.55
CA THR C 217 -3.90 -7.06 -17.79
C THR C 217 -3.09 -8.26 -18.25
N VAL C 218 -2.43 -8.93 -17.32
CA VAL C 218 -1.65 -10.13 -17.61
C VAL C 218 -2.41 -11.33 -17.04
N THR C 219 -2.55 -12.38 -17.84
CA THR C 219 -3.21 -13.60 -17.40
C THR C 219 -2.27 -14.79 -17.55
N GLY C 220 -2.50 -15.81 -16.72
CA GLY C 220 -1.72 -17.02 -16.79
C GLY C 220 -2.22 -18.09 -15.85
N HIS C 221 -2.03 -19.35 -16.24
CA HIS C 221 -2.40 -20.49 -15.41
C HIS C 221 -1.20 -21.41 -15.27
N SER C 222 -1.09 -22.04 -14.11
CA SER C 222 -0.03 -23.01 -13.81
C SER C 222 1.31 -22.29 -13.99
N LEU C 223 2.24 -22.82 -14.77
CA LEU C 223 3.51 -22.13 -15.01
C LEU C 223 3.30 -20.84 -15.78
N GLY C 224 2.27 -20.78 -16.62
CA GLY C 224 1.90 -19.52 -17.25
C GLY C 224 1.53 -18.44 -16.26
N ALA C 225 1.10 -18.84 -15.06
CA ALA C 225 0.80 -17.86 -14.01
C ALA C 225 2.06 -17.35 -13.33
N SER C 226 3.09 -18.19 -13.21
CA SER C 226 4.37 -17.72 -12.70
C SER C 226 5.01 -16.72 -13.65
N LEU C 227 5.03 -17.04 -14.94
CA LEU C 227 5.57 -16.11 -15.93
C LEU C 227 4.72 -14.85 -16.01
N ALA C 228 3.40 -14.99 -15.91
CA ALA C 228 2.53 -13.82 -15.91
C ALA C 228 2.80 -12.93 -14.70
N THR C 229 3.07 -13.56 -13.55
CA THR C 229 3.40 -12.79 -12.35
C THR C 229 4.73 -12.05 -12.51
N LEU C 230 5.77 -12.78 -12.89
CA LEU C 230 7.07 -12.15 -13.13
C LEU C 230 6.98 -11.09 -14.22
N ASN C 231 6.12 -11.30 -15.22
CA ASN C 231 5.97 -10.31 -16.29
C ASN C 231 5.20 -9.09 -15.82
N ALA C 232 4.24 -9.26 -14.90
CA ALA C 232 3.50 -8.11 -14.39
C ALA C 232 4.37 -7.23 -13.51
N VAL C 233 5.21 -7.85 -12.66
CA VAL C 233 6.16 -7.09 -11.86
C VAL C 233 7.17 -6.39 -12.76
N ASP C 234 7.64 -7.08 -13.80
CA ASP C 234 8.60 -6.50 -14.72
C ASP C 234 8.04 -5.24 -15.39
N ILE C 235 6.78 -5.30 -15.82
CA ILE C 235 6.16 -4.16 -16.49
C ILE C 235 6.10 -2.95 -15.55
N ALA C 236 5.59 -3.16 -14.33
CA ALA C 236 5.41 -2.05 -13.40
C ALA C 236 6.75 -1.53 -12.90
N PHE C 237 7.73 -2.41 -12.71
CA PHE C 237 9.01 -1.98 -12.17
C PHE C 237 9.78 -1.11 -13.15
N ASN C 238 9.65 -1.35 -14.45
CA ASN C 238 10.44 -0.66 -15.45
C ASN C 238 9.64 0.38 -16.22
N GLY C 239 8.49 0.79 -15.70
CA GLY C 239 7.72 1.85 -16.32
C GLY C 239 7.18 1.55 -17.70
N ILE C 240 7.14 0.27 -18.09
CA ILE C 240 6.61 -0.09 -19.41
C ILE C 240 5.13 0.23 -19.51
N ASN C 241 4.45 0.44 -18.39
CA ASN C 241 3.09 0.94 -18.38
C ASN C 241 3.02 2.46 -18.47
N LYS C 242 4.15 3.16 -18.40
CA LYS C 242 4.18 4.61 -18.50
C LYS C 242 4.28 5.02 -19.96
N SER C 243 3.36 5.89 -20.39
CA SER C 243 3.35 6.35 -21.77
C SER C 243 4.26 7.57 -21.93
N SER C 244 4.60 7.86 -23.20
CA SER C 244 5.51 8.96 -23.48
C SER C 244 4.88 10.32 -23.22
N ASN C 245 3.55 10.41 -23.17
CA ASN C 245 2.87 11.67 -22.86
C ASN C 245 2.60 11.84 -21.37
N GLY C 246 3.17 10.98 -20.53
CA GLY C 246 3.20 11.20 -19.10
C GLY C 246 2.17 10.45 -18.28
N LYS C 247 1.47 9.48 -18.86
CA LYS C 247 0.45 8.75 -18.12
C LYS C 247 1.05 7.50 -17.47
N GLU C 248 0.37 7.03 -16.42
CA GLU C 248 0.69 5.78 -15.74
C GLU C 248 -0.53 4.87 -15.82
N PHE C 249 -0.50 3.93 -16.75
CA PHE C 249 -1.63 3.03 -16.90
C PHE C 249 -1.52 1.88 -15.90
N PRO C 250 -2.64 1.43 -15.32
CA PRO C 250 -2.57 0.41 -14.27
C PRO C 250 -2.28 -0.97 -14.83
N VAL C 251 -1.50 -1.75 -14.08
CA VAL C 251 -1.16 -3.12 -14.45
C VAL C 251 -1.84 -4.06 -13.47
N THR C 252 -2.62 -4.99 -13.99
CA THR C 252 -3.33 -5.98 -13.20
C THR C 252 -3.06 -7.37 -13.75
N ALA C 253 -2.93 -8.36 -12.87
CA ALA C 253 -2.75 -9.74 -13.31
C ALA C 253 -3.73 -10.64 -12.58
N PHE C 254 -4.44 -11.46 -13.34
CA PHE C 254 -5.25 -12.54 -12.81
C PHE C 254 -4.55 -13.85 -13.13
N VAL C 255 -4.08 -14.55 -12.10
CA VAL C 255 -3.34 -15.79 -12.27
C VAL C 255 -4.07 -16.91 -11.55
N PHE C 256 -3.98 -18.11 -12.11
CA PHE C 256 -4.68 -19.28 -11.60
C PHE C 256 -3.69 -20.40 -11.36
N ALA C 257 -3.85 -21.08 -10.22
CA ALA C 257 -3.02 -22.24 -9.87
C ALA C 257 -1.54 -21.91 -9.99
N SER C 258 -1.14 -20.81 -9.37
CA SER C 258 0.19 -20.25 -9.60
C SER C 258 1.21 -20.84 -8.64
N PRO C 259 2.32 -21.36 -9.14
CA PRO C 259 3.49 -21.58 -8.27
C PRO C 259 4.10 -20.25 -7.86
N LYS C 260 4.86 -20.28 -6.78
CA LYS C 260 5.57 -19.09 -6.34
C LYS C 260 6.73 -18.77 -7.28
N VAL C 261 7.17 -17.52 -7.25
CA VAL C 261 8.09 -16.98 -8.23
C VAL C 261 9.44 -16.62 -7.62
N GLY C 262 9.43 -15.89 -6.50
CA GLY C 262 10.65 -15.35 -5.94
C GLY C 262 10.65 -15.34 -4.43
N ASP C 263 11.78 -14.93 -3.87
CA ASP C 263 11.99 -14.92 -2.43
C ASP C 263 11.29 -13.74 -1.77
N LEU C 264 11.67 -13.43 -0.53
CA LEU C 264 11.05 -12.31 0.17
C LEU C 264 11.47 -10.96 -0.41
N ASN C 265 12.70 -10.88 -0.93
CA ASN C 265 13.11 -9.65 -1.61
C ASN C 265 12.29 -9.42 -2.87
N PHE C 266 11.92 -10.49 -3.57
CA PHE C 266 10.97 -10.36 -4.66
C PHE C 266 9.62 -9.84 -4.15
N HIS C 267 9.14 -10.38 -3.03
CA HIS C 267 7.91 -9.89 -2.43
C HIS C 267 8.06 -8.44 -2.00
N LYS C 268 9.23 -8.07 -1.49
CA LYS C 268 9.47 -6.69 -1.08
C LYS C 268 9.42 -5.75 -2.28
N ALA C 269 10.03 -6.14 -3.39
CA ALA C 269 9.99 -5.32 -4.60
C ALA C 269 8.57 -5.20 -5.13
N PHE C 270 7.79 -6.27 -5.02
CA PHE C 270 6.40 -6.22 -5.48
C PHE C 270 5.57 -5.26 -4.63
N SER C 271 5.83 -5.22 -3.32
CA SER C 271 5.03 -4.40 -2.42
C SER C 271 5.20 -2.91 -2.68
N LYS C 272 6.31 -2.50 -3.28
CA LYS C 272 6.54 -1.09 -3.57
C LYS C 272 5.80 -0.60 -4.80
N LEU C 273 5.35 -1.51 -5.66
CA LEU C 273 4.70 -1.15 -6.92
C LEU C 273 3.22 -0.89 -6.66
N LYS C 274 2.85 0.39 -6.60
CA LYS C 274 1.50 0.76 -6.17
C LYS C 274 0.47 0.69 -7.29
N HIS C 275 0.89 0.71 -8.55
CA HIS C 275 -0.03 0.59 -9.67
C HIS C 275 -0.06 -0.83 -10.24
N LEU C 276 0.28 -1.82 -9.43
CA LEU C 276 0.24 -3.22 -9.81
C LEU C 276 -0.57 -3.99 -8.79
N HIS C 277 -1.43 -4.89 -9.27
CA HIS C 277 -2.26 -5.71 -8.40
C HIS C 277 -2.38 -7.10 -8.98
N ILE C 278 -2.07 -8.11 -8.17
CA ILE C 278 -2.19 -9.51 -8.55
C ILE C 278 -3.31 -10.15 -7.73
N LEU C 279 -4.10 -10.98 -8.37
CA LEU C 279 -5.12 -11.80 -7.70
C LEU C 279 -4.92 -13.24 -8.14
N ARG C 280 -4.51 -14.10 -7.21
CA ARG C 280 -4.28 -15.51 -7.49
C ARG C 280 -5.49 -16.31 -7.08
N ILE C 281 -5.91 -17.24 -7.95
CA ILE C 281 -6.96 -18.19 -7.63
C ILE C 281 -6.29 -19.49 -7.20
N HIS C 282 -6.70 -20.01 -6.04
CA HIS C 282 -6.03 -21.14 -5.41
C HIS C 282 -7.07 -22.20 -5.08
N ASN C 283 -7.02 -23.34 -5.77
CA ASN C 283 -7.89 -24.46 -5.46
C ASN C 283 -7.31 -25.25 -4.30
N LEU C 284 -8.17 -25.61 -3.35
CA LEU C 284 -7.73 -26.16 -2.07
C LEU C 284 -6.80 -27.35 -2.25
N LEU C 285 -7.25 -28.35 -3.02
CA LEU C 285 -6.51 -29.60 -3.15
C LEU C 285 -5.40 -29.55 -4.20
N ASP C 286 -5.29 -28.46 -4.94
CA ASP C 286 -4.22 -28.33 -5.94
C ASP C 286 -2.87 -28.27 -5.23
N ILE C 287 -1.93 -29.12 -5.65
CA ILE C 287 -0.62 -29.17 -5.03
C ILE C 287 0.40 -28.25 -5.69
N VAL C 288 0.03 -27.60 -6.80
CA VAL C 288 0.97 -26.77 -7.55
C VAL C 288 1.26 -25.45 -6.84
N PRO C 289 0.29 -24.77 -6.22
CA PRO C 289 0.64 -23.57 -5.44
C PRO C 289 1.60 -23.86 -4.28
N LYS C 290 1.76 -25.13 -3.89
CA LYS C 290 2.74 -25.47 -2.86
C LYS C 290 4.17 -25.35 -3.38
N TYR C 291 4.37 -25.28 -4.69
CA TYR C 291 5.70 -25.25 -5.28
C TYR C 291 6.18 -23.82 -5.48
N PRO C 292 7.47 -23.55 -5.20
CA PRO C 292 8.46 -24.45 -4.61
C PRO C 292 8.28 -24.59 -3.10
N PRO C 293 8.75 -25.71 -2.53
CA PRO C 293 8.42 -26.00 -1.13
C PRO C 293 9.08 -25.09 -0.12
N VAL C 294 10.26 -24.52 -0.42
CA VAL C 294 11.01 -23.76 0.57
C VAL C 294 11.68 -22.57 -0.11
N GLY C 295 11.65 -21.42 0.56
CA GLY C 295 12.39 -20.25 0.14
C GLY C 295 11.65 -19.28 -0.76
N TYR C 296 10.37 -19.53 -1.04
CA TYR C 296 9.58 -18.70 -1.95
C TYR C 296 8.34 -18.18 -1.25
N PHE C 297 7.82 -17.07 -1.75
CA PHE C 297 6.68 -16.40 -1.12
C PHE C 297 5.72 -15.92 -2.20
N ASP C 298 4.43 -16.02 -1.91
CA ASP C 298 3.41 -15.57 -2.83
C ASP C 298 3.33 -14.05 -2.86
N VAL C 299 2.77 -13.54 -3.94
CA VAL C 299 2.57 -12.10 -4.12
C VAL C 299 1.11 -11.85 -4.46
N GLY C 300 0.61 -10.70 -4.03
CA GLY C 300 -0.73 -10.28 -4.39
C GLY C 300 -1.81 -10.91 -3.53
N GLN C 301 -3.06 -10.60 -3.91
CA GLN C 301 -4.24 -11.07 -3.24
C GLN C 301 -4.59 -12.50 -3.69
N GLU C 302 -5.34 -13.21 -2.86
CA GLU C 302 -5.66 -14.61 -3.11
C GLU C 302 -7.15 -14.86 -2.86
N LEU C 303 -7.78 -15.56 -3.79
CA LEU C 303 -9.12 -16.11 -3.62
C LEU C 303 -9.03 -17.63 -3.56
N MET C 304 -9.73 -18.24 -2.61
CA MET C 304 -9.65 -19.67 -2.37
C MET C 304 -10.94 -20.33 -2.84
N ILE C 305 -10.81 -21.42 -3.59
CA ILE C 305 -11.94 -22.22 -4.05
C ILE C 305 -11.67 -23.68 -3.76
N ASP C 306 -12.74 -24.49 -3.82
CA ASP C 306 -12.64 -25.93 -3.61
C ASP C 306 -13.55 -26.61 -4.64
N THR C 307 -12.97 -26.98 -5.79
CA THR C 307 -13.76 -27.56 -6.87
C THR C 307 -14.39 -28.89 -6.50
N THR C 308 -13.89 -29.57 -5.46
CA THR C 308 -14.46 -30.85 -5.08
C THR C 308 -15.84 -30.71 -4.45
N LYS C 309 -16.23 -29.50 -4.03
CA LYS C 309 -17.59 -29.27 -3.56
C LYS C 309 -18.61 -29.29 -4.69
N SER C 310 -18.16 -29.28 -5.94
CA SER C 310 -19.08 -29.29 -7.06
C SER C 310 -19.72 -30.67 -7.21
N PRO C 311 -21.05 -30.76 -7.29
CA PRO C 311 -21.69 -32.05 -7.55
C PRO C 311 -21.63 -32.51 -8.99
N TYR C 312 -21.03 -31.71 -9.88
CA TYR C 312 -20.92 -32.08 -11.28
C TYR C 312 -19.69 -32.96 -11.55
N VAL C 313 -18.62 -32.77 -10.79
CA VAL C 313 -17.35 -33.41 -11.09
C VAL C 313 -17.32 -34.82 -10.51
N LYS C 314 -16.63 -35.71 -11.21
CA LYS C 314 -16.50 -37.11 -10.80
C LYS C 314 -15.66 -37.21 -9.55
N PRO C 315 -16.24 -37.62 -8.40
CA PRO C 315 -15.41 -37.78 -7.19
C PRO C 315 -14.48 -38.98 -7.30
N PRO C 316 -13.32 -38.93 -6.63
CA PRO C 316 -12.86 -37.77 -5.85
C PRO C 316 -11.82 -36.92 -6.57
N GLY C 317 -11.46 -37.30 -7.79
CA GLY C 317 -10.49 -36.55 -8.56
C GLY C 317 -9.05 -36.93 -8.26
N GLU C 318 -8.13 -36.23 -8.92
CA GLU C 318 -6.70 -36.45 -8.77
C GLU C 318 -6.00 -35.10 -8.93
N VAL C 319 -4.66 -35.13 -8.87
CA VAL C 319 -3.88 -33.91 -8.82
C VAL C 319 -4.11 -33.05 -10.08
N VAL C 320 -4.32 -33.69 -11.22
CA VAL C 320 -4.47 -32.89 -12.43
C VAL C 320 -5.91 -32.38 -12.58
N SER C 321 -6.91 -33.10 -12.05
CA SER C 321 -8.27 -32.58 -12.08
C SER C 321 -8.39 -31.35 -11.20
N TRP C 322 -7.66 -31.34 -10.08
CA TRP C 322 -7.66 -30.20 -9.17
C TRP C 322 -6.84 -29.03 -9.70
N HIS C 323 -6.17 -29.18 -10.83
CA HIS C 323 -5.21 -28.20 -11.32
C HIS C 323 -5.62 -27.53 -12.63
N LEU C 324 -6.32 -28.23 -13.51
CA LEU C 324 -6.59 -27.69 -14.84
C LEU C 324 -7.45 -26.44 -14.78
N LEU C 325 -7.34 -25.60 -15.82
CA LEU C 325 -7.91 -24.26 -15.77
C LEU C 325 -9.43 -24.29 -15.86
N GLU C 326 -9.99 -25.10 -16.75
CA GLU C 326 -11.44 -25.14 -16.87
C GLU C 326 -12.13 -25.60 -15.59
N PRO C 327 -11.63 -26.59 -14.84
CA PRO C 327 -12.22 -26.85 -13.51
C PRO C 327 -12.11 -25.66 -12.58
N TYR C 328 -10.99 -24.94 -12.61
CA TYR C 328 -10.87 -23.70 -11.82
C TYR C 328 -12.00 -22.73 -12.15
N LEU C 329 -12.18 -22.43 -13.44
CA LEU C 329 -13.22 -21.49 -13.85
C LEU C 329 -14.61 -22.03 -13.55
N HIS C 330 -14.80 -23.36 -13.63
CA HIS C 330 -16.05 -23.95 -13.17
C HIS C 330 -16.21 -23.76 -11.67
N GLY C 331 -15.12 -23.92 -10.91
CA GLY C 331 -15.19 -23.71 -9.48
C GLY C 331 -15.49 -22.27 -9.12
N ILE C 332 -14.95 -21.32 -9.90
CA ILE C 332 -15.21 -19.91 -9.65
C ILE C 332 -16.68 -19.58 -9.92
N ALA C 333 -17.26 -20.22 -10.95
CA ALA C 333 -18.65 -19.95 -11.29
C ALA C 333 -19.62 -20.42 -10.22
N GLY C 334 -19.18 -21.29 -9.31
CA GLY C 334 -20.09 -21.85 -8.33
C GLY C 334 -19.59 -21.84 -6.90
N THR C 335 -18.44 -21.21 -6.64
CA THR C 335 -17.88 -21.21 -5.30
C THR C 335 -18.78 -20.44 -4.35
N GLN C 336 -19.03 -21.03 -3.18
CA GLN C 336 -19.74 -20.37 -2.09
C GLN C 336 -18.85 -20.23 -0.87
N GLY C 337 -17.54 -20.27 -1.06
CA GLY C 337 -16.58 -20.42 0.01
C GLY C 337 -16.08 -21.85 0.11
N ILE C 338 -15.05 -22.03 0.94
CA ILE C 338 -14.47 -23.35 1.19
C ILE C 338 -14.83 -23.89 2.55
N GLY C 339 -15.66 -23.19 3.33
CA GLY C 339 -16.05 -23.68 4.63
C GLY C 339 -16.76 -25.02 4.54
N MET C 340 -16.83 -25.69 5.70
CA MET C 340 -17.35 -27.05 5.73
C MET C 340 -18.78 -27.13 5.21
N THR C 341 -19.59 -26.09 5.49
CA THR C 341 -21.00 -26.09 5.13
C THR C 341 -21.31 -25.18 3.95
N ALA C 342 -20.31 -24.86 3.13
CA ALA C 342 -20.51 -23.87 2.07
C ALA C 342 -21.41 -24.41 0.97
N GLY C 343 -21.09 -25.57 0.43
CA GLY C 343 -21.81 -26.08 -0.71
C GLY C 343 -21.25 -25.53 -2.02
N PHE C 344 -22.10 -25.57 -3.04
CA PHE C 344 -21.71 -25.18 -4.40
C PHE C 344 -22.95 -24.99 -5.27
N LYS C 345 -23.02 -23.86 -5.99
CA LYS C 345 -24.10 -23.65 -6.95
C LYS C 345 -23.65 -22.59 -7.95
N LEU C 346 -23.91 -22.86 -9.22
CA LEU C 346 -23.52 -21.96 -10.30
C LEU C 346 -24.27 -20.63 -10.18
N GLU C 347 -23.53 -19.55 -9.95
CA GLU C 347 -24.11 -18.21 -9.97
C GLU C 347 -24.13 -17.60 -11.35
N VAL C 348 -23.25 -18.04 -12.24
CA VAL C 348 -23.30 -17.70 -13.66
C VAL C 348 -23.56 -18.97 -14.44
N ASN C 349 -24.14 -18.82 -15.64
CA ASN C 349 -24.50 -19.98 -16.45
C ASN C 349 -23.36 -20.33 -17.39
N ARG C 350 -22.29 -20.86 -16.81
CA ARG C 350 -21.15 -21.34 -17.57
C ARG C 350 -21.32 -22.82 -17.87
N ASP C 351 -21.17 -23.18 -19.14
CA ASP C 351 -21.37 -24.56 -19.59
C ASP C 351 -20.42 -25.51 -18.85
N ILE C 352 -21.01 -26.51 -18.18
CA ILE C 352 -20.20 -27.46 -17.42
C ILE C 352 -19.38 -28.36 -18.34
N SER C 353 -19.72 -28.44 -19.64
CA SER C 353 -18.99 -29.31 -20.55
C SER C 353 -17.57 -28.83 -20.80
N LEU C 354 -17.29 -27.54 -20.57
CA LEU C 354 -15.96 -27.00 -20.82
C LEU C 354 -14.90 -27.70 -19.97
N VAL C 355 -15.28 -28.24 -18.81
CA VAL C 355 -14.31 -28.89 -17.94
C VAL C 355 -13.80 -30.21 -18.49
N ASN C 356 -14.46 -30.75 -19.52
CA ASN C 356 -14.01 -31.98 -20.17
C ASN C 356 -13.19 -31.70 -21.43
N LYS C 357 -12.75 -30.46 -21.62
CA LYS C 357 -12.03 -30.12 -22.85
C LYS C 357 -10.67 -30.83 -22.91
N GLN C 358 -9.93 -30.85 -21.80
CA GLN C 358 -8.60 -31.45 -21.78
C GLN C 358 -8.50 -32.64 -20.83
N TRP C 359 -9.61 -33.14 -20.30
CA TRP C 359 -9.55 -34.20 -19.30
C TRP C 359 -10.94 -34.79 -19.12
N MET C 360 -10.98 -35.93 -18.42
CA MET C 360 -12.23 -36.54 -17.98
C MET C 360 -12.50 -36.09 -16.54
N ILE C 361 -13.56 -35.31 -16.35
CA ILE C 361 -13.79 -34.67 -15.07
C ILE C 361 -15.25 -34.77 -14.66
N LEU C 362 -16.16 -34.57 -15.61
CA LEU C 362 -17.58 -34.62 -15.31
C LEU C 362 -18.03 -36.04 -14.98
N LYS C 363 -19.07 -36.13 -14.16
CA LYS C 363 -19.73 -37.40 -13.93
C LYS C 363 -20.30 -37.93 -15.24
N ASP C 364 -20.36 -39.26 -15.36
CA ASP C 364 -20.81 -39.87 -16.61
C ASP C 364 -22.26 -39.55 -16.93
N GLU C 365 -23.07 -39.21 -15.92
CA GLU C 365 -24.48 -38.93 -16.16
C GLU C 365 -24.71 -37.68 -17.00
N TYR C 366 -23.74 -36.76 -17.03
CA TYR C 366 -23.90 -35.53 -17.79
C TYR C 366 -23.61 -35.70 -19.27
N CYS C 367 -23.08 -36.85 -19.68
CA CYS C 367 -22.98 -37.24 -21.09
C CYS C 367 -22.17 -36.23 -21.91
N ILE C 368 -20.94 -35.99 -21.46
CA ILE C 368 -19.98 -35.15 -22.16
C ILE C 368 -18.74 -36.00 -22.42
N PRO C 369 -18.27 -36.10 -23.67
CA PRO C 369 -17.10 -36.94 -23.93
C PRO C 369 -15.88 -36.40 -23.20
N PRO C 370 -14.91 -37.26 -22.90
CA PRO C 370 -13.70 -36.79 -22.24
C PRO C 370 -12.67 -36.28 -23.24
N LEU C 371 -11.95 -35.25 -22.80
CA LEU C 371 -10.89 -34.61 -23.59
C LEU C 371 -11.39 -34.23 -24.99
N TRP C 372 -12.58 -33.63 -25.04
CA TRP C 372 -13.24 -33.46 -26.32
C TRP C 372 -12.71 -32.31 -27.14
N TRP C 373 -11.86 -31.43 -26.59
CA TRP C 373 -11.27 -30.39 -27.42
C TRP C 373 -10.22 -31.01 -28.33
N SER C 374 -10.55 -31.12 -29.62
CA SER C 374 -9.70 -31.81 -30.57
C SER C 374 -10.17 -31.50 -31.99
N GLU C 375 -9.22 -31.29 -32.90
CA GLU C 375 -9.57 -31.04 -34.28
C GLU C 375 -10.12 -32.29 -34.93
N LYS C 376 -10.80 -32.12 -36.07
CA LYS C 376 -11.39 -33.24 -36.78
C LYS C 376 -10.30 -34.20 -37.25
N HIS C 377 -10.48 -35.48 -36.94
CA HIS C 377 -9.53 -36.53 -37.28
C HIS C 377 -8.13 -36.19 -36.76
N LYS C 378 -8.08 -35.41 -35.68
CA LYS C 378 -6.84 -34.88 -35.12
C LYS C 378 -5.98 -34.21 -36.19
N GLY C 379 -6.65 -33.65 -37.21
CA GLY C 379 -5.98 -32.93 -38.26
C GLY C 379 -5.41 -33.76 -39.38
N MET C 380 -6.01 -34.91 -39.70
CA MET C 380 -5.37 -35.83 -40.63
C MET C 380 -5.64 -35.49 -42.09
N VAL C 381 -6.86 -35.05 -42.42
CA VAL C 381 -7.18 -34.51 -43.75
C VAL C 381 -6.88 -35.47 -44.90
N GLN C 382 -7.92 -36.00 -45.54
CA GLN C 382 -7.71 -36.91 -46.66
C GLN C 382 -7.36 -36.15 -47.94
N GLN C 383 -6.58 -36.80 -48.80
CA GLN C 383 -6.15 -36.23 -50.07
C GLN C 383 -6.96 -36.80 -51.23
N GLN C 384 -6.64 -36.34 -52.44
CA GLN C 384 -7.39 -36.75 -53.62
C GLN C 384 -7.16 -38.22 -53.95
N ASP C 385 -5.95 -38.73 -53.71
CA ASP C 385 -5.63 -40.12 -54.01
C ASP C 385 -6.02 -41.08 -52.88
N GLY C 386 -6.78 -40.60 -51.88
CA GLY C 386 -7.26 -41.45 -50.81
C GLY C 386 -6.39 -41.49 -49.58
N SER C 387 -5.15 -41.02 -49.66
CA SER C 387 -4.25 -41.02 -48.51
C SER C 387 -4.59 -39.86 -47.58
N TRP C 388 -3.92 -39.84 -46.43
CA TRP C 388 -4.15 -38.84 -45.39
C TRP C 388 -2.82 -38.20 -45.00
N LEU C 389 -2.83 -36.88 -44.78
CA LEU C 389 -1.63 -36.11 -44.48
C LEU C 389 -1.91 -35.14 -43.35
N LEU C 390 -1.19 -35.28 -42.23
CA LEU C 390 -1.39 -34.43 -41.06
C LEU C 390 -1.24 -32.95 -41.39
N GLN C 391 -2.38 -32.25 -41.50
CA GLN C 391 -2.42 -30.82 -41.80
C GLN C 391 -3.29 -30.17 -40.73
N ASP C 392 -2.64 -29.71 -39.65
CA ASP C 392 -3.34 -29.37 -38.42
C ASP C 392 -3.19 -27.91 -38.00
N ARG C 393 -2.63 -27.06 -38.85
CA ARG C 393 -2.36 -25.67 -38.48
C ARG C 393 -2.91 -24.73 -39.53
N ASP C 394 -3.43 -23.58 -39.08
CA ASP C 394 -3.75 -22.49 -39.99
C ASP C 394 -2.50 -22.04 -40.72
N ASP C 395 -2.68 -21.55 -41.94
CA ASP C 395 -1.60 -20.97 -42.73
C ASP C 395 -1.60 -19.46 -42.47
N TYR C 396 -0.59 -18.95 -41.75
CA TYR C 396 -0.63 -17.54 -41.38
C TYR C 396 0.71 -16.81 -41.45
N GLU C 397 1.86 -17.50 -41.40
CA GLU C 397 3.21 -16.95 -41.35
C GLU C 397 3.64 -16.61 -39.93
N PHE C 398 4.73 -17.21 -39.48
CA PHE C 398 5.24 -17.03 -38.13
C PHE C 398 5.94 -15.68 -37.97
N MET D 5 20.10 -44.74 16.93
CA MET D 5 21.47 -45.08 17.36
C MET D 5 21.93 -44.12 18.49
N ALA D 6 22.54 -44.67 19.56
CA ALA D 6 22.78 -43.87 20.76
C ALA D 6 23.92 -42.87 20.61
N GLU D 7 24.97 -43.20 19.87
CA GLU D 7 26.10 -42.27 19.91
C GLU D 7 25.88 -41.08 18.98
N LYS D 8 25.04 -41.22 17.97
CA LYS D 8 24.76 -40.09 17.06
C LYS D 8 23.46 -39.37 17.38
N TRP D 9 23.02 -39.41 18.64
CA TRP D 9 21.67 -38.96 18.95
C TRP D 9 21.46 -37.47 18.68
N GLU D 10 22.49 -36.64 18.90
CA GLU D 10 22.33 -35.20 18.66
C GLU D 10 22.27 -34.89 17.17
N GLU D 11 23.09 -35.58 16.37
CA GLU D 11 22.98 -35.43 14.92
C GLU D 11 21.58 -35.80 14.44
N LEU D 12 21.03 -36.89 14.97
CA LEU D 12 19.66 -37.26 14.64
C LEU D 12 18.66 -36.28 15.25
N SER D 13 19.00 -35.67 16.38
CA SER D 13 18.14 -34.66 17.00
C SER D 13 18.40 -33.26 16.48
N GLY D 14 19.06 -33.14 15.33
CA GLY D 14 19.21 -31.86 14.67
C GLY D 14 20.42 -31.04 15.04
N LYS D 15 21.53 -31.70 15.40
CA LYS D 15 22.74 -30.95 15.73
C LYS D 15 23.18 -30.07 14.57
N ASN D 16 23.03 -30.55 13.34
CA ASN D 16 23.38 -29.80 12.14
C ASN D 16 22.15 -29.54 11.27
N ASN D 17 20.96 -29.50 11.88
CA ASN D 17 19.71 -29.25 11.17
C ASN D 17 19.41 -30.37 10.16
N TRP D 18 19.85 -31.60 10.47
CA TRP D 18 19.61 -32.77 9.64
C TRP D 18 20.10 -32.60 8.21
N GLU D 19 21.15 -31.81 8.02
CA GLU D 19 21.67 -31.56 6.68
C GLU D 19 22.33 -32.82 6.13
N GLY D 20 21.99 -33.16 4.89
CA GLY D 20 22.48 -34.37 4.26
C GLY D 20 21.87 -35.67 4.76
N LEU D 21 20.87 -35.59 5.64
CA LEU D 21 20.22 -36.78 6.19
C LEU D 21 18.80 -36.96 5.68
N LEU D 22 18.30 -36.08 4.80
CA LEU D 22 16.93 -36.14 4.34
C LEU D 22 16.77 -36.67 2.92
N ASN D 23 17.76 -36.46 2.05
CA ASN D 23 17.62 -36.87 0.65
C ASN D 23 18.96 -37.35 0.08
N PRO D 24 19.15 -38.68 0.04
CA PRO D 24 18.21 -39.71 0.46
C PRO D 24 18.06 -39.81 1.98
N LEU D 25 16.93 -40.32 2.44
CA LEU D 25 16.63 -40.34 3.87
C LEU D 25 17.52 -41.35 4.58
N ASP D 26 18.26 -40.89 5.59
CA ASP D 26 19.13 -41.77 6.36
C ASP D 26 18.31 -42.83 7.09
N LEU D 27 18.86 -44.04 7.16
CA LEU D 27 18.12 -45.16 7.74
C LEU D 27 17.85 -44.94 9.22
N ASP D 28 18.89 -44.58 9.99
CA ASP D 28 18.70 -44.40 11.43
C ASP D 28 17.80 -43.21 11.72
N LEU D 29 17.90 -42.14 10.92
CA LEU D 29 16.98 -41.02 11.08
C LEU D 29 15.55 -41.44 10.75
N ARG D 30 15.38 -42.33 9.77
CA ARG D 30 14.06 -42.86 9.46
C ARG D 30 13.47 -43.60 10.66
N LYS D 31 14.26 -44.47 11.29
CA LYS D 31 13.82 -45.11 12.52
C LYS D 31 13.62 -44.08 13.63
N TYR D 32 14.52 -43.10 13.70
CA TYR D 32 14.46 -42.08 14.75
C TYR D 32 13.16 -41.29 14.69
N ILE D 33 12.79 -40.85 13.49
CA ILE D 33 11.56 -40.09 13.32
C ILE D 33 10.35 -40.95 13.67
N ILE D 34 10.35 -42.20 13.23
CA ILE D 34 9.20 -43.08 13.46
C ILE D 34 9.00 -43.32 14.96
N GLN D 35 10.10 -43.47 15.70
CA GLN D 35 9.97 -43.81 17.12
C GLN D 35 9.42 -42.63 17.93
N TYR D 36 9.74 -41.40 17.53
CA TYR D 36 9.12 -40.25 18.19
C TYR D 36 7.70 -40.02 17.70
N GLY D 37 7.40 -40.40 16.46
CA GLY D 37 6.03 -40.35 16.00
C GLY D 37 5.12 -41.30 16.76
N GLU D 38 5.67 -42.43 17.21
CA GLU D 38 4.90 -43.35 18.04
C GLU D 38 4.53 -42.71 19.37
N LEU D 39 5.43 -41.91 19.93
CA LEU D 39 5.12 -41.18 21.16
C LEU D 39 4.02 -40.15 20.92
N ALA D 40 3.94 -39.60 19.72
CA ALA D 40 2.84 -38.69 19.39
C ALA D 40 1.55 -39.45 19.11
N GLN D 41 1.65 -40.63 18.50
CA GLN D 41 0.46 -41.43 18.26
C GLN D 41 -0.17 -41.93 19.56
N ALA D 42 0.66 -42.12 20.59
CA ALA D 42 0.15 -42.58 21.88
C ALA D 42 -0.81 -41.57 22.51
N THR D 43 -0.70 -40.28 22.17
CA THR D 43 -1.66 -39.32 22.69
C THR D 43 -3.05 -39.55 22.11
N TYR D 44 -3.13 -40.03 20.86
CA TYR D 44 -4.42 -40.35 20.27
C TYR D 44 -4.96 -41.67 20.81
N ASP D 45 -4.09 -42.68 20.98
CA ASP D 45 -4.53 -44.01 21.37
C ASP D 45 -5.06 -44.07 22.79
N THR D 46 -4.71 -43.10 23.63
CA THR D 46 -5.18 -43.07 25.01
C THR D 46 -6.32 -42.08 25.23
N PHE D 47 -6.71 -41.33 24.22
CA PHE D 47 -7.67 -40.24 24.36
C PHE D 47 -9.09 -40.75 24.15
N ILE D 48 -9.99 -40.37 25.06
CA ILE D 48 -11.39 -40.76 24.98
C ILE D 48 -12.15 -39.67 24.22
N SER D 49 -12.52 -39.97 22.97
CA SER D 49 -13.31 -39.04 22.18
C SER D 49 -14.79 -39.36 22.20
N GLU D 50 -15.19 -40.49 22.78
CA GLU D 50 -16.60 -40.86 22.87
C GLU D 50 -17.29 -39.96 23.88
N ARG D 51 -18.19 -39.09 23.39
CA ARG D 51 -18.87 -38.15 24.26
C ARG D 51 -19.78 -38.83 25.27
N ALA D 52 -20.18 -40.09 25.01
CA ALA D 52 -21.00 -40.82 25.97
C ALA D 52 -20.24 -41.11 27.25
N SER D 53 -18.91 -41.22 27.18
CA SER D 53 -18.12 -41.52 28.36
C SER D 53 -18.13 -40.36 29.33
N LYS D 54 -18.28 -40.68 30.63
CA LYS D 54 -18.16 -39.66 31.66
C LYS D 54 -16.73 -39.14 31.76
N TYR D 55 -15.76 -39.81 31.13
CA TYR D 55 -14.38 -39.35 31.08
C TYR D 55 -13.98 -38.92 29.67
N ALA D 56 -14.94 -38.42 28.91
CA ALA D 56 -14.65 -37.90 27.58
C ALA D 56 -13.68 -36.72 27.67
N GLY D 57 -12.61 -36.78 26.89
CA GLY D 57 -11.59 -35.75 26.92
C GLY D 57 -10.42 -36.05 27.84
N ALA D 58 -10.44 -37.17 28.55
CA ALA D 58 -9.36 -37.57 29.44
C ALA D 58 -8.63 -38.79 28.88
N SER D 59 -7.46 -39.05 29.46
CA SER D 59 -6.72 -40.26 29.11
C SER D 59 -7.40 -41.48 29.72
N ARG D 60 -7.66 -42.49 28.89
CA ARG D 60 -8.28 -43.70 29.40
C ARG D 60 -7.32 -44.59 30.16
N TYR D 61 -6.01 -44.40 29.96
CA TYR D 61 -5.00 -45.24 30.59
C TYR D 61 -4.28 -44.44 31.68
N SER D 62 -3.92 -45.12 32.75
CA SER D 62 -3.08 -44.51 33.77
C SER D 62 -1.68 -44.26 33.22
N MET D 63 -0.89 -43.52 33.99
CA MET D 63 0.52 -43.35 33.66
C MET D 63 1.33 -44.60 33.95
N GLU D 64 0.79 -45.50 34.77
CA GLU D 64 1.53 -46.71 35.17
C GLU D 64 1.58 -47.73 34.04
N ASN D 65 0.42 -48.19 33.57
CA ASN D 65 0.34 -49.13 32.46
C ASN D 65 0.26 -48.45 31.10
N PHE D 66 0.78 -47.22 30.99
CA PHE D 66 0.59 -46.40 29.79
C PHE D 66 1.21 -47.04 28.55
N PHE D 67 2.54 -47.18 28.53
CA PHE D 67 3.21 -47.69 27.35
C PHE D 67 2.78 -49.12 27.03
N THR D 68 2.48 -49.92 28.06
CA THR D 68 2.02 -51.28 27.82
C THR D 68 0.69 -51.29 27.09
N LYS D 69 -0.25 -50.43 27.51
CA LYS D 69 -1.59 -50.46 26.96
C LYS D 69 -1.75 -49.67 25.66
N VAL D 70 -0.78 -48.84 25.29
CA VAL D 70 -0.79 -48.22 23.97
C VAL D 70 0.02 -49.05 22.96
N GLY D 71 0.50 -50.22 23.36
CA GLY D 71 1.20 -51.10 22.45
C GLY D 71 2.63 -50.72 22.17
N LEU D 72 3.28 -49.99 23.06
CA LEU D 72 4.66 -49.58 22.90
C LEU D 72 5.53 -50.22 23.96
N ASP D 73 6.83 -50.06 23.81
CA ASP D 73 7.79 -50.65 24.74
C ASP D 73 7.74 -49.92 26.08
N PRO D 74 7.29 -50.56 27.16
CA PRO D 74 7.23 -49.88 28.46
C PRO D 74 8.56 -49.81 29.18
N SER D 75 9.64 -50.29 28.57
CA SER D 75 10.93 -50.39 29.23
C SER D 75 11.90 -49.26 28.89
N LYS D 76 11.48 -48.30 28.06
CA LYS D 76 12.39 -47.24 27.61
C LYS D 76 12.08 -45.88 28.22
N TYR D 77 10.82 -45.52 28.40
CA TYR D 77 10.45 -44.25 28.99
C TYR D 77 9.58 -44.47 30.22
N HIS D 78 9.46 -43.41 31.02
CA HIS D 78 8.67 -43.44 32.25
C HIS D 78 7.77 -42.20 32.26
N VAL D 79 6.46 -42.43 32.16
CA VAL D 79 5.50 -41.33 32.16
C VAL D 79 5.52 -40.63 33.50
N THR D 80 5.69 -39.30 33.49
CA THR D 80 5.79 -38.53 34.71
C THR D 80 4.66 -37.52 34.92
N LYS D 81 3.96 -37.11 33.87
CA LYS D 81 2.86 -36.18 34.06
C LYS D 81 1.92 -36.18 32.86
N PHE D 82 0.62 -36.11 33.15
CA PHE D 82 -0.39 -35.71 32.18
C PHE D 82 -0.68 -34.24 32.37
N PHE D 83 -0.76 -33.49 31.26
CA PHE D 83 -1.08 -32.08 31.33
C PHE D 83 -2.39 -31.79 30.59
N TYR D 84 -3.13 -30.80 31.09
CA TYR D 84 -4.49 -30.51 30.64
C TYR D 84 -4.61 -29.04 30.28
N GLY D 85 -5.49 -28.75 29.32
CA GLY D 85 -5.67 -27.39 28.86
C GLY D 85 -7.14 -27.05 28.71
N THR D 86 -7.40 -25.75 28.68
CA THR D 86 -8.75 -25.22 28.51
C THR D 86 -8.69 -24.00 27.60
N SER D 87 -9.86 -23.52 27.20
CA SER D 87 -9.96 -22.38 26.31
C SER D 87 -11.03 -21.43 26.82
N SER D 88 -11.06 -20.21 26.25
CA SER D 88 -12.05 -19.22 26.62
C SER D 88 -12.64 -18.48 25.43
N ILE D 89 -12.28 -18.85 24.20
CA ILE D 89 -12.82 -18.22 23.00
C ILE D 89 -13.56 -19.30 22.21
N PRO D 90 -14.43 -18.89 21.29
CA PRO D 90 -15.13 -19.90 20.48
C PRO D 90 -14.17 -20.66 19.57
N LEU D 91 -14.37 -21.98 19.51
CA LEU D 91 -13.55 -22.84 18.66
C LEU D 91 -14.42 -23.87 17.94
N ALA D 94 -15.29 -28.44 18.26
CA ALA D 94 -14.77 -29.78 18.06
C ALA D 94 -13.38 -29.92 18.66
N PHE D 95 -12.72 -28.78 18.91
CA PHE D 95 -11.37 -28.79 19.46
C PHE D 95 -11.34 -29.45 20.83
N MET D 96 -12.35 -29.20 21.66
CA MET D 96 -12.40 -29.68 23.03
C MET D 96 -13.53 -30.71 23.16
N THR D 97 -13.18 -31.91 23.59
CA THR D 97 -14.17 -32.97 23.76
C THR D 97 -14.93 -32.77 25.06
N ARG D 98 -16.26 -32.73 24.96
CA ARG D 98 -17.13 -32.52 26.11
C ARG D 98 -17.97 -33.76 26.34
N SER D 99 -17.97 -34.25 27.57
CA SER D 99 -18.78 -35.40 27.93
C SER D 99 -20.26 -35.02 27.94
N LEU D 100 -21.11 -36.01 27.64
CA LEU D 100 -22.55 -35.85 27.72
C LEU D 100 -23.10 -36.37 29.04
N SER D 101 -22.24 -36.81 29.95
CA SER D 101 -22.66 -37.32 31.24
C SER D 101 -22.80 -36.19 32.25
N ARG D 102 -23.83 -36.29 33.09
CA ARG D 102 -23.97 -35.36 34.20
C ARG D 102 -22.92 -35.60 35.28
N GLU D 103 -22.25 -36.75 35.25
CA GLU D 103 -21.14 -37.05 36.15
C GLU D 103 -19.79 -36.87 35.46
N ALA D 104 -19.70 -35.90 34.53
CA ALA D 104 -18.49 -35.72 33.75
C ALA D 104 -17.30 -35.37 34.64
N TRP D 105 -16.13 -35.90 34.29
CA TRP D 105 -14.93 -35.65 35.07
C TRP D 105 -14.55 -34.18 35.06
N SER D 106 -14.88 -33.47 33.98
CA SER D 106 -14.52 -32.07 33.85
C SER D 106 -15.43 -31.42 32.81
N LYS D 107 -15.74 -30.15 33.04
CA LYS D 107 -16.55 -29.37 32.12
C LYS D 107 -15.74 -28.31 31.37
N GLU D 108 -14.44 -28.19 31.65
CA GLU D 108 -13.63 -27.13 31.07
C GLU D 108 -12.40 -27.66 30.35
N SER D 109 -11.83 -28.75 30.83
CA SER D 109 -10.49 -29.17 30.43
C SER D 109 -10.52 -30.47 29.63
N ASN D 110 -9.43 -30.68 28.88
CA ASN D 110 -9.16 -31.92 28.17
C ASN D 110 -7.72 -32.35 28.40
N PHE D 111 -7.50 -33.65 28.32
CA PHE D 111 -6.15 -34.19 28.29
C PHE D 111 -5.44 -33.71 27.03
N MET D 112 -4.33 -32.98 27.20
CA MET D 112 -3.61 -32.43 26.08
C MET D 112 -2.32 -33.17 25.75
N GLY D 113 -1.86 -34.06 26.61
CA GLY D 113 -0.66 -34.81 26.33
C GLY D 113 0.00 -35.29 27.61
N TRP D 114 1.26 -35.73 27.45
CA TRP D 114 1.97 -36.41 28.52
C TRP D 114 3.46 -36.12 28.42
N ILE D 115 4.12 -36.17 29.58
CA ILE D 115 5.56 -35.96 29.67
C ILE D 115 6.19 -37.24 30.23
N ALA D 116 7.27 -37.68 29.60
CA ALA D 116 7.99 -38.86 30.06
C ALA D 116 9.48 -38.59 30.00
N VAL D 117 10.22 -39.25 30.88
CA VAL D 117 11.67 -39.16 30.92
C VAL D 117 12.25 -40.54 30.67
N ALA D 118 13.43 -40.58 30.06
CA ALA D 118 14.06 -41.85 29.75
C ALA D 118 14.41 -42.60 31.03
N THR D 119 14.27 -43.91 30.99
CA THR D 119 14.66 -44.75 32.11
C THR D 119 16.18 -44.96 32.09
N ASP D 120 16.67 -45.80 33.00
CA ASP D 120 18.11 -46.07 33.05
C ASP D 120 18.56 -46.87 31.84
N GLU D 121 17.92 -48.02 31.59
CA GLU D 121 18.25 -48.82 30.42
C GLU D 121 17.93 -48.10 29.12
N GLY D 122 16.86 -47.30 29.12
CA GLY D 122 16.53 -46.52 27.93
C GLY D 122 17.53 -45.42 27.64
N LYS D 123 18.14 -44.86 28.68
CA LYS D 123 19.21 -43.88 28.47
C LYS D 123 20.38 -44.52 27.73
N VAL D 124 20.66 -45.79 28.01
CA VAL D 124 21.70 -46.52 27.28
C VAL D 124 21.31 -46.65 25.81
N ALA D 125 20.03 -46.93 25.55
CA ALA D 125 19.57 -47.08 24.17
C ALA D 125 19.48 -45.73 23.47
N LEU D 126 19.10 -44.67 24.19
CA LEU D 126 18.96 -43.35 23.60
C LEU D 126 20.26 -42.57 23.54
N GLY D 127 21.17 -42.80 24.48
CA GLY D 127 22.41 -42.06 24.55
C GLY D 127 22.40 -40.86 25.45
N ARG D 128 21.27 -40.57 26.09
CA ARG D 128 21.15 -39.42 26.99
C ARG D 128 19.83 -39.55 27.74
N ARG D 129 19.73 -38.82 28.85
CA ARG D 129 18.49 -38.78 29.63
C ARG D 129 17.50 -37.91 28.88
N ASP D 130 16.67 -38.55 28.06
CA ASP D 130 15.76 -37.84 27.18
C ASP D 130 14.45 -37.52 27.90
N ILE D 131 13.97 -36.30 27.72
CA ILE D 131 12.70 -35.84 28.29
C ILE D 131 11.77 -35.55 27.11
N VAL D 132 10.73 -36.34 26.97
CA VAL D 132 9.79 -36.22 25.84
C VAL D 132 8.53 -35.51 26.31
N ILE D 133 8.06 -34.57 25.49
CA ILE D 133 6.82 -33.84 25.72
C ILE D 133 5.95 -34.05 24.48
N ASN D 134 4.85 -34.77 24.64
CA ASN D 134 4.02 -35.18 23.51
C ASN D 134 2.67 -34.48 23.60
N TRP D 135 2.33 -33.72 22.56
CA TRP D 135 1.09 -32.98 22.51
C TRP D 135 0.06 -33.74 21.68
N ARG D 136 -1.22 -33.48 21.96
CA ARG D 136 -2.32 -34.18 21.34
C ARG D 136 -2.99 -33.27 20.31
N GLY D 137 -3.08 -33.73 19.07
CA GLY D 137 -3.83 -33.03 18.06
C GLY D 137 -5.27 -33.50 18.01
N THR D 138 -5.80 -33.70 16.80
CA THR D 138 -7.15 -34.22 16.63
C THR D 138 -7.18 -35.11 15.40
N LEU D 139 -8.16 -36.02 15.37
CA LEU D 139 -8.41 -36.86 14.21
C LEU D 139 -9.21 -36.15 13.14
N GLN D 140 -9.73 -34.96 13.43
CA GLN D 140 -10.59 -34.24 12.51
C GLN D 140 -9.79 -33.26 11.65
N VAL D 141 -10.26 -33.05 10.43
CA VAL D 141 -9.62 -32.15 9.49
C VAL D 141 -10.64 -31.15 8.97
N LEU D 142 -11.65 -31.65 8.24
CA LEU D 142 -12.62 -30.78 7.59
C LEU D 142 -13.45 -29.97 8.57
N GLU D 143 -13.57 -30.42 9.81
CA GLU D 143 -14.37 -29.68 10.79
C GLU D 143 -13.72 -28.38 11.24
N TRP D 144 -12.44 -28.16 10.96
CA TRP D 144 -11.77 -26.96 11.44
C TRP D 144 -10.80 -26.32 10.45
N VAL D 145 -10.14 -27.07 9.58
CA VAL D 145 -9.08 -26.51 8.75
C VAL D 145 -9.60 -25.48 7.75
N ASN D 146 -10.90 -25.47 7.49
CA ASN D 146 -11.49 -24.55 6.53
C ASN D 146 -12.39 -23.50 7.18
N ASP D 147 -12.47 -23.47 8.51
CA ASP D 147 -13.31 -22.49 9.19
C ASP D 147 -12.66 -21.85 10.41
N LEU D 148 -11.57 -22.39 10.94
CA LEU D 148 -10.92 -21.81 12.11
C LEU D 148 -10.23 -20.51 11.75
N GLN D 149 -10.63 -19.42 12.40
CA GLN D 149 -9.97 -18.14 12.17
C GLN D 149 -8.52 -18.19 12.64
N PHE D 150 -7.72 -17.27 12.12
CA PHE D 150 -6.27 -17.28 12.33
C PHE D 150 -5.75 -15.87 12.58
N LEU D 151 -6.44 -15.13 13.46
CA LEU D 151 -5.98 -13.80 13.84
C LEU D 151 -4.62 -13.91 14.55
N LEU D 152 -3.72 -12.99 14.21
CA LEU D 152 -2.39 -12.95 14.80
C LEU D 152 -2.41 -12.08 16.05
N VAL D 153 -2.02 -12.66 17.18
CA VAL D 153 -2.03 -11.95 18.46
C VAL D 153 -0.66 -12.12 19.11
N PRO D 154 -0.29 -11.22 20.02
CA PRO D 154 0.97 -11.39 20.76
C PRO D 154 0.86 -12.50 21.79
N ALA D 155 2.02 -13.00 22.20
CA ALA D 155 2.14 -14.09 23.18
C ALA D 155 2.99 -13.61 24.34
N PRO D 156 2.42 -12.85 25.28
CA PRO D 156 3.24 -12.30 26.38
C PRO D 156 3.87 -13.37 27.26
N LYS D 157 3.15 -14.47 27.54
CA LYS D 157 3.71 -15.51 28.39
C LYS D 157 4.93 -16.17 27.76
N VAL D 158 5.09 -16.07 26.44
CA VAL D 158 6.24 -16.65 25.76
C VAL D 158 7.35 -15.62 25.60
N PHE D 159 7.02 -14.43 25.10
CA PHE D 159 8.02 -13.44 24.73
C PHE D 159 8.01 -12.19 25.60
N GLY D 160 6.83 -11.74 26.04
CA GLY D 160 6.74 -10.56 26.90
C GLY D 160 5.98 -9.41 26.29
N HIS D 169 7.39 -8.34 19.59
CA HIS D 169 7.12 -8.32 18.16
C HIS D 169 6.42 -9.59 17.60
N PRO D 170 6.92 -10.79 17.90
CA PRO D 170 6.36 -11.99 17.26
C PRO D 170 4.89 -12.19 17.61
N LEU D 171 4.10 -12.48 16.58
CA LEU D 171 2.68 -12.78 16.71
C LEU D 171 2.42 -14.25 16.41
N VAL D 172 1.39 -14.80 17.05
CA VAL D 172 1.06 -16.22 16.93
C VAL D 172 -0.44 -16.37 16.70
N HIS D 173 -0.83 -17.61 16.39
CA HIS D 173 -2.22 -17.93 16.09
C HIS D 173 -3.09 -17.76 17.34
N HIS D 174 -4.17 -17.00 17.21
CA HIS D 174 -5.02 -16.70 18.36
C HIS D 174 -5.63 -17.97 18.95
N GLY D 175 -6.10 -18.88 18.10
CA GLY D 175 -6.70 -20.10 18.59
C GLY D 175 -5.71 -20.98 19.34
N PHE D 176 -4.53 -21.19 18.74
CA PHE D 176 -3.53 -22.04 19.39
C PHE D 176 -3.04 -21.40 20.69
N HIS D 177 -2.90 -20.08 20.70
CA HIS D 177 -2.40 -19.38 21.88
C HIS D 177 -3.43 -19.42 23.01
N ASN D 178 -4.72 -19.35 22.67
CA ASN D 178 -5.75 -19.37 23.70
C ASN D 178 -5.79 -20.72 24.41
N ILE D 179 -5.69 -21.81 23.65
CA ILE D 179 -5.57 -23.13 24.26
C ILE D 179 -4.30 -23.21 25.09
N TYR D 180 -3.25 -22.51 24.67
CA TYR D 180 -1.94 -22.64 25.30
C TYR D 180 -1.86 -21.93 26.65
N THR D 181 -2.55 -20.80 26.82
CA THR D 181 -2.33 -19.93 27.96
C THR D 181 -3.57 -19.63 28.79
N THR D 182 -4.73 -20.22 28.47
CA THR D 182 -5.94 -19.88 29.20
C THR D 182 -5.91 -20.43 30.61
N GLU D 183 -6.21 -19.57 31.58
CA GLU D 183 -6.33 -19.94 32.98
C GLU D 183 -7.80 -19.96 33.39
N ASN D 184 -8.08 -20.65 34.49
CA ASN D 184 -9.41 -20.68 35.07
C ASN D 184 -9.31 -21.01 36.55
N PRO D 185 -9.38 -20.01 37.43
CA PRO D 185 -9.30 -20.29 38.87
C PRO D 185 -10.50 -21.06 39.40
N ARG D 186 -11.64 -20.98 38.71
CA ARG D 186 -12.82 -21.74 39.09
C ARG D 186 -12.77 -23.19 38.62
N SER D 187 -11.78 -23.55 37.81
CA SER D 187 -11.69 -24.90 37.25
C SER D 187 -10.92 -25.83 38.20
N GLN D 188 -11.06 -27.13 37.93
CA GLN D 188 -10.44 -28.15 38.77
C GLN D 188 -9.04 -28.52 38.30
N PHE D 189 -8.76 -28.44 37.00
CA PHE D 189 -7.47 -28.88 36.47
C PHE D 189 -6.75 -27.82 35.65
N ASN D 190 -7.30 -26.61 35.52
CA ASN D 190 -6.64 -25.55 34.77
C ASN D 190 -6.61 -24.25 35.58
N LYS D 191 -6.35 -24.36 36.88
CA LYS D 191 -6.00 -23.17 37.65
C LYS D 191 -4.71 -22.56 37.11
N THR D 192 -3.82 -23.41 36.58
CA THR D 192 -2.68 -22.99 35.79
C THR D 192 -2.90 -23.45 34.36
N CYS D 193 -2.48 -22.64 33.39
CA CYS D 193 -2.67 -22.99 32.00
C CYS D 193 -1.84 -24.23 31.64
N VAL D 194 -2.19 -24.85 30.51
CA VAL D 194 -1.50 -26.06 30.08
C VAL D 194 -0.01 -25.79 29.87
N ARG D 195 0.35 -24.55 29.52
CA ARG D 195 1.74 -24.23 29.25
C ARG D 195 2.59 -24.39 30.50
N ASP D 196 2.16 -23.80 31.62
CA ASP D 196 2.95 -23.86 32.84
C ASP D 196 2.87 -25.21 33.54
N GLN D 197 1.83 -26.00 33.26
CA GLN D 197 1.83 -27.39 33.70
C GLN D 197 2.99 -28.15 33.06
N VAL D 198 3.31 -27.80 31.82
CA VAL D 198 4.42 -28.46 31.13
C VAL D 198 5.76 -27.90 31.61
N MET D 199 5.86 -26.57 31.73
CA MET D 199 7.12 -25.97 32.14
C MET D 199 7.53 -26.38 33.54
N GLU D 200 6.57 -26.41 34.47
CA GLU D 200 6.88 -26.81 35.85
C GLU D 200 7.40 -28.25 35.90
N GLU D 201 6.95 -29.10 34.99
CA GLU D 201 7.43 -30.49 34.98
C GLU D 201 8.77 -30.61 34.27
N VAL D 202 8.99 -29.80 33.22
CA VAL D 202 10.29 -29.79 32.55
C VAL D 202 11.36 -29.27 33.50
N LYS D 203 11.03 -28.25 34.28
CA LYS D 203 12.00 -27.69 35.22
C LYS D 203 12.42 -28.73 36.26
N ARG D 204 11.46 -29.38 36.90
CA ARG D 204 11.80 -30.38 37.91
C ARG D 204 12.52 -31.57 37.31
N LEU D 205 12.26 -31.88 36.03
CA LEU D 205 12.99 -32.97 35.38
C LEU D 205 14.40 -32.54 34.99
N VAL D 206 14.57 -31.29 34.56
CA VAL D 206 15.91 -30.78 34.26
C VAL D 206 16.74 -30.73 35.54
N GLU D 207 16.16 -30.20 36.61
CA GLU D 207 16.88 -30.08 37.87
C GLU D 207 17.18 -31.45 38.47
N GLU D 208 16.33 -32.45 38.22
CA GLU D 208 16.55 -33.78 38.78
C GLU D 208 17.73 -34.47 38.10
N TYR D 209 17.91 -34.28 36.80
CA TYR D 209 18.97 -34.93 36.04
C TYR D 209 20.03 -33.96 35.55
N LYS D 210 20.25 -32.87 36.30
CA LYS D 210 21.17 -31.83 35.86
C LYS D 210 22.60 -32.35 35.75
N ASN D 211 22.98 -33.26 36.63
CA ASN D 211 24.31 -33.86 36.61
C ASN D 211 24.47 -34.91 35.52
N GLU D 212 23.64 -34.88 34.47
CA GLU D 212 23.68 -35.88 33.41
C GLU D 212 23.50 -35.19 32.06
N GLU D 213 23.85 -35.92 31.01
CA GLU D 213 23.58 -35.47 29.65
C GLU D 213 22.09 -35.61 29.37
N VAL D 214 21.41 -34.48 29.18
CA VAL D 214 19.96 -34.43 29.11
C VAL D 214 19.54 -33.68 27.85
N SER D 215 18.53 -34.20 27.17
CA SER D 215 17.91 -33.53 26.03
C SER D 215 16.41 -33.39 26.29
N ILE D 216 15.81 -32.43 25.58
CA ILE D 216 14.38 -32.19 25.63
C ILE D 216 13.85 -32.29 24.21
N THR D 217 12.90 -33.18 23.97
CA THR D 217 12.34 -33.37 22.65
C THR D 217 10.82 -33.33 22.73
N VAL D 218 10.21 -32.55 21.85
CA VAL D 218 8.77 -32.30 21.85
C VAL D 218 8.17 -32.89 20.59
N THR D 219 7.13 -33.70 20.73
CA THR D 219 6.45 -34.30 19.60
C THR D 219 5.03 -33.77 19.50
N GLY D 220 4.48 -33.86 18.30
CA GLY D 220 3.14 -33.39 18.04
C GLY D 220 2.67 -33.64 16.63
N HIS D 221 1.37 -33.78 16.45
CA HIS D 221 0.77 -34.02 15.14
C HIS D 221 -0.46 -33.14 15.00
N SER D 222 -0.65 -32.61 13.79
CA SER D 222 -1.83 -31.80 13.44
C SER D 222 -1.88 -30.60 14.38
N LEU D 223 -2.97 -30.35 15.09
CA LEU D 223 -3.03 -29.23 16.01
C LEU D 223 -2.02 -29.39 17.14
N GLY D 224 -1.75 -30.61 17.57
CA GLY D 224 -0.70 -30.83 18.54
C GLY D 224 0.68 -30.50 18.01
N ALA D 225 0.86 -30.50 16.69
CA ALA D 225 2.15 -30.13 16.12
C ALA D 225 2.41 -28.64 16.28
N SER D 226 1.37 -27.81 16.13
CA SER D 226 1.52 -26.38 16.36
C SER D 226 1.82 -26.10 17.83
N LEU D 227 1.07 -26.75 18.73
CA LEU D 227 1.34 -26.59 20.15
C LEU D 227 2.71 -27.14 20.53
N ALA D 228 3.17 -28.20 19.86
CA ALA D 228 4.50 -28.73 20.11
C ALA D 228 5.57 -27.75 19.64
N THR D 229 5.32 -27.07 18.52
CA THR D 229 6.30 -26.10 18.01
C THR D 229 6.36 -24.86 18.90
N LEU D 230 5.20 -24.29 19.21
CA LEU D 230 5.15 -23.14 20.11
C LEU D 230 5.75 -23.48 21.47
N ASN D 231 5.53 -24.70 21.94
CA ASN D 231 6.08 -25.11 23.23
C ASN D 231 7.60 -25.20 23.18
N ALA D 232 8.15 -25.75 22.08
CA ALA D 232 9.59 -25.90 21.98
C ALA D 232 10.30 -24.55 21.94
N VAL D 233 9.77 -23.60 21.16
CA VAL D 233 10.31 -22.25 21.15
C VAL D 233 10.20 -21.63 22.53
N ASP D 234 9.03 -21.80 23.16
CA ASP D 234 8.81 -21.26 24.50
C ASP D 234 9.85 -21.78 25.49
N ILE D 235 10.22 -23.06 25.36
CA ILE D 235 11.19 -23.65 26.28
C ILE D 235 12.57 -23.03 26.09
N ALA D 236 13.02 -22.92 24.84
CA ALA D 236 14.36 -22.42 24.58
C ALA D 236 14.45 -20.90 24.77
N PHE D 237 13.38 -20.17 24.47
CA PHE D 237 13.43 -18.71 24.57
C PHE D 237 13.49 -18.24 26.02
N ASN D 238 12.87 -18.99 26.93
CA ASN D 238 12.82 -18.60 28.34
C ASN D 238 13.83 -19.36 29.20
N GLY D 239 14.71 -20.15 28.58
CA GLY D 239 15.75 -20.82 29.33
C GLY D 239 15.28 -21.95 30.22
N ILE D 240 14.09 -22.49 29.97
CA ILE D 240 13.57 -23.59 30.77
C ILE D 240 14.43 -24.85 30.59
N ASN D 241 15.27 -24.88 29.56
CA ASN D 241 16.23 -25.96 29.38
C ASN D 241 17.56 -25.68 30.06
N LYS D 242 17.71 -24.54 30.73
CA LYS D 242 18.91 -24.24 31.49
C LYS D 242 18.77 -24.78 32.92
N SER D 243 19.73 -25.60 33.33
CA SER D 243 19.73 -26.12 34.68
C SER D 243 20.31 -25.09 35.65
N SER D 244 20.14 -25.36 36.95
CA SER D 244 20.62 -24.42 37.97
C SER D 244 22.14 -24.30 37.94
N ASN D 245 22.85 -25.35 37.55
CA ASN D 245 24.31 -25.32 37.50
C ASN D 245 24.84 -24.81 36.16
N GLY D 246 24.00 -24.14 35.38
CA GLY D 246 24.46 -23.39 34.22
C GLY D 246 24.48 -24.13 32.90
N LYS D 247 24.13 -25.42 32.88
CA LYS D 247 24.16 -26.19 31.64
C LYS D 247 22.97 -25.83 30.77
N GLU D 248 23.20 -25.73 29.46
CA GLU D 248 22.15 -25.51 28.48
C GLU D 248 21.85 -26.85 27.79
N PHE D 249 20.59 -27.26 27.85
CA PHE D 249 20.27 -28.55 27.26
C PHE D 249 19.56 -28.37 25.92
N PRO D 250 19.83 -29.24 24.95
CA PRO D 250 19.25 -29.06 23.61
C PRO D 250 17.77 -29.41 23.57
N VAL D 251 17.02 -28.59 22.83
CA VAL D 251 15.60 -28.82 22.63
C VAL D 251 15.38 -29.16 21.15
N THR D 252 14.72 -30.29 20.90
CA THR D 252 14.42 -30.78 19.57
C THR D 252 12.92 -31.02 19.48
N ALA D 253 12.36 -30.87 18.28
CA ALA D 253 10.94 -31.12 18.08
C ALA D 253 10.72 -31.83 16.76
N PHE D 254 10.11 -33.02 16.83
CA PHE D 254 9.66 -33.74 15.65
C PHE D 254 8.15 -33.58 15.54
N VAL D 255 7.71 -32.78 14.57
CA VAL D 255 6.30 -32.48 14.38
C VAL D 255 5.83 -33.06 13.05
N PHE D 256 4.54 -33.41 13.00
CA PHE D 256 3.96 -34.09 11.86
C PHE D 256 2.70 -33.38 11.42
N ALA D 257 2.56 -33.15 10.11
CA ALA D 257 1.38 -32.53 9.53
C ALA D 257 1.05 -31.22 10.22
N SER D 258 2.07 -30.39 10.39
CA SER D 258 1.95 -29.20 11.23
C SER D 258 1.36 -28.05 10.44
N PRO D 259 0.29 -27.41 10.94
CA PRO D 259 -0.06 -26.08 10.46
C PRO D 259 0.92 -25.05 11.02
N LYS D 260 0.92 -23.87 10.40
CA LYS D 260 1.84 -22.82 10.79
C LYS D 260 1.38 -22.15 12.08
N VAL D 261 2.35 -21.60 12.82
CA VAL D 261 2.13 -21.13 14.19
C VAL D 261 2.13 -19.61 14.26
N GLY D 262 3.17 -18.96 13.73
CA GLY D 262 3.29 -17.52 13.86
C GLY D 262 3.62 -16.79 12.58
N ASP D 263 3.95 -15.50 12.69
CA ASP D 263 4.27 -14.69 11.51
C ASP D 263 5.77 -14.59 11.31
N LEU D 264 6.22 -13.53 10.63
CA LEU D 264 7.63 -13.38 10.30
C LEU D 264 8.49 -13.23 11.55
N ASN D 265 8.07 -12.36 12.48
CA ASN D 265 8.85 -12.16 13.69
C ASN D 265 8.86 -13.40 14.58
N PHE D 266 7.85 -14.27 14.47
CA PHE D 266 7.93 -15.56 15.14
C PHE D 266 9.02 -16.43 14.52
N HIS D 267 9.17 -16.36 13.19
CA HIS D 267 10.24 -17.11 12.53
C HIS D 267 11.61 -16.59 12.96
N LYS D 268 11.77 -15.27 13.01
CA LYS D 268 13.06 -14.70 13.39
C LYS D 268 13.38 -14.97 14.86
N ALA D 269 12.36 -14.92 15.72
CA ALA D 269 12.57 -15.32 17.11
C ALA D 269 13.04 -16.77 17.19
N PHE D 270 12.51 -17.64 16.32
CA PHE D 270 12.96 -19.01 16.28
C PHE D 270 14.38 -19.12 15.73
N SER D 271 14.74 -18.26 14.78
CA SER D 271 16.05 -18.36 14.14
C SER D 271 17.18 -18.10 15.13
N LYS D 272 17.00 -17.11 16.01
CA LYS D 272 18.07 -16.70 16.91
C LYS D 272 18.29 -17.68 18.06
N LEU D 273 17.46 -18.70 18.18
CA LEU D 273 17.58 -19.70 19.25
C LEU D 273 18.55 -20.78 18.81
N LYS D 274 19.74 -20.78 19.41
CA LYS D 274 20.81 -21.67 18.96
C LYS D 274 20.57 -23.12 19.38
N HIS D 275 19.93 -23.34 20.52
CA HIS D 275 19.78 -24.69 21.06
C HIS D 275 18.48 -25.36 20.65
N LEU D 276 17.74 -24.79 19.71
CA LEU D 276 16.46 -25.34 19.27
C LEU D 276 16.52 -25.77 17.82
N HIS D 277 15.95 -26.94 17.53
CA HIS D 277 15.84 -27.45 16.17
C HIS D 277 14.51 -28.16 16.00
N ILE D 278 13.78 -27.79 14.95
CA ILE D 278 12.49 -28.39 14.62
C ILE D 278 12.62 -29.15 13.31
N LEU D 279 11.97 -30.30 13.23
CA LEU D 279 11.88 -31.09 12.00
C LEU D 279 10.42 -31.35 11.71
N ARG D 280 9.90 -30.73 10.65
CA ARG D 280 8.53 -30.96 10.22
C ARG D 280 8.50 -32.02 9.13
N ILE D 281 7.50 -32.90 9.20
CA ILE D 281 7.26 -33.88 8.16
C ILE D 281 5.94 -33.55 7.49
N HIS D 282 5.94 -33.54 6.16
CA HIS D 282 4.89 -32.95 5.36
C HIS D 282 4.47 -33.94 4.29
N ASN D 283 3.22 -34.40 4.36
CA ASN D 283 2.68 -35.25 3.32
C ASN D 283 2.21 -34.40 2.15
N LEU D 284 2.55 -34.84 0.93
CA LEU D 284 2.39 -34.00 -0.24
C LEU D 284 0.95 -33.55 -0.43
N LEU D 285 0.00 -34.46 -0.27
CA LEU D 285 -1.41 -34.16 -0.53
C LEU D 285 -2.16 -33.69 0.72
N ASP D 286 -1.49 -33.58 1.86
CA ASP D 286 -2.14 -33.11 3.06
C ASP D 286 -2.39 -31.60 2.96
N ILE D 287 -3.65 -31.19 3.12
CA ILE D 287 -4.01 -29.78 3.02
C ILE D 287 -3.81 -29.02 4.33
N VAL D 288 -3.53 -29.72 5.42
CA VAL D 288 -3.40 -29.08 6.73
C VAL D 288 -2.18 -28.18 6.81
N PRO D 289 -0.99 -28.60 6.34
CA PRO D 289 0.17 -27.68 6.38
C PRO D 289 0.00 -26.43 5.53
N LYS D 290 -1.01 -26.38 4.64
CA LYS D 290 -1.33 -25.13 3.94
C LYS D 290 -1.89 -24.08 4.88
N TYR D 291 -2.46 -24.50 6.02
CA TYR D 291 -3.12 -23.59 6.95
C TYR D 291 -2.13 -22.98 7.95
N PRO D 292 -2.27 -21.68 8.23
CA PRO D 292 -3.22 -20.74 7.64
C PRO D 292 -2.79 -20.27 6.25
N PRO D 293 -3.74 -19.79 5.44
CA PRO D 293 -3.42 -19.49 4.03
C PRO D 293 -2.54 -18.27 3.83
N VAL D 294 -2.47 -17.34 4.77
CA VAL D 294 -1.74 -16.10 4.54
C VAL D 294 -1.29 -15.52 5.88
N GLY D 295 -0.10 -14.90 5.87
CA GLY D 295 0.43 -14.21 7.02
C GLY D 295 1.29 -15.04 7.95
N TYR D 296 1.37 -16.36 7.73
CA TYR D 296 2.09 -17.25 8.61
C TYR D 296 3.30 -17.86 7.92
N PHE D 297 4.33 -18.16 8.71
CA PHE D 297 5.60 -18.64 8.20
C PHE D 297 5.98 -19.94 8.91
N ASP D 298 6.61 -20.85 8.17
CA ASP D 298 7.05 -22.11 8.74
C ASP D 298 8.37 -21.92 9.49
N VAL D 299 8.63 -22.86 10.39
CA VAL D 299 9.88 -22.88 11.15
C VAL D 299 10.49 -24.27 11.06
N GLY D 300 11.82 -24.33 11.13
CA GLY D 300 12.53 -25.59 11.17
C GLY D 300 12.72 -26.23 9.81
N GLN D 301 13.37 -27.38 9.84
CA GLN D 301 13.63 -28.17 8.64
C GLN D 301 12.40 -28.98 8.26
N GLU D 302 12.29 -29.30 6.97
CA GLU D 302 11.13 -30.01 6.45
C GLU D 302 11.57 -31.25 5.67
N LEU D 303 10.82 -32.33 5.85
CA LEU D 303 10.97 -33.54 5.04
C LEU D 303 9.63 -33.81 4.34
N MET D 304 9.67 -33.89 3.02
CA MET D 304 8.47 -34.16 2.24
C MET D 304 8.31 -35.66 2.00
N ILE D 305 7.09 -36.14 2.18
CA ILE D 305 6.73 -37.52 1.86
C ILE D 305 5.44 -37.50 1.05
N ASP D 306 5.14 -38.64 0.42
CA ASP D 306 3.93 -38.80 -0.38
C ASP D 306 3.38 -40.19 -0.09
N THR D 307 2.39 -40.26 0.81
CA THR D 307 1.84 -41.56 1.20
C THR D 307 1.12 -42.26 0.06
N THR D 308 0.63 -41.51 -0.93
CA THR D 308 -0.11 -42.11 -2.02
C THR D 308 0.76 -42.98 -2.92
N LYS D 309 2.08 -42.95 -2.76
CA LYS D 309 2.97 -43.84 -3.49
C LYS D 309 3.02 -45.24 -2.90
N SER D 310 2.49 -45.42 -1.70
CA SER D 310 2.47 -46.74 -1.08
C SER D 310 1.49 -47.64 -1.83
N PRO D 311 1.88 -48.88 -2.15
CA PRO D 311 0.93 -49.81 -2.76
C PRO D 311 0.00 -50.47 -1.77
N TYR D 312 0.15 -50.16 -0.48
CA TYR D 312 -0.67 -50.78 0.56
C TYR D 312 -1.98 -50.02 0.76
N VAL D 313 -1.93 -48.69 0.73
CA VAL D 313 -3.12 -47.90 1.00
C VAL D 313 -4.09 -48.02 -0.17
N LYS D 314 -5.40 -47.90 0.12
CA LYS D 314 -6.32 -48.05 -1.00
C LYS D 314 -6.52 -46.70 -1.67
N PRO D 315 -6.37 -46.62 -3.00
CA PRO D 315 -6.48 -45.36 -3.74
C PRO D 315 -7.91 -44.88 -3.92
N PRO D 316 -8.11 -43.56 -4.11
CA PRO D 316 -7.05 -42.55 -4.14
C PRO D 316 -6.88 -41.79 -2.82
N GLY D 317 -7.69 -42.11 -1.81
CA GLY D 317 -7.58 -41.48 -0.53
C GLY D 317 -8.46 -40.25 -0.38
N GLU D 318 -8.29 -39.59 0.76
CA GLU D 318 -9.08 -38.41 1.11
C GLU D 318 -8.24 -37.53 2.03
N VAL D 319 -8.79 -36.37 2.38
CA VAL D 319 -8.01 -35.39 3.14
C VAL D 319 -7.64 -35.93 4.52
N VAL D 320 -8.52 -36.71 5.13
CA VAL D 320 -8.20 -37.25 6.45
C VAL D 320 -7.22 -38.41 6.33
N SER D 321 -7.33 -39.23 5.29
CA SER D 321 -6.37 -40.30 5.07
C SER D 321 -4.97 -39.75 4.85
N TRP D 322 -4.85 -38.64 4.13
CA TRP D 322 -3.57 -38.01 3.86
C TRP D 322 -3.01 -37.27 5.07
N HIS D 323 -3.76 -37.21 6.18
CA HIS D 323 -3.40 -36.38 7.31
C HIS D 323 -3.13 -37.14 8.60
N LEU D 324 -3.64 -38.36 8.76
CA LEU D 324 -3.50 -39.08 10.02
C LEU D 324 -2.06 -39.49 10.27
N LEU D 325 -1.73 -39.69 11.54
CA LEU D 325 -0.33 -39.84 11.94
C LEU D 325 0.23 -41.21 11.55
N GLU D 326 -0.52 -42.28 11.79
CA GLU D 326 -0.02 -43.60 11.42
C GLU D 326 0.21 -43.74 9.92
N PRO D 327 -0.59 -43.16 9.03
CA PRO D 327 -0.17 -43.13 7.61
C PRO D 327 1.10 -42.34 7.38
N TYR D 328 1.31 -41.26 8.13
CA TYR D 328 2.58 -40.54 8.05
C TYR D 328 3.75 -41.46 8.41
N LEU D 329 3.63 -42.19 9.52
CA LEU D 329 4.71 -43.06 9.94
C LEU D 329 4.90 -44.24 9.00
N HIS D 330 3.82 -44.68 8.33
CA HIS D 330 3.96 -45.68 7.28
C HIS D 330 4.58 -45.08 6.03
N GLY D 331 4.29 -43.82 5.73
CA GLY D 331 4.97 -43.15 4.64
C GLY D 331 6.46 -42.97 4.91
N ILE D 332 6.81 -42.57 6.14
CA ILE D 332 8.21 -42.43 6.51
C ILE D 332 8.93 -43.76 6.42
N ALA D 333 8.24 -44.85 6.79
CA ALA D 333 8.86 -46.17 6.78
C ALA D 333 9.22 -46.62 5.37
N GLY D 334 8.58 -46.08 4.34
CA GLY D 334 8.82 -46.56 3.00
C GLY D 334 9.06 -45.49 1.95
N THR D 335 9.25 -44.24 2.38
CA THR D 335 9.45 -43.16 1.42
C THR D 335 10.77 -43.33 0.68
N GLN D 336 10.76 -43.01 -0.61
CA GLN D 336 11.95 -43.01 -1.44
C GLN D 336 12.11 -41.67 -2.13
N GLY D 337 11.62 -40.61 -1.49
CA GLY D 337 11.47 -39.32 -2.14
C GLY D 337 10.07 -39.14 -2.70
N ILE D 338 9.80 -37.92 -3.17
CA ILE D 338 8.50 -37.58 -3.73
C ILE D 338 8.54 -37.42 -5.24
N GLY D 339 9.68 -37.67 -5.88
CA GLY D 339 9.78 -37.52 -7.31
C GLY D 339 8.84 -38.46 -8.05
N MET D 340 8.64 -38.15 -9.34
CA MET D 340 7.66 -38.89 -10.12
C MET D 340 8.03 -40.36 -10.26
N THR D 341 9.32 -40.66 -10.48
CA THR D 341 9.78 -42.03 -10.62
C THR D 341 10.28 -42.63 -9.33
N ALA D 342 10.29 -41.86 -8.24
CA ALA D 342 10.57 -42.44 -6.93
C ALA D 342 9.46 -43.41 -6.55
N GLY D 343 9.84 -44.56 -6.02
CA GLY D 343 8.90 -45.61 -5.69
C GLY D 343 8.49 -45.58 -4.24
N PHE D 344 8.25 -46.77 -3.70
CA PHE D 344 7.90 -46.91 -2.28
C PHE D 344 8.24 -48.34 -1.86
N LYS D 345 9.00 -48.47 -0.78
CA LYS D 345 9.35 -49.79 -0.25
C LYS D 345 9.74 -49.64 1.20
N LEU D 346 9.18 -50.50 2.05
CA LEU D 346 9.46 -50.43 3.49
C LEU D 346 10.93 -50.72 3.76
N GLU D 347 11.62 -49.73 4.31
CA GLU D 347 13.00 -49.91 4.76
C GLU D 347 13.11 -50.37 6.20
N VAL D 348 12.00 -50.33 6.94
CA VAL D 348 11.93 -50.87 8.30
C VAL D 348 10.69 -51.74 8.38
N ASN D 349 10.76 -52.78 9.23
CA ASN D 349 9.67 -53.75 9.33
C ASN D 349 8.58 -53.20 10.26
N ARG D 350 7.89 -52.19 9.76
CA ARG D 350 6.82 -51.54 10.51
C ARG D 350 5.48 -52.12 10.07
N ASP D 351 4.71 -52.61 11.05
CA ASP D 351 3.45 -53.28 10.78
C ASP D 351 2.49 -52.36 10.04
N ILE D 352 2.07 -52.78 8.85
CA ILE D 352 1.13 -51.98 8.06
C ILE D 352 -0.24 -51.90 8.72
N SER D 353 -0.55 -52.79 9.66
CA SER D 353 -1.87 -52.80 10.27
C SER D 353 -2.13 -51.56 11.10
N LEU D 354 -1.07 -50.94 11.63
CA LEU D 354 -1.23 -49.72 12.44
C LEU D 354 -1.94 -48.61 11.67
N VAL D 355 -1.94 -48.68 10.35
CA VAL D 355 -2.56 -47.64 9.53
C VAL D 355 -4.08 -47.62 9.71
N ASN D 356 -4.69 -48.76 10.01
CA ASN D 356 -6.13 -48.85 10.15
C ASN D 356 -6.63 -48.65 11.58
N LYS D 357 -5.80 -48.07 12.45
CA LYS D 357 -6.20 -47.91 13.85
C LYS D 357 -7.34 -46.93 14.02
N GLN D 358 -7.34 -45.84 13.24
CA GLN D 358 -8.33 -44.77 13.40
C GLN D 358 -9.12 -44.50 12.13
N TRP D 359 -8.93 -45.30 11.07
CA TRP D 359 -9.53 -45.02 9.78
C TRP D 359 -9.41 -46.26 8.92
N MET D 360 -10.10 -46.24 7.78
CA MET D 360 -10.01 -47.29 6.77
C MET D 360 -9.11 -46.78 5.65
N ILE D 361 -7.94 -47.39 5.49
CA ILE D 361 -6.95 -46.90 4.54
C ILE D 361 -6.32 -48.05 3.76
N LEU D 362 -6.02 -49.15 4.44
CA LEU D 362 -5.42 -50.29 3.77
C LEU D 362 -6.37 -50.90 2.74
N LYS D 363 -5.79 -51.43 1.67
CA LYS D 363 -6.58 -52.16 0.69
C LYS D 363 -7.22 -53.38 1.34
N ASP D 364 -8.34 -53.82 0.74
CA ASP D 364 -9.09 -54.93 1.31
C ASP D 364 -8.24 -56.19 1.40
N GLU D 365 -7.36 -56.43 0.42
CA GLU D 365 -6.61 -57.67 0.34
C GLU D 365 -5.76 -57.92 1.58
N TYR D 366 -5.41 -56.88 2.33
CA TYR D 366 -4.54 -57.06 3.49
C TYR D 366 -5.28 -57.50 4.74
N CYS D 367 -6.62 -57.53 4.71
CA CYS D 367 -7.44 -58.15 5.75
C CYS D 367 -7.15 -57.56 7.12
N ILE D 368 -7.28 -56.24 7.21
CA ILE D 368 -7.12 -55.51 8.46
C ILE D 368 -8.40 -54.74 8.72
N PRO D 369 -9.04 -54.91 9.88
CA PRO D 369 -10.31 -54.22 10.12
C PRO D 369 -10.10 -52.71 10.17
N PRO D 370 -11.10 -51.93 9.78
CA PRO D 370 -10.97 -50.47 9.86
C PRO D 370 -11.30 -49.95 11.25
N LEU D 371 -10.61 -48.89 11.62
CA LEU D 371 -10.78 -48.22 12.92
C LEU D 371 -10.73 -49.24 14.06
N TRP D 372 -9.73 -50.12 14.02
CA TRP D 372 -9.73 -51.23 14.96
C TRP D 372 -9.22 -50.87 16.34
N TRP D 373 -8.63 -49.70 16.54
CA TRP D 373 -8.20 -49.33 17.88
C TRP D 373 -9.44 -48.98 18.71
N SER D 374 -9.90 -49.95 19.50
CA SER D 374 -11.08 -49.75 20.32
C SER D 374 -11.06 -50.75 21.47
N GLU D 375 -11.59 -50.34 22.61
CA GLU D 375 -11.67 -51.21 23.77
C GLU D 375 -12.74 -52.27 23.57
N LYS D 376 -12.65 -53.33 24.38
CA LYS D 376 -13.64 -54.40 24.35
C LYS D 376 -15.03 -53.84 24.63
N HIS D 377 -15.95 -54.08 23.70
CA HIS D 377 -17.34 -53.61 23.80
C HIS D 377 -17.41 -52.10 23.99
N LYS D 378 -16.38 -51.38 23.51
CA LYS D 378 -16.30 -49.92 23.59
C LYS D 378 -16.44 -49.42 25.02
N GLY D 379 -15.86 -50.16 25.96
CA GLY D 379 -15.89 -49.78 27.36
C GLY D 379 -17.06 -50.32 28.15
N MET D 380 -18.04 -50.94 27.50
CA MET D 380 -19.15 -51.55 28.21
C MET D 380 -18.70 -52.86 28.85
N VAL D 381 -19.06 -53.05 30.12
CA VAL D 381 -18.77 -54.28 30.85
C VAL D 381 -20.05 -54.73 31.54
N GLN D 382 -20.34 -56.03 31.47
CA GLN D 382 -21.57 -56.55 32.04
C GLN D 382 -21.44 -56.66 33.56
N GLN D 383 -22.54 -56.38 34.25
CA GLN D 383 -22.56 -56.32 35.70
C GLN D 383 -23.04 -57.65 36.28
N GLN D 384 -23.02 -57.72 37.61
CA GLN D 384 -23.49 -58.91 38.32
C GLN D 384 -24.90 -59.30 37.89
N ASP D 385 -25.78 -58.30 37.77
CA ASP D 385 -27.19 -58.53 37.51
C ASP D 385 -27.53 -58.60 36.01
N GLY D 386 -26.52 -58.78 35.15
CA GLY D 386 -26.76 -58.92 33.74
C GLY D 386 -26.86 -57.63 32.96
N SER D 387 -26.91 -56.48 33.63
CA SER D 387 -26.92 -55.21 32.91
C SER D 387 -25.51 -54.81 32.52
N TRP D 388 -25.40 -53.72 31.76
CA TRP D 388 -24.12 -53.26 31.24
C TRP D 388 -23.92 -51.79 31.63
N LEU D 389 -22.67 -51.45 31.96
CA LEU D 389 -22.29 -50.09 32.30
C LEU D 389 -21.04 -49.71 31.50
N LEU D 390 -20.94 -48.42 31.19
CA LEU D 390 -19.76 -47.88 30.51
C LEU D 390 -18.68 -47.64 31.56
N GLN D 391 -17.62 -48.45 31.52
CA GLN D 391 -16.50 -48.37 32.44
C GLN D 391 -15.23 -48.46 31.60
N ASP D 392 -14.79 -47.31 31.07
CA ASP D 392 -13.81 -47.28 30.00
C ASP D 392 -12.49 -46.61 30.38
N ARG D 393 -12.30 -46.27 31.65
CA ARG D 393 -11.10 -45.59 32.09
C ARG D 393 -10.46 -46.33 33.25
N ASP D 394 -9.12 -46.39 33.25
CA ASP D 394 -8.41 -46.90 34.41
C ASP D 394 -8.65 -46.00 35.62
N ASP D 395 -8.63 -46.61 36.80
CA ASP D 395 -8.78 -45.86 38.06
C ASP D 395 -7.40 -45.34 38.44
N TYR D 396 -7.15 -44.05 38.21
CA TYR D 396 -5.78 -43.56 38.35
C TYR D 396 -5.60 -42.19 38.99
N GLU D 397 -6.68 -41.47 39.32
CA GLU D 397 -6.59 -40.15 39.94
C GLU D 397 -5.98 -39.11 38.99
N PHE D 398 -6.70 -38.00 38.78
CA PHE D 398 -6.29 -37.01 37.78
C PHE D 398 -5.22 -36.06 38.31
#